data_1RH2
# 
_entry.id   1RH2 
# 
_audit_conform.dict_name       mmcif_pdbx.dic 
_audit_conform.dict_version    5.386 
_audit_conform.dict_location   http://mmcif.pdb.org/dictionaries/ascii/mmcif_pdbx.dic 
# 
loop_
_database_2.database_id 
_database_2.database_code 
_database_2.pdbx_database_accession 
_database_2.pdbx_DOI 
PDB   1RH2         pdb_00001rh2 10.2210/pdb1rh2/pdb 
WWPDB D_1000176081 ?            ?                   
# 
loop_
_pdbx_audit_revision_history.ordinal 
_pdbx_audit_revision_history.data_content_type 
_pdbx_audit_revision_history.major_revision 
_pdbx_audit_revision_history.minor_revision 
_pdbx_audit_revision_history.revision_date 
1 'Structure model' 1 0 1997-11-12 
2 'Structure model' 1 1 2008-03-24 
3 'Structure model' 1 2 2011-07-13 
4 'Structure model' 1 3 2024-02-14 
# 
_pdbx_audit_revision_details.ordinal             1 
_pdbx_audit_revision_details.revision_ordinal    1 
_pdbx_audit_revision_details.data_content_type   'Structure model' 
_pdbx_audit_revision_details.provider            repository 
_pdbx_audit_revision_details.type                'Initial release' 
_pdbx_audit_revision_details.description         ? 
_pdbx_audit_revision_details.details             ? 
# 
loop_
_pdbx_audit_revision_group.ordinal 
_pdbx_audit_revision_group.revision_ordinal 
_pdbx_audit_revision_group.data_content_type 
_pdbx_audit_revision_group.group 
1 2 'Structure model' 'Version format compliance' 
2 3 'Structure model' 'Version format compliance' 
3 4 'Structure model' 'Data collection'           
4 4 'Structure model' 'Database references'       
5 4 'Structure model' Other                       
# 
loop_
_pdbx_audit_revision_category.ordinal 
_pdbx_audit_revision_category.revision_ordinal 
_pdbx_audit_revision_category.data_content_type 
_pdbx_audit_revision_category.category 
1 4 'Structure model' chem_comp_atom       
2 4 'Structure model' chem_comp_bond       
3 4 'Structure model' database_2           
4 4 'Structure model' pdbx_database_status 
5 4 'Structure model' struct_ref_seq_dif   
# 
loop_
_pdbx_audit_revision_item.ordinal 
_pdbx_audit_revision_item.revision_ordinal 
_pdbx_audit_revision_item.data_content_type 
_pdbx_audit_revision_item.item 
1 4 'Structure model' '_database_2.pdbx_DOI'                
2 4 'Structure model' '_database_2.pdbx_database_accession' 
3 4 'Structure model' '_pdbx_database_status.process_site'  
4 4 'Structure model' '_struct_ref_seq_dif.details'         
# 
_pdbx_database_status.status_code                     REL 
_pdbx_database_status.entry_id                        1RH2 
_pdbx_database_status.recvd_initial_deposition_date   1996-11-07 
_pdbx_database_status.deposit_site                    ? 
_pdbx_database_status.process_site                    BNL 
_pdbx_database_status.status_code_sf                  REL 
_pdbx_database_status.status_code_mr                  ? 
_pdbx_database_status.SG_entry                        ? 
_pdbx_database_status.pdb_format_compatible           Y 
_pdbx_database_status.status_code_cs                  ? 
_pdbx_database_status.status_code_nmr_data            ? 
_pdbx_database_status.methods_development_category    ? 
# 
_audit_author.name           'Walter, M.R.' 
_audit_author.pdbx_ordinal   1 
# 
_citation.id                        primary 
_citation.title                     'Zinc mediated dimer of human interferon-alpha 2b revealed by X-ray crystallography.' 
_citation.journal_abbrev            Structure 
_citation.journal_volume            4 
_citation.page_first                1453 
_citation.page_last                 1463 
_citation.year                      1996 
_citation.journal_id_ASTM           STRUE6 
_citation.country                   UK 
_citation.journal_id_ISSN           0969-2126 
_citation.journal_id_CSD            2005 
_citation.book_publisher            ? 
_citation.pdbx_database_id_PubMed   8994971 
_citation.pdbx_database_id_DOI      '10.1016/S0969-2126(96)00152-9' 
# 
loop_
_citation_author.citation_id 
_citation_author.name 
_citation_author.ordinal 
_citation_author.identifier_ORCID 
primary 'Radhakrishnan, R.' 1 ? 
primary 'Walter, L.J.'      2 ? 
primary 'Hruza, A.'         3 ? 
primary 'Reichert, P.'      4 ? 
primary 'Trotta, P.P.'      5 ? 
primary 'Nagabhushan, T.L.' 6 ? 
primary 'Walter, M.R.'      7 ? 
# 
loop_
_entity.id 
_entity.type 
_entity.src_method 
_entity.pdbx_description 
_entity.formula_weight 
_entity.pdbx_number_of_molecules 
_entity.pdbx_ec 
_entity.pdbx_mutation 
_entity.pdbx_fragment 
_entity.details 
1 polymer     man 'INTERFERON-ALPHA 2B' 19277.033 6 ? ? ? ? 
2 non-polymer syn 'ZINC ION'            65.409    4 ? ? ? ? 
# 
_entity_poly.entity_id                      1 
_entity_poly.type                           'polypeptide(L)' 
_entity_poly.nstd_linkage                   no 
_entity_poly.nstd_monomer                   no 
_entity_poly.pdbx_seq_one_letter_code       
;CDLPQTHSLGSRRTLMLLAQMRRISLFSCLKDRHDFGFPQEEFGNQFQKAETIPVLHEMIQQIFNLFSTKDSSAAWDETL
LDKFYTELYQQLNDLEACVIQGVGVTETPLMNEDSILAVRKYFQRITLYLKEKKYSPCAWEVVRAEIMRSFSLSTNLQES
LRSKE
;
_entity_poly.pdbx_seq_one_letter_code_can   
;CDLPQTHSLGSRRTLMLLAQMRRISLFSCLKDRHDFGFPQEEFGNQFQKAETIPVLHEMIQQIFNLFSTKDSSAAWDETL
LDKFYTELYQQLNDLEACVIQGVGVTETPLMNEDSILAVRKYFQRITLYLKEKKYSPCAWEVVRAEIMRSFSLSTNLQES
LRSKE
;
_entity_poly.pdbx_strand_id                 A,B,C,D,E,F 
_entity_poly.pdbx_target_identifier         ? 
# 
_pdbx_entity_nonpoly.entity_id   2 
_pdbx_entity_nonpoly.name        'ZINC ION' 
_pdbx_entity_nonpoly.comp_id     ZN 
# 
loop_
_entity_poly_seq.entity_id 
_entity_poly_seq.num 
_entity_poly_seq.mon_id 
_entity_poly_seq.hetero 
1 1   CYS n 
1 2   ASP n 
1 3   LEU n 
1 4   PRO n 
1 5   GLN n 
1 6   THR n 
1 7   HIS n 
1 8   SER n 
1 9   LEU n 
1 10  GLY n 
1 11  SER n 
1 12  ARG n 
1 13  ARG n 
1 14  THR n 
1 15  LEU n 
1 16  MET n 
1 17  LEU n 
1 18  LEU n 
1 19  ALA n 
1 20  GLN n 
1 21  MET n 
1 22  ARG n 
1 23  ARG n 
1 24  ILE n 
1 25  SER n 
1 26  LEU n 
1 27  PHE n 
1 28  SER n 
1 29  CYS n 
1 30  LEU n 
1 31  LYS n 
1 32  ASP n 
1 33  ARG n 
1 34  HIS n 
1 35  ASP n 
1 36  PHE n 
1 37  GLY n 
1 38  PHE n 
1 39  PRO n 
1 40  GLN n 
1 41  GLU n 
1 42  GLU n 
1 43  PHE n 
1 44  GLY n 
1 45  ASN n 
1 46  GLN n 
1 47  PHE n 
1 48  GLN n 
1 49  LYS n 
1 50  ALA n 
1 51  GLU n 
1 52  THR n 
1 53  ILE n 
1 54  PRO n 
1 55  VAL n 
1 56  LEU n 
1 57  HIS n 
1 58  GLU n 
1 59  MET n 
1 60  ILE n 
1 61  GLN n 
1 62  GLN n 
1 63  ILE n 
1 64  PHE n 
1 65  ASN n 
1 66  LEU n 
1 67  PHE n 
1 68  SER n 
1 69  THR n 
1 70  LYS n 
1 71  ASP n 
1 72  SER n 
1 73  SER n 
1 74  ALA n 
1 75  ALA n 
1 76  TRP n 
1 77  ASP n 
1 78  GLU n 
1 79  THR n 
1 80  LEU n 
1 81  LEU n 
1 82  ASP n 
1 83  LYS n 
1 84  PHE n 
1 85  TYR n 
1 86  THR n 
1 87  GLU n 
1 88  LEU n 
1 89  TYR n 
1 90  GLN n 
1 91  GLN n 
1 92  LEU n 
1 93  ASN n 
1 94  ASP n 
1 95  LEU n 
1 96  GLU n 
1 97  ALA n 
1 98  CYS n 
1 99  VAL n 
1 100 ILE n 
1 101 GLN n 
1 102 GLY n 
1 103 VAL n 
1 104 GLY n 
1 105 VAL n 
1 106 THR n 
1 107 GLU n 
1 108 THR n 
1 109 PRO n 
1 110 LEU n 
1 111 MET n 
1 112 ASN n 
1 113 GLU n 
1 114 ASP n 
1 115 SER n 
1 116 ILE n 
1 117 LEU n 
1 118 ALA n 
1 119 VAL n 
1 120 ARG n 
1 121 LYS n 
1 122 TYR n 
1 123 PHE n 
1 124 GLN n 
1 125 ARG n 
1 126 ILE n 
1 127 THR n 
1 128 LEU n 
1 129 TYR n 
1 130 LEU n 
1 131 LYS n 
1 132 GLU n 
1 133 LYS n 
1 134 LYS n 
1 135 TYR n 
1 136 SER n 
1 137 PRO n 
1 138 CYS n 
1 139 ALA n 
1 140 TRP n 
1 141 GLU n 
1 142 VAL n 
1 143 VAL n 
1 144 ARG n 
1 145 ALA n 
1 146 GLU n 
1 147 ILE n 
1 148 MET n 
1 149 ARG n 
1 150 SER n 
1 151 PHE n 
1 152 SER n 
1 153 LEU n 
1 154 SER n 
1 155 THR n 
1 156 ASN n 
1 157 LEU n 
1 158 GLN n 
1 159 GLU n 
1 160 SER n 
1 161 LEU n 
1 162 ARG n 
1 163 SER n 
1 164 LYS n 
1 165 GLU n 
# 
_entity_src_gen.entity_id                          1 
_entity_src_gen.pdbx_src_id                        1 
_entity_src_gen.pdbx_alt_source_flag               sample 
_entity_src_gen.pdbx_seq_type                      ? 
_entity_src_gen.pdbx_beg_seq_num                   ? 
_entity_src_gen.pdbx_end_seq_num                   ? 
_entity_src_gen.gene_src_common_name               human 
_entity_src_gen.gene_src_genus                     Homo 
_entity_src_gen.pdbx_gene_src_gene                 ? 
_entity_src_gen.gene_src_species                   ? 
_entity_src_gen.gene_src_strain                    ? 
_entity_src_gen.gene_src_tissue                    ? 
_entity_src_gen.gene_src_tissue_fraction           ? 
_entity_src_gen.gene_src_details                   ? 
_entity_src_gen.pdbx_gene_src_fragment             ? 
_entity_src_gen.pdbx_gene_src_scientific_name      'Homo sapiens' 
_entity_src_gen.pdbx_gene_src_ncbi_taxonomy_id     9606 
_entity_src_gen.pdbx_gene_src_variant              ? 
_entity_src_gen.pdbx_gene_src_cell_line            ? 
_entity_src_gen.pdbx_gene_src_atcc                 ? 
_entity_src_gen.pdbx_gene_src_organ                ? 
_entity_src_gen.pdbx_gene_src_organelle            ? 
_entity_src_gen.pdbx_gene_src_cell                 ? 
_entity_src_gen.pdbx_gene_src_cellular_location    ? 
_entity_src_gen.host_org_common_name               ? 
_entity_src_gen.pdbx_host_org_scientific_name      'Escherichia coli' 
_entity_src_gen.pdbx_host_org_ncbi_taxonomy_id     562 
_entity_src_gen.host_org_genus                     Escherichia 
_entity_src_gen.pdbx_host_org_gene                 ? 
_entity_src_gen.pdbx_host_org_organ                ? 
_entity_src_gen.host_org_species                   ? 
_entity_src_gen.pdbx_host_org_tissue               ? 
_entity_src_gen.pdbx_host_org_tissue_fraction      ? 
_entity_src_gen.pdbx_host_org_strain               ? 
_entity_src_gen.pdbx_host_org_variant              ? 
_entity_src_gen.pdbx_host_org_cell_line            ? 
_entity_src_gen.pdbx_host_org_atcc                 ? 
_entity_src_gen.pdbx_host_org_culture_collection   ? 
_entity_src_gen.pdbx_host_org_cell                 ? 
_entity_src_gen.pdbx_host_org_organelle            ? 
_entity_src_gen.pdbx_host_org_cellular_location    ? 
_entity_src_gen.pdbx_host_org_vector_type          ? 
_entity_src_gen.pdbx_host_org_vector               ? 
_entity_src_gen.host_org_details                   ? 
_entity_src_gen.expression_system_id               ? 
_entity_src_gen.plasmid_name                       ? 
_entity_src_gen.plasmid_details                    ? 
_entity_src_gen.pdbx_description                   ? 
# 
loop_
_chem_comp.id 
_chem_comp.type 
_chem_comp.mon_nstd_flag 
_chem_comp.name 
_chem_comp.pdbx_synonyms 
_chem_comp.formula 
_chem_comp.formula_weight 
ALA 'L-peptide linking' y ALANINE         ? 'C3 H7 N O2'     89.093  
ARG 'L-peptide linking' y ARGININE        ? 'C6 H15 N4 O2 1' 175.209 
ASN 'L-peptide linking' y ASPARAGINE      ? 'C4 H8 N2 O3'    132.118 
ASP 'L-peptide linking' y 'ASPARTIC ACID' ? 'C4 H7 N O4'     133.103 
CYS 'L-peptide linking' y CYSTEINE        ? 'C3 H7 N O2 S'   121.158 
GLN 'L-peptide linking' y GLUTAMINE       ? 'C5 H10 N2 O3'   146.144 
GLU 'L-peptide linking' y 'GLUTAMIC ACID' ? 'C5 H9 N O4'     147.129 
GLY 'peptide linking'   y GLYCINE         ? 'C2 H5 N O2'     75.067  
HIS 'L-peptide linking' y HISTIDINE       ? 'C6 H10 N3 O2 1' 156.162 
ILE 'L-peptide linking' y ISOLEUCINE      ? 'C6 H13 N O2'    131.173 
LEU 'L-peptide linking' y LEUCINE         ? 'C6 H13 N O2'    131.173 
LYS 'L-peptide linking' y LYSINE          ? 'C6 H15 N2 O2 1' 147.195 
MET 'L-peptide linking' y METHIONINE      ? 'C5 H11 N O2 S'  149.211 
PHE 'L-peptide linking' y PHENYLALANINE   ? 'C9 H11 N O2'    165.189 
PRO 'L-peptide linking' y PROLINE         ? 'C5 H9 N O2'     115.130 
SER 'L-peptide linking' y SERINE          ? 'C3 H7 N O3'     105.093 
THR 'L-peptide linking' y THREONINE       ? 'C4 H9 N O3'     119.119 
TRP 'L-peptide linking' y TRYPTOPHAN      ? 'C11 H12 N2 O2'  204.225 
TYR 'L-peptide linking' y TYROSINE        ? 'C9 H11 N O3'    181.189 
VAL 'L-peptide linking' y VALINE          ? 'C5 H11 N O2'    117.146 
ZN  non-polymer         . 'ZINC ION'      ? 'Zn 2'           65.409  
# 
loop_
_pdbx_poly_seq_scheme.asym_id 
_pdbx_poly_seq_scheme.entity_id 
_pdbx_poly_seq_scheme.seq_id 
_pdbx_poly_seq_scheme.mon_id 
_pdbx_poly_seq_scheme.ndb_seq_num 
_pdbx_poly_seq_scheme.pdb_seq_num 
_pdbx_poly_seq_scheme.auth_seq_num 
_pdbx_poly_seq_scheme.pdb_mon_id 
_pdbx_poly_seq_scheme.auth_mon_id 
_pdbx_poly_seq_scheme.pdb_strand_id 
_pdbx_poly_seq_scheme.pdb_ins_code 
_pdbx_poly_seq_scheme.hetero 
A 1 1   CYS 1   1   ?   ?   ?   A . n 
A 1 2   ASP 2   2   ?   ?   ?   A . n 
A 1 3   LEU 3   3   ?   ?   ?   A . n 
A 1 4   PRO 4   4   ?   ?   ?   A . n 
A 1 5   GLN 5   5   ?   ?   ?   A . n 
A 1 6   THR 6   6   6   THR THR A . n 
A 1 7   HIS 7   7   7   HIS HIS A . n 
A 1 8   SER 8   8   8   SER SER A . n 
A 1 9   LEU 9   9   9   LEU LEU A . n 
A 1 10  GLY 10  10  10  GLY GLY A . n 
A 1 11  SER 11  11  11  SER SER A . n 
A 1 12  ARG 12  12  12  ARG ARG A . n 
A 1 13  ARG 13  13  13  ARG ARG A . n 
A 1 14  THR 14  14  14  THR THR A . n 
A 1 15  LEU 15  15  15  LEU LEU A . n 
A 1 16  MET 16  16  16  MET MET A . n 
A 1 17  LEU 17  17  17  LEU LEU A . n 
A 1 18  LEU 18  18  18  LEU LEU A . n 
A 1 19  ALA 19  19  19  ALA ALA A . n 
A 1 20  GLN 20  20  20  GLN GLN A . n 
A 1 21  MET 21  21  21  MET MET A . n 
A 1 22  ARG 22  22  22  ARG ARG A . n 
A 1 23  ARG 23  23  23  ARG ARG A . n 
A 1 24  ILE 24  24  24  ILE ILE A . n 
A 1 25  SER 25  25  25  SER SER A . n 
A 1 26  LEU 26  26  26  LEU LEU A . n 
A 1 27  PHE 27  27  27  PHE PHE A . n 
A 1 28  SER 28  28  28  SER SER A . n 
A 1 29  CYS 29  29  29  CYS CYS A . n 
A 1 30  LEU 30  30  30  LEU LEU A . n 
A 1 31  LYS 31  31  31  LYS LYS A . n 
A 1 32  ASP 32  32  32  ASP ASP A . n 
A 1 33  ARG 33  33  33  ARG ARG A . n 
A 1 34  HIS 34  34  34  HIS HIS A . n 
A 1 35  ASP 35  35  35  ASP ASP A . n 
A 1 36  PHE 36  36  36  PHE PHE A . n 
A 1 37  GLY 37  37  37  GLY GLY A . n 
A 1 38  PHE 38  38  38  PHE PHE A . n 
A 1 39  PRO 39  39  39  PRO PRO A . n 
A 1 40  GLN 40  40  40  GLN GLN A . n 
A 1 41  GLU 41  41  41  GLU GLU A . n 
A 1 42  GLU 42  42  42  GLU GLU A . n 
A 1 43  PHE 43  43  43  PHE PHE A . n 
A 1 44  GLY 44  44  44  GLY GLY A . n 
A 1 45  ASN 45  45  45  ASN ASN A . n 
A 1 46  GLN 46  46  46  GLN GLN A . n 
A 1 47  PHE 47  47  47  PHE PHE A . n 
A 1 48  GLN 48  48  48  GLN GLN A . n 
A 1 49  LYS 49  49  49  LYS LYS A . n 
A 1 50  ALA 50  50  50  ALA ALA A . n 
A 1 51  GLU 51  51  51  GLU GLU A . n 
A 1 52  THR 52  52  52  THR THR A . n 
A 1 53  ILE 53  53  53  ILE ILE A . n 
A 1 54  PRO 54  54  54  PRO PRO A . n 
A 1 55  VAL 55  55  55  VAL VAL A . n 
A 1 56  LEU 56  56  56  LEU LEU A . n 
A 1 57  HIS 57  57  57  HIS HIS A . n 
A 1 58  GLU 58  58  58  GLU GLU A . n 
A 1 59  MET 59  59  59  MET MET A . n 
A 1 60  ILE 60  60  60  ILE ILE A . n 
A 1 61  GLN 61  61  61  GLN GLN A . n 
A 1 62  GLN 62  62  62  GLN GLN A . n 
A 1 63  ILE 63  63  63  ILE ILE A . n 
A 1 64  PHE 64  64  64  PHE PHE A . n 
A 1 65  ASN 65  65  65  ASN ASN A . n 
A 1 66  LEU 66  66  66  LEU LEU A . n 
A 1 67  PHE 67  67  67  PHE PHE A . n 
A 1 68  SER 68  68  68  SER SER A . n 
A 1 69  THR 69  69  69  THR THR A . n 
A 1 70  LYS 70  70  70  LYS LYS A . n 
A 1 71  ASP 71  71  71  ASP ASP A . n 
A 1 72  SER 72  72  72  SER SER A . n 
A 1 73  SER 73  73  73  SER SER A . n 
A 1 74  ALA 74  74  74  ALA ALA A . n 
A 1 75  ALA 75  75  75  ALA ALA A . n 
A 1 76  TRP 76  76  76  TRP TRP A . n 
A 1 77  ASP 77  77  77  ASP ASP A . n 
A 1 78  GLU 78  78  78  GLU GLU A . n 
A 1 79  THR 79  79  79  THR THR A . n 
A 1 80  LEU 80  80  80  LEU LEU A . n 
A 1 81  LEU 81  81  81  LEU LEU A . n 
A 1 82  ASP 82  82  82  ASP ASP A . n 
A 1 83  LYS 83  83  83  LYS LYS A . n 
A 1 84  PHE 84  84  84  PHE PHE A . n 
A 1 85  TYR 85  85  85  TYR TYR A . n 
A 1 86  THR 86  86  86  THR THR A . n 
A 1 87  GLU 87  87  87  GLU GLU A . n 
A 1 88  LEU 88  88  88  LEU LEU A . n 
A 1 89  TYR 89  89  89  TYR TYR A . n 
A 1 90  GLN 90  90  90  GLN GLN A . n 
A 1 91  GLN 91  91  91  GLN GLN A . n 
A 1 92  LEU 92  92  92  LEU LEU A . n 
A 1 93  ASN 93  93  93  ASN ASN A . n 
A 1 94  ASP 94  94  94  ASP ASP A . n 
A 1 95  LEU 95  95  95  LEU LEU A . n 
A 1 96  GLU 96  96  96  GLU GLU A . n 
A 1 97  ALA 97  97  97  ALA ALA A . n 
A 1 98  CYS 98  98  98  CYS CYS A . n 
A 1 99  VAL 99  99  99  VAL VAL A . n 
A 1 100 ILE 100 100 100 ILE ILE A . n 
A 1 101 GLN 101 101 101 GLN GLN A . n 
A 1 102 GLY 102 102 102 GLY GLY A . n 
A 1 103 VAL 103 103 ?   ?   ?   A . n 
A 1 104 GLY 104 104 ?   ?   ?   A . n 
A 1 105 VAL 105 105 ?   ?   ?   A . n 
A 1 106 THR 106 106 ?   ?   ?   A . n 
A 1 107 GLU 107 107 ?   ?   ?   A . n 
A 1 108 THR 108 108 ?   ?   ?   A . n 
A 1 109 PRO 109 109 ?   ?   ?   A . n 
A 1 110 LEU 110 110 ?   ?   ?   A . n 
A 1 111 MET 111 111 ?   ?   ?   A . n 
A 1 112 ASN 112 112 112 ASN ASN A . n 
A 1 113 GLU 113 113 113 GLU GLU A . n 
A 1 114 ASP 114 114 114 ASP ASP A . n 
A 1 115 SER 115 115 115 SER SER A . n 
A 1 116 ILE 116 116 116 ILE ILE A . n 
A 1 117 LEU 117 117 117 LEU LEU A . n 
A 1 118 ALA 118 118 118 ALA ALA A . n 
A 1 119 VAL 119 119 119 VAL VAL A . n 
A 1 120 ARG 120 120 120 ARG ARG A . n 
A 1 121 LYS 121 121 121 LYS LYS A . n 
A 1 122 TYR 122 122 122 TYR TYR A . n 
A 1 123 PHE 123 123 123 PHE PHE A . n 
A 1 124 GLN 124 124 124 GLN GLN A . n 
A 1 125 ARG 125 125 125 ARG ARG A . n 
A 1 126 ILE 126 126 126 ILE ILE A . n 
A 1 127 THR 127 127 127 THR THR A . n 
A 1 128 LEU 128 128 128 LEU LEU A . n 
A 1 129 TYR 129 129 129 TYR TYR A . n 
A 1 130 LEU 130 130 130 LEU LEU A . n 
A 1 131 LYS 131 131 131 LYS LYS A . n 
A 1 132 GLU 132 132 132 GLU GLU A . n 
A 1 133 LYS 133 133 133 LYS LYS A . n 
A 1 134 LYS 134 134 134 LYS LYS A . n 
A 1 135 TYR 135 135 135 TYR TYR A . n 
A 1 136 SER 136 136 136 SER SER A . n 
A 1 137 PRO 137 137 137 PRO PRO A . n 
A 1 138 CYS 138 138 138 CYS CYS A . n 
A 1 139 ALA 139 139 139 ALA ALA A . n 
A 1 140 TRP 140 140 140 TRP TRP A . n 
A 1 141 GLU 141 141 141 GLU GLU A . n 
A 1 142 VAL 142 142 142 VAL VAL A . n 
A 1 143 VAL 143 143 143 VAL VAL A . n 
A 1 144 ARG 144 144 144 ARG ARG A . n 
A 1 145 ALA 145 145 145 ALA ALA A . n 
A 1 146 GLU 146 146 146 GLU GLU A . n 
A 1 147 ILE 147 147 147 ILE ILE A . n 
A 1 148 MET 148 148 148 MET MET A . n 
A 1 149 ARG 149 149 149 ARG ARG A . n 
A 1 150 SER 150 150 150 SER SER A . n 
A 1 151 PHE 151 151 151 PHE PHE A . n 
A 1 152 SER 152 152 152 SER SER A . n 
A 1 153 LEU 153 153 153 LEU LEU A . n 
A 1 154 SER 154 154 154 SER SER A . n 
A 1 155 THR 155 155 155 THR THR A . n 
A 1 156 ASN 156 156 156 ASN ASN A . n 
A 1 157 LEU 157 157 157 LEU LEU A . n 
A 1 158 GLN 158 158 158 GLN GLN A . n 
A 1 159 GLU 159 159 159 GLU GLU A . n 
A 1 160 SER 160 160 ?   ?   ?   A . n 
A 1 161 LEU 161 161 ?   ?   ?   A . n 
A 1 162 ARG 162 162 ?   ?   ?   A . n 
A 1 163 SER 163 163 ?   ?   ?   A . n 
A 1 164 LYS 164 164 ?   ?   ?   A . n 
A 1 165 GLU 165 165 ?   ?   ?   A . n 
B 1 1   CYS 1   1   ?   ?   ?   B . n 
B 1 2   ASP 2   2   ?   ?   ?   B . n 
B 1 3   LEU 3   3   ?   ?   ?   B . n 
B 1 4   PRO 4   4   ?   ?   ?   B . n 
B 1 5   GLN 5   5   ?   ?   ?   B . n 
B 1 6   THR 6   6   ?   ?   ?   B . n 
B 1 7   HIS 7   7   ?   ?   ?   B . n 
B 1 8   SER 8   8   8   SER SER B . n 
B 1 9   LEU 9   9   9   LEU LEU B . n 
B 1 10  GLY 10  10  10  GLY GLY B . n 
B 1 11  SER 11  11  11  SER SER B . n 
B 1 12  ARG 12  12  12  ARG ARG B . n 
B 1 13  ARG 13  13  13  ARG ARG B . n 
B 1 14  THR 14  14  14  THR THR B . n 
B 1 15  LEU 15  15  15  LEU LEU B . n 
B 1 16  MET 16  16  16  MET MET B . n 
B 1 17  LEU 17  17  17  LEU LEU B . n 
B 1 18  LEU 18  18  18  LEU LEU B . n 
B 1 19  ALA 19  19  19  ALA ALA B . n 
B 1 20  GLN 20  20  20  GLN GLN B . n 
B 1 21  MET 21  21  21  MET MET B . n 
B 1 22  ARG 22  22  22  ARG ARG B . n 
B 1 23  ARG 23  23  23  ARG ARG B . n 
B 1 24  ILE 24  24  24  ILE ILE B . n 
B 1 25  SER 25  25  25  SER SER B . n 
B 1 26  LEU 26  26  26  LEU LEU B . n 
B 1 27  PHE 27  27  27  PHE PHE B . n 
B 1 28  SER 28  28  28  SER SER B . n 
B 1 29  CYS 29  29  29  CYS CYS B . n 
B 1 30  LEU 30  30  30  LEU LEU B . n 
B 1 31  LYS 31  31  31  LYS LYS B . n 
B 1 32  ASP 32  32  32  ASP ASP B . n 
B 1 33  ARG 33  33  33  ARG ARG B . n 
B 1 34  HIS 34  34  34  HIS HIS B . n 
B 1 35  ASP 35  35  35  ASP ASP B . n 
B 1 36  PHE 36  36  36  PHE PHE B . n 
B 1 37  GLY 37  37  37  GLY GLY B . n 
B 1 38  PHE 38  38  38  PHE PHE B . n 
B 1 39  PRO 39  39  39  PRO PRO B . n 
B 1 40  GLN 40  40  40  GLN GLN B . n 
B 1 41  GLU 41  41  41  GLU GLU B . n 
B 1 42  GLU 42  42  42  GLU GLU B . n 
B 1 43  PHE 43  43  43  PHE PHE B . n 
B 1 44  GLY 44  44  44  GLY GLY B . n 
B 1 45  ASN 45  45  ?   ?   ?   B . n 
B 1 46  GLN 46  46  ?   ?   ?   B . n 
B 1 47  PHE 47  47  ?   ?   ?   B . n 
B 1 48  GLN 48  48  ?   ?   ?   B . n 
B 1 49  LYS 49  49  ?   ?   ?   B . n 
B 1 50  ALA 50  50  50  ALA ALA B . n 
B 1 51  GLU 51  51  51  GLU GLU B . n 
B 1 52  THR 52  52  52  THR THR B . n 
B 1 53  ILE 53  53  53  ILE ILE B . n 
B 1 54  PRO 54  54  54  PRO PRO B . n 
B 1 55  VAL 55  55  55  VAL VAL B . n 
B 1 56  LEU 56  56  56  LEU LEU B . n 
B 1 57  HIS 57  57  57  HIS HIS B . n 
B 1 58  GLU 58  58  58  GLU GLU B . n 
B 1 59  MET 59  59  59  MET MET B . n 
B 1 60  ILE 60  60  60  ILE ILE B . n 
B 1 61  GLN 61  61  61  GLN GLN B . n 
B 1 62  GLN 62  62  62  GLN GLN B . n 
B 1 63  ILE 63  63  63  ILE ILE B . n 
B 1 64  PHE 64  64  64  PHE PHE B . n 
B 1 65  ASN 65  65  65  ASN ASN B . n 
B 1 66  LEU 66  66  66  LEU LEU B . n 
B 1 67  PHE 67  67  67  PHE PHE B . n 
B 1 68  SER 68  68  68  SER SER B . n 
B 1 69  THR 69  69  69  THR THR B . n 
B 1 70  LYS 70  70  70  LYS LYS B . n 
B 1 71  ASP 71  71  71  ASP ASP B . n 
B 1 72  SER 72  72  72  SER SER B . n 
B 1 73  SER 73  73  73  SER SER B . n 
B 1 74  ALA 74  74  74  ALA ALA B . n 
B 1 75  ALA 75  75  75  ALA ALA B . n 
B 1 76  TRP 76  76  76  TRP TRP B . n 
B 1 77  ASP 77  77  77  ASP ASP B . n 
B 1 78  GLU 78  78  78  GLU GLU B . n 
B 1 79  THR 79  79  79  THR THR B . n 
B 1 80  LEU 80  80  80  LEU LEU B . n 
B 1 81  LEU 81  81  81  LEU LEU B . n 
B 1 82  ASP 82  82  82  ASP ASP B . n 
B 1 83  LYS 83  83  83  LYS LYS B . n 
B 1 84  PHE 84  84  84  PHE PHE B . n 
B 1 85  TYR 85  85  85  TYR TYR B . n 
B 1 86  THR 86  86  86  THR THR B . n 
B 1 87  GLU 87  87  87  GLU GLU B . n 
B 1 88  LEU 88  88  88  LEU LEU B . n 
B 1 89  TYR 89  89  89  TYR TYR B . n 
B 1 90  GLN 90  90  90  GLN GLN B . n 
B 1 91  GLN 91  91  91  GLN GLN B . n 
B 1 92  LEU 92  92  92  LEU LEU B . n 
B 1 93  ASN 93  93  93  ASN ASN B . n 
B 1 94  ASP 94  94  94  ASP ASP B . n 
B 1 95  LEU 95  95  95  LEU LEU B . n 
B 1 96  GLU 96  96  96  GLU GLU B . n 
B 1 97  ALA 97  97  97  ALA ALA B . n 
B 1 98  CYS 98  98  98  CYS CYS B . n 
B 1 99  VAL 99  99  99  VAL VAL B . n 
B 1 100 ILE 100 100 100 ILE ILE B . n 
B 1 101 GLN 101 101 101 GLN GLN B . n 
B 1 102 GLY 102 102 102 GLY GLY B . n 
B 1 103 VAL 103 103 ?   ?   ?   B . n 
B 1 104 GLY 104 104 ?   ?   ?   B . n 
B 1 105 VAL 105 105 ?   ?   ?   B . n 
B 1 106 THR 106 106 ?   ?   ?   B . n 
B 1 107 GLU 107 107 ?   ?   ?   B . n 
B 1 108 THR 108 108 ?   ?   ?   B . n 
B 1 109 PRO 109 109 ?   ?   ?   B . n 
B 1 110 LEU 110 110 ?   ?   ?   B . n 
B 1 111 MET 111 111 ?   ?   ?   B . n 
B 1 112 ASN 112 112 112 ASN ASN B . n 
B 1 113 GLU 113 113 113 GLU GLU B . n 
B 1 114 ASP 114 114 114 ASP ASP B . n 
B 1 115 SER 115 115 115 SER SER B . n 
B 1 116 ILE 116 116 116 ILE ILE B . n 
B 1 117 LEU 117 117 117 LEU LEU B . n 
B 1 118 ALA 118 118 118 ALA ALA B . n 
B 1 119 VAL 119 119 119 VAL VAL B . n 
B 1 120 ARG 120 120 120 ARG ARG B . n 
B 1 121 LYS 121 121 121 LYS LYS B . n 
B 1 122 TYR 122 122 122 TYR TYR B . n 
B 1 123 PHE 123 123 123 PHE PHE B . n 
B 1 124 GLN 124 124 124 GLN GLN B . n 
B 1 125 ARG 125 125 125 ARG ARG B . n 
B 1 126 ILE 126 126 126 ILE ILE B . n 
B 1 127 THR 127 127 127 THR THR B . n 
B 1 128 LEU 128 128 128 LEU LEU B . n 
B 1 129 TYR 129 129 129 TYR TYR B . n 
B 1 130 LEU 130 130 130 LEU LEU B . n 
B 1 131 LYS 131 131 131 LYS LYS B . n 
B 1 132 GLU 132 132 132 GLU GLU B . n 
B 1 133 LYS 133 133 133 LYS LYS B . n 
B 1 134 LYS 134 134 134 LYS LYS B . n 
B 1 135 TYR 135 135 135 TYR TYR B . n 
B 1 136 SER 136 136 136 SER SER B . n 
B 1 137 PRO 137 137 137 PRO PRO B . n 
B 1 138 CYS 138 138 138 CYS CYS B . n 
B 1 139 ALA 139 139 139 ALA ALA B . n 
B 1 140 TRP 140 140 140 TRP TRP B . n 
B 1 141 GLU 141 141 141 GLU GLU B . n 
B 1 142 VAL 142 142 142 VAL VAL B . n 
B 1 143 VAL 143 143 143 VAL VAL B . n 
B 1 144 ARG 144 144 144 ARG ARG B . n 
B 1 145 ALA 145 145 145 ALA ALA B . n 
B 1 146 GLU 146 146 146 GLU GLU B . n 
B 1 147 ILE 147 147 147 ILE ILE B . n 
B 1 148 MET 148 148 148 MET MET B . n 
B 1 149 ARG 149 149 149 ARG ARG B . n 
B 1 150 SER 150 150 150 SER SER B . n 
B 1 151 PHE 151 151 151 PHE PHE B . n 
B 1 152 SER 152 152 152 SER SER B . n 
B 1 153 LEU 153 153 153 LEU LEU B . n 
B 1 154 SER 154 154 154 SER SER B . n 
B 1 155 THR 155 155 155 THR THR B . n 
B 1 156 ASN 156 156 156 ASN ASN B . n 
B 1 157 LEU 157 157 157 LEU LEU B . n 
B 1 158 GLN 158 158 158 GLN GLN B . n 
B 1 159 GLU 159 159 ?   ?   ?   B . n 
B 1 160 SER 160 160 ?   ?   ?   B . n 
B 1 161 LEU 161 161 ?   ?   ?   B . n 
B 1 162 ARG 162 162 ?   ?   ?   B . n 
B 1 163 SER 163 163 ?   ?   ?   B . n 
B 1 164 LYS 164 164 ?   ?   ?   B . n 
B 1 165 GLU 165 165 ?   ?   ?   B . n 
C 1 1   CYS 1   1   ?   ?   ?   C . n 
C 1 2   ASP 2   2   ?   ?   ?   C . n 
C 1 3   LEU 3   3   ?   ?   ?   C . n 
C 1 4   PRO 4   4   ?   ?   ?   C . n 
C 1 5   GLN 5   5   ?   ?   ?   C . n 
C 1 6   THR 6   6   ?   ?   ?   C . n 
C 1 7   HIS 7   7   ?   ?   ?   C . n 
C 1 8   SER 8   8   ?   ?   ?   C . n 
C 1 9   LEU 9   9   ?   ?   ?   C . n 
C 1 10  GLY 10  10  ?   ?   ?   C . n 
C 1 11  SER 11  11  11  SER SER C . n 
C 1 12  ARG 12  12  12  ARG ARG C . n 
C 1 13  ARG 13  13  13  ARG ARG C . n 
C 1 14  THR 14  14  14  THR THR C . n 
C 1 15  LEU 15  15  15  LEU LEU C . n 
C 1 16  MET 16  16  16  MET MET C . n 
C 1 17  LEU 17  17  17  LEU LEU C . n 
C 1 18  LEU 18  18  18  LEU LEU C . n 
C 1 19  ALA 19  19  19  ALA ALA C . n 
C 1 20  GLN 20  20  20  GLN GLN C . n 
C 1 21  MET 21  21  21  MET MET C . n 
C 1 22  ARG 22  22  22  ARG ARG C . n 
C 1 23  ARG 23  23  23  ARG ARG C . n 
C 1 24  ILE 24  24  24  ILE ILE C . n 
C 1 25  SER 25  25  25  SER SER C . n 
C 1 26  LEU 26  26  26  LEU LEU C . n 
C 1 27  PHE 27  27  27  PHE PHE C . n 
C 1 28  SER 28  28  28  SER SER C . n 
C 1 29  CYS 29  29  29  CYS CYS C . n 
C 1 30  LEU 30  30  30  LEU LEU C . n 
C 1 31  LYS 31  31  31  LYS LYS C . n 
C 1 32  ASP 32  32  32  ASP ASP C . n 
C 1 33  ARG 33  33  33  ARG ARG C . n 
C 1 34  HIS 34  34  34  HIS HIS C . n 
C 1 35  ASP 35  35  35  ASP ASP C . n 
C 1 36  PHE 36  36  36  PHE PHE C . n 
C 1 37  GLY 37  37  37  GLY GLY C . n 
C 1 38  PHE 38  38  38  PHE PHE C . n 
C 1 39  PRO 39  39  39  PRO PRO C . n 
C 1 40  GLN 40  40  40  GLN GLN C . n 
C 1 41  GLU 41  41  41  GLU GLU C . n 
C 1 42  GLU 42  42  42  GLU GLU C . n 
C 1 43  PHE 43  43  43  PHE PHE C . n 
C 1 44  GLY 44  44  44  GLY GLY C . n 
C 1 45  ASN 45  45  ?   ?   ?   C . n 
C 1 46  GLN 46  46  ?   ?   ?   C . n 
C 1 47  PHE 47  47  ?   ?   ?   C . n 
C 1 48  GLN 48  48  ?   ?   ?   C . n 
C 1 49  LYS 49  49  ?   ?   ?   C . n 
C 1 50  ALA 50  50  50  ALA ALA C . n 
C 1 51  GLU 51  51  51  GLU GLU C . n 
C 1 52  THR 52  52  52  THR THR C . n 
C 1 53  ILE 53  53  53  ILE ILE C . n 
C 1 54  PRO 54  54  54  PRO PRO C . n 
C 1 55  VAL 55  55  55  VAL VAL C . n 
C 1 56  LEU 56  56  56  LEU LEU C . n 
C 1 57  HIS 57  57  57  HIS HIS C . n 
C 1 58  GLU 58  58  58  GLU GLU C . n 
C 1 59  MET 59  59  59  MET MET C . n 
C 1 60  ILE 60  60  60  ILE ILE C . n 
C 1 61  GLN 61  61  61  GLN GLN C . n 
C 1 62  GLN 62  62  62  GLN GLN C . n 
C 1 63  ILE 63  63  63  ILE ILE C . n 
C 1 64  PHE 64  64  64  PHE PHE C . n 
C 1 65  ASN 65  65  65  ASN ASN C . n 
C 1 66  LEU 66  66  66  LEU LEU C . n 
C 1 67  PHE 67  67  67  PHE PHE C . n 
C 1 68  SER 68  68  68  SER SER C . n 
C 1 69  THR 69  69  69  THR THR C . n 
C 1 70  LYS 70  70  70  LYS LYS C . n 
C 1 71  ASP 71  71  71  ASP ASP C . n 
C 1 72  SER 72  72  72  SER SER C . n 
C 1 73  SER 73  73  73  SER SER C . n 
C 1 74  ALA 74  74  74  ALA ALA C . n 
C 1 75  ALA 75  75  75  ALA ALA C . n 
C 1 76  TRP 76  76  76  TRP TRP C . n 
C 1 77  ASP 77  77  77  ASP ASP C . n 
C 1 78  GLU 78  78  78  GLU GLU C . n 
C 1 79  THR 79  79  79  THR THR C . n 
C 1 80  LEU 80  80  80  LEU LEU C . n 
C 1 81  LEU 81  81  81  LEU LEU C . n 
C 1 82  ASP 82  82  82  ASP ASP C . n 
C 1 83  LYS 83  83  83  LYS LYS C . n 
C 1 84  PHE 84  84  84  PHE PHE C . n 
C 1 85  TYR 85  85  85  TYR TYR C . n 
C 1 86  THR 86  86  86  THR THR C . n 
C 1 87  GLU 87  87  87  GLU GLU C . n 
C 1 88  LEU 88  88  88  LEU LEU C . n 
C 1 89  TYR 89  89  89  TYR TYR C . n 
C 1 90  GLN 90  90  90  GLN GLN C . n 
C 1 91  GLN 91  91  91  GLN GLN C . n 
C 1 92  LEU 92  92  92  LEU LEU C . n 
C 1 93  ASN 93  93  ?   ?   ?   C . n 
C 1 94  ASP 94  94  ?   ?   ?   C . n 
C 1 95  LEU 95  95  ?   ?   ?   C . n 
C 1 96  GLU 96  96  ?   ?   ?   C . n 
C 1 97  ALA 97  97  ?   ?   ?   C . n 
C 1 98  CYS 98  98  ?   ?   ?   C . n 
C 1 99  VAL 99  99  ?   ?   ?   C . n 
C 1 100 ILE 100 100 ?   ?   ?   C . n 
C 1 101 GLN 101 101 ?   ?   ?   C . n 
C 1 102 GLY 102 102 ?   ?   ?   C . n 
C 1 103 VAL 103 103 ?   ?   ?   C . n 
C 1 104 GLY 104 104 ?   ?   ?   C . n 
C 1 105 VAL 105 105 ?   ?   ?   C . n 
C 1 106 THR 106 106 ?   ?   ?   C . n 
C 1 107 GLU 107 107 ?   ?   ?   C . n 
C 1 108 THR 108 108 ?   ?   ?   C . n 
C 1 109 PRO 109 109 ?   ?   ?   C . n 
C 1 110 LEU 110 110 ?   ?   ?   C . n 
C 1 111 MET 111 111 ?   ?   ?   C . n 
C 1 112 ASN 112 112 112 ASN ASN C . n 
C 1 113 GLU 113 113 113 GLU GLU C . n 
C 1 114 ASP 114 114 114 ASP ASP C . n 
C 1 115 SER 115 115 115 SER SER C . n 
C 1 116 ILE 116 116 116 ILE ILE C . n 
C 1 117 LEU 117 117 117 LEU LEU C . n 
C 1 118 ALA 118 118 118 ALA ALA C . n 
C 1 119 VAL 119 119 119 VAL VAL C . n 
C 1 120 ARG 120 120 120 ARG ARG C . n 
C 1 121 LYS 121 121 121 LYS LYS C . n 
C 1 122 TYR 122 122 122 TYR TYR C . n 
C 1 123 PHE 123 123 123 PHE PHE C . n 
C 1 124 GLN 124 124 124 GLN GLN C . n 
C 1 125 ARG 125 125 125 ARG ARG C . n 
C 1 126 ILE 126 126 126 ILE ILE C . n 
C 1 127 THR 127 127 127 THR THR C . n 
C 1 128 LEU 128 128 128 LEU LEU C . n 
C 1 129 TYR 129 129 129 TYR TYR C . n 
C 1 130 LEU 130 130 130 LEU LEU C . n 
C 1 131 LYS 131 131 131 LYS LYS C . n 
C 1 132 GLU 132 132 132 GLU GLU C . n 
C 1 133 LYS 133 133 133 LYS LYS C . n 
C 1 134 LYS 134 134 134 LYS LYS C . n 
C 1 135 TYR 135 135 135 TYR TYR C . n 
C 1 136 SER 136 136 136 SER SER C . n 
C 1 137 PRO 137 137 137 PRO PRO C . n 
C 1 138 CYS 138 138 138 CYS CYS C . n 
C 1 139 ALA 139 139 139 ALA ALA C . n 
C 1 140 TRP 140 140 140 TRP TRP C . n 
C 1 141 GLU 141 141 141 GLU GLU C . n 
C 1 142 VAL 142 142 142 VAL VAL C . n 
C 1 143 VAL 143 143 143 VAL VAL C . n 
C 1 144 ARG 144 144 144 ARG ARG C . n 
C 1 145 ALA 145 145 145 ALA ALA C . n 
C 1 146 GLU 146 146 146 GLU GLU C . n 
C 1 147 ILE 147 147 147 ILE ILE C . n 
C 1 148 MET 148 148 148 MET MET C . n 
C 1 149 ARG 149 149 149 ARG ARG C . n 
C 1 150 SER 150 150 150 SER SER C . n 
C 1 151 PHE 151 151 151 PHE PHE C . n 
C 1 152 SER 152 152 152 SER SER C . n 
C 1 153 LEU 153 153 153 LEU LEU C . n 
C 1 154 SER 154 154 154 SER SER C . n 
C 1 155 THR 155 155 155 THR THR C . n 
C 1 156 ASN 156 156 156 ASN ASN C . n 
C 1 157 LEU 157 157 ?   ?   ?   C . n 
C 1 158 GLN 158 158 ?   ?   ?   C . n 
C 1 159 GLU 159 159 ?   ?   ?   C . n 
C 1 160 SER 160 160 ?   ?   ?   C . n 
C 1 161 LEU 161 161 ?   ?   ?   C . n 
C 1 162 ARG 162 162 ?   ?   ?   C . n 
C 1 163 SER 163 163 ?   ?   ?   C . n 
C 1 164 LYS 164 164 ?   ?   ?   C . n 
C 1 165 GLU 165 165 ?   ?   ?   C . n 
D 1 1   CYS 1   1   ?   ?   ?   D . n 
D 1 2   ASP 2   2   ?   ?   ?   D . n 
D 1 3   LEU 3   3   ?   ?   ?   D . n 
D 1 4   PRO 4   4   ?   ?   ?   D . n 
D 1 5   GLN 5   5   ?   ?   ?   D . n 
D 1 6   THR 6   6   ?   ?   ?   D . n 
D 1 7   HIS 7   7   ?   ?   ?   D . n 
D 1 8   SER 8   8   8   SER SER D . n 
D 1 9   LEU 9   9   9   LEU LEU D . n 
D 1 10  GLY 10  10  10  GLY GLY D . n 
D 1 11  SER 11  11  11  SER SER D . n 
D 1 12  ARG 12  12  12  ARG ARG D . n 
D 1 13  ARG 13  13  13  ARG ARG D . n 
D 1 14  THR 14  14  14  THR THR D . n 
D 1 15  LEU 15  15  15  LEU LEU D . n 
D 1 16  MET 16  16  16  MET MET D . n 
D 1 17  LEU 17  17  17  LEU LEU D . n 
D 1 18  LEU 18  18  18  LEU LEU D . n 
D 1 19  ALA 19  19  19  ALA ALA D . n 
D 1 20  GLN 20  20  20  GLN GLN D . n 
D 1 21  MET 21  21  21  MET MET D . n 
D 1 22  ARG 22  22  22  ARG ARG D . n 
D 1 23  ARG 23  23  23  ARG ARG D . n 
D 1 24  ILE 24  24  24  ILE ILE D . n 
D 1 25  SER 25  25  25  SER SER D . n 
D 1 26  LEU 26  26  26  LEU LEU D . n 
D 1 27  PHE 27  27  27  PHE PHE D . n 
D 1 28  SER 28  28  28  SER SER D . n 
D 1 29  CYS 29  29  29  CYS CYS D . n 
D 1 30  LEU 30  30  30  LEU LEU D . n 
D 1 31  LYS 31  31  31  LYS LYS D . n 
D 1 32  ASP 32  32  32  ASP ASP D . n 
D 1 33  ARG 33  33  33  ARG ARG D . n 
D 1 34  HIS 34  34  34  HIS HIS D . n 
D 1 35  ASP 35  35  35  ASP ASP D . n 
D 1 36  PHE 36  36  36  PHE PHE D . n 
D 1 37  GLY 37  37  37  GLY GLY D . n 
D 1 38  PHE 38  38  38  PHE PHE D . n 
D 1 39  PRO 39  39  39  PRO PRO D . n 
D 1 40  GLN 40  40  40  GLN GLN D . n 
D 1 41  GLU 41  41  41  GLU GLU D . n 
D 1 42  GLU 42  42  42  GLU GLU D . n 
D 1 43  PHE 43  43  43  PHE PHE D . n 
D 1 44  GLY 44  44  44  GLY GLY D . n 
D 1 45  ASN 45  45  ?   ?   ?   D . n 
D 1 46  GLN 46  46  ?   ?   ?   D . n 
D 1 47  PHE 47  47  ?   ?   ?   D . n 
D 1 48  GLN 48  48  ?   ?   ?   D . n 
D 1 49  LYS 49  49  ?   ?   ?   D . n 
D 1 50  ALA 50  50  50  ALA ALA D . n 
D 1 51  GLU 51  51  51  GLU GLU D . n 
D 1 52  THR 52  52  52  THR THR D . n 
D 1 53  ILE 53  53  53  ILE ILE D . n 
D 1 54  PRO 54  54  54  PRO PRO D . n 
D 1 55  VAL 55  55  55  VAL VAL D . n 
D 1 56  LEU 56  56  56  LEU LEU D . n 
D 1 57  HIS 57  57  57  HIS HIS D . n 
D 1 58  GLU 58  58  58  GLU GLU D . n 
D 1 59  MET 59  59  59  MET MET D . n 
D 1 60  ILE 60  60  60  ILE ILE D . n 
D 1 61  GLN 61  61  61  GLN GLN D . n 
D 1 62  GLN 62  62  62  GLN GLN D . n 
D 1 63  ILE 63  63  63  ILE ILE D . n 
D 1 64  PHE 64  64  64  PHE PHE D . n 
D 1 65  ASN 65  65  65  ASN ASN D . n 
D 1 66  LEU 66  66  66  LEU LEU D . n 
D 1 67  PHE 67  67  67  PHE PHE D . n 
D 1 68  SER 68  68  68  SER SER D . n 
D 1 69  THR 69  69  69  THR THR D . n 
D 1 70  LYS 70  70  70  LYS LYS D . n 
D 1 71  ASP 71  71  71  ASP ASP D . n 
D 1 72  SER 72  72  72  SER SER D . n 
D 1 73  SER 73  73  73  SER SER D . n 
D 1 74  ALA 74  74  74  ALA ALA D . n 
D 1 75  ALA 75  75  75  ALA ALA D . n 
D 1 76  TRP 76  76  76  TRP TRP D . n 
D 1 77  ASP 77  77  77  ASP ASP D . n 
D 1 78  GLU 78  78  78  GLU GLU D . n 
D 1 79  THR 79  79  79  THR THR D . n 
D 1 80  LEU 80  80  80  LEU LEU D . n 
D 1 81  LEU 81  81  81  LEU LEU D . n 
D 1 82  ASP 82  82  82  ASP ASP D . n 
D 1 83  LYS 83  83  83  LYS LYS D . n 
D 1 84  PHE 84  84  84  PHE PHE D . n 
D 1 85  TYR 85  85  85  TYR TYR D . n 
D 1 86  THR 86  86  86  THR THR D . n 
D 1 87  GLU 87  87  87  GLU GLU D . n 
D 1 88  LEU 88  88  88  LEU LEU D . n 
D 1 89  TYR 89  89  89  TYR TYR D . n 
D 1 90  GLN 90  90  90  GLN GLN D . n 
D 1 91  GLN 91  91  91  GLN GLN D . n 
D 1 92  LEU 92  92  92  LEU LEU D . n 
D 1 93  ASN 93  93  93  ASN ASN D . n 
D 1 94  ASP 94  94  94  ASP ASP D . n 
D 1 95  LEU 95  95  95  LEU LEU D . n 
D 1 96  GLU 96  96  96  GLU GLU D . n 
D 1 97  ALA 97  97  ?   ?   ?   D . n 
D 1 98  CYS 98  98  ?   ?   ?   D . n 
D 1 99  VAL 99  99  ?   ?   ?   D . n 
D 1 100 ILE 100 100 ?   ?   ?   D . n 
D 1 101 GLN 101 101 ?   ?   ?   D . n 
D 1 102 GLY 102 102 ?   ?   ?   D . n 
D 1 103 VAL 103 103 ?   ?   ?   D . n 
D 1 104 GLY 104 104 ?   ?   ?   D . n 
D 1 105 VAL 105 105 ?   ?   ?   D . n 
D 1 106 THR 106 106 ?   ?   ?   D . n 
D 1 107 GLU 107 107 ?   ?   ?   D . n 
D 1 108 THR 108 108 ?   ?   ?   D . n 
D 1 109 PRO 109 109 ?   ?   ?   D . n 
D 1 110 LEU 110 110 ?   ?   ?   D . n 
D 1 111 MET 111 111 ?   ?   ?   D . n 
D 1 112 ASN 112 112 112 ASN ASN D . n 
D 1 113 GLU 113 113 113 GLU GLU D . n 
D 1 114 ASP 114 114 114 ASP ASP D . n 
D 1 115 SER 115 115 115 SER SER D . n 
D 1 116 ILE 116 116 116 ILE ILE D . n 
D 1 117 LEU 117 117 117 LEU LEU D . n 
D 1 118 ALA 118 118 118 ALA ALA D . n 
D 1 119 VAL 119 119 119 VAL VAL D . n 
D 1 120 ARG 120 120 120 ARG ARG D . n 
D 1 121 LYS 121 121 121 LYS LYS D . n 
D 1 122 TYR 122 122 122 TYR TYR D . n 
D 1 123 PHE 123 123 123 PHE PHE D . n 
D 1 124 GLN 124 124 124 GLN GLN D . n 
D 1 125 ARG 125 125 125 ARG ARG D . n 
D 1 126 ILE 126 126 126 ILE ILE D . n 
D 1 127 THR 127 127 127 THR THR D . n 
D 1 128 LEU 128 128 128 LEU LEU D . n 
D 1 129 TYR 129 129 129 TYR TYR D . n 
D 1 130 LEU 130 130 130 LEU LEU D . n 
D 1 131 LYS 131 131 131 LYS LYS D . n 
D 1 132 GLU 132 132 132 GLU GLU D . n 
D 1 133 LYS 133 133 133 LYS LYS D . n 
D 1 134 LYS 134 134 134 LYS LYS D . n 
D 1 135 TYR 135 135 135 TYR TYR D . n 
D 1 136 SER 136 136 136 SER SER D . n 
D 1 137 PRO 137 137 137 PRO PRO D . n 
D 1 138 CYS 138 138 138 CYS CYS D . n 
D 1 139 ALA 139 139 139 ALA ALA D . n 
D 1 140 TRP 140 140 140 TRP TRP D . n 
D 1 141 GLU 141 141 141 GLU GLU D . n 
D 1 142 VAL 142 142 142 VAL VAL D . n 
D 1 143 VAL 143 143 143 VAL VAL D . n 
D 1 144 ARG 144 144 144 ARG ARG D . n 
D 1 145 ALA 145 145 145 ALA ALA D . n 
D 1 146 GLU 146 146 146 GLU GLU D . n 
D 1 147 ILE 147 147 147 ILE ILE D . n 
D 1 148 MET 148 148 148 MET MET D . n 
D 1 149 ARG 149 149 149 ARG ARG D . n 
D 1 150 SER 150 150 150 SER SER D . n 
D 1 151 PHE 151 151 151 PHE PHE D . n 
D 1 152 SER 152 152 152 SER SER D . n 
D 1 153 LEU 153 153 153 LEU LEU D . n 
D 1 154 SER 154 154 154 SER SER D . n 
D 1 155 THR 155 155 155 THR THR D . n 
D 1 156 ASN 156 156 156 ASN ASN D . n 
D 1 157 LEU 157 157 157 LEU LEU D . n 
D 1 158 GLN 158 158 158 GLN GLN D . n 
D 1 159 GLU 159 159 ?   ?   ?   D . n 
D 1 160 SER 160 160 ?   ?   ?   D . n 
D 1 161 LEU 161 161 ?   ?   ?   D . n 
D 1 162 ARG 162 162 ?   ?   ?   D . n 
D 1 163 SER 163 163 ?   ?   ?   D . n 
D 1 164 LYS 164 164 ?   ?   ?   D . n 
D 1 165 GLU 165 165 ?   ?   ?   D . n 
E 1 1   CYS 1   1   ?   ?   ?   E . n 
E 1 2   ASP 2   2   ?   ?   ?   E . n 
E 1 3   LEU 3   3   ?   ?   ?   E . n 
E 1 4   PRO 4   4   ?   ?   ?   E . n 
E 1 5   GLN 5   5   ?   ?   ?   E . n 
E 1 6   THR 6   6   ?   ?   ?   E . n 
E 1 7   HIS 7   7   ?   ?   ?   E . n 
E 1 8   SER 8   8   8   SER SER E . n 
E 1 9   LEU 9   9   9   LEU LEU E . n 
E 1 10  GLY 10  10  10  GLY GLY E . n 
E 1 11  SER 11  11  11  SER SER E . n 
E 1 12  ARG 12  12  12  ARG ARG E . n 
E 1 13  ARG 13  13  13  ARG ARG E . n 
E 1 14  THR 14  14  14  THR THR E . n 
E 1 15  LEU 15  15  15  LEU LEU E . n 
E 1 16  MET 16  16  16  MET MET E . n 
E 1 17  LEU 17  17  17  LEU LEU E . n 
E 1 18  LEU 18  18  18  LEU LEU E . n 
E 1 19  ALA 19  19  19  ALA ALA E . n 
E 1 20  GLN 20  20  20  GLN GLN E . n 
E 1 21  MET 21  21  21  MET MET E . n 
E 1 22  ARG 22  22  22  ARG ARG E . n 
E 1 23  ARG 23  23  23  ARG ARG E . n 
E 1 24  ILE 24  24  24  ILE ILE E . n 
E 1 25  SER 25  25  25  SER SER E . n 
E 1 26  LEU 26  26  26  LEU LEU E . n 
E 1 27  PHE 27  27  27  PHE PHE E . n 
E 1 28  SER 28  28  28  SER SER E . n 
E 1 29  CYS 29  29  29  CYS CYS E . n 
E 1 30  LEU 30  30  30  LEU LEU E . n 
E 1 31  LYS 31  31  31  LYS LYS E . n 
E 1 32  ASP 32  32  32  ASP ASP E . n 
E 1 33  ARG 33  33  33  ARG ARG E . n 
E 1 34  HIS 34  34  34  HIS HIS E . n 
E 1 35  ASP 35  35  35  ASP ASP E . n 
E 1 36  PHE 36  36  36  PHE PHE E . n 
E 1 37  GLY 37  37  37  GLY GLY E . n 
E 1 38  PHE 38  38  38  PHE PHE E . n 
E 1 39  PRO 39  39  39  PRO PRO E . n 
E 1 40  GLN 40  40  40  GLN GLN E . n 
E 1 41  GLU 41  41  41  GLU GLU E . n 
E 1 42  GLU 42  42  42  GLU GLU E . n 
E 1 43  PHE 43  43  43  PHE PHE E . n 
E 1 44  GLY 44  44  44  GLY GLY E . n 
E 1 45  ASN 45  45  ?   ?   ?   E . n 
E 1 46  GLN 46  46  ?   ?   ?   E . n 
E 1 47  PHE 47  47  ?   ?   ?   E . n 
E 1 48  GLN 48  48  ?   ?   ?   E . n 
E 1 49  LYS 49  49  ?   ?   ?   E . n 
E 1 50  ALA 50  50  50  ALA ALA E . n 
E 1 51  GLU 51  51  51  GLU GLU E . n 
E 1 52  THR 52  52  52  THR THR E . n 
E 1 53  ILE 53  53  53  ILE ILE E . n 
E 1 54  PRO 54  54  54  PRO PRO E . n 
E 1 55  VAL 55  55  55  VAL VAL E . n 
E 1 56  LEU 56  56  56  LEU LEU E . n 
E 1 57  HIS 57  57  57  HIS HIS E . n 
E 1 58  GLU 58  58  58  GLU GLU E . n 
E 1 59  MET 59  59  59  MET MET E . n 
E 1 60  ILE 60  60  60  ILE ILE E . n 
E 1 61  GLN 61  61  61  GLN GLN E . n 
E 1 62  GLN 62  62  62  GLN GLN E . n 
E 1 63  ILE 63  63  63  ILE ILE E . n 
E 1 64  PHE 64  64  64  PHE PHE E . n 
E 1 65  ASN 65  65  65  ASN ASN E . n 
E 1 66  LEU 66  66  66  LEU LEU E . n 
E 1 67  PHE 67  67  67  PHE PHE E . n 
E 1 68  SER 68  68  68  SER SER E . n 
E 1 69  THR 69  69  69  THR THR E . n 
E 1 70  LYS 70  70  70  LYS LYS E . n 
E 1 71  ASP 71  71  71  ASP ASP E . n 
E 1 72  SER 72  72  72  SER SER E . n 
E 1 73  SER 73  73  73  SER SER E . n 
E 1 74  ALA 74  74  74  ALA ALA E . n 
E 1 75  ALA 75  75  75  ALA ALA E . n 
E 1 76  TRP 76  76  76  TRP TRP E . n 
E 1 77  ASP 77  77  77  ASP ASP E . n 
E 1 78  GLU 78  78  78  GLU GLU E . n 
E 1 79  THR 79  79  79  THR THR E . n 
E 1 80  LEU 80  80  80  LEU LEU E . n 
E 1 81  LEU 81  81  81  LEU LEU E . n 
E 1 82  ASP 82  82  82  ASP ASP E . n 
E 1 83  LYS 83  83  83  LYS LYS E . n 
E 1 84  PHE 84  84  84  PHE PHE E . n 
E 1 85  TYR 85  85  85  TYR TYR E . n 
E 1 86  THR 86  86  86  THR THR E . n 
E 1 87  GLU 87  87  87  GLU GLU E . n 
E 1 88  LEU 88  88  88  LEU LEU E . n 
E 1 89  TYR 89  89  89  TYR TYR E . n 
E 1 90  GLN 90  90  90  GLN GLN E . n 
E 1 91  GLN 91  91  91  GLN GLN E . n 
E 1 92  LEU 92  92  92  LEU LEU E . n 
E 1 93  ASN 93  93  93  ASN ASN E . n 
E 1 94  ASP 94  94  94  ASP ASP E . n 
E 1 95  LEU 95  95  95  LEU LEU E . n 
E 1 96  GLU 96  96  96  GLU GLU E . n 
E 1 97  ALA 97  97  97  ALA ALA E . n 
E 1 98  CYS 98  98  ?   ?   ?   E . n 
E 1 99  VAL 99  99  ?   ?   ?   E . n 
E 1 100 ILE 100 100 ?   ?   ?   E . n 
E 1 101 GLN 101 101 ?   ?   ?   E . n 
E 1 102 GLY 102 102 ?   ?   ?   E . n 
E 1 103 VAL 103 103 ?   ?   ?   E . n 
E 1 104 GLY 104 104 ?   ?   ?   E . n 
E 1 105 VAL 105 105 ?   ?   ?   E . n 
E 1 106 THR 106 106 ?   ?   ?   E . n 
E 1 107 GLU 107 107 ?   ?   ?   E . n 
E 1 108 THR 108 108 ?   ?   ?   E . n 
E 1 109 PRO 109 109 ?   ?   ?   E . n 
E 1 110 LEU 110 110 ?   ?   ?   E . n 
E 1 111 MET 111 111 ?   ?   ?   E . n 
E 1 112 ASN 112 112 112 ASN ASN E . n 
E 1 113 GLU 113 113 113 GLU GLU E . n 
E 1 114 ASP 114 114 114 ASP ASP E . n 
E 1 115 SER 115 115 115 SER SER E . n 
E 1 116 ILE 116 116 116 ILE ILE E . n 
E 1 117 LEU 117 117 117 LEU LEU E . n 
E 1 118 ALA 118 118 118 ALA ALA E . n 
E 1 119 VAL 119 119 119 VAL VAL E . n 
E 1 120 ARG 120 120 120 ARG ARG E . n 
E 1 121 LYS 121 121 121 LYS LYS E . n 
E 1 122 TYR 122 122 122 TYR TYR E . n 
E 1 123 PHE 123 123 123 PHE PHE E . n 
E 1 124 GLN 124 124 124 GLN GLN E . n 
E 1 125 ARG 125 125 125 ARG ARG E . n 
E 1 126 ILE 126 126 126 ILE ILE E . n 
E 1 127 THR 127 127 127 THR THR E . n 
E 1 128 LEU 128 128 128 LEU LEU E . n 
E 1 129 TYR 129 129 129 TYR TYR E . n 
E 1 130 LEU 130 130 130 LEU LEU E . n 
E 1 131 LYS 131 131 131 LYS LYS E . n 
E 1 132 GLU 132 132 132 GLU GLU E . n 
E 1 133 LYS 133 133 133 LYS LYS E . n 
E 1 134 LYS 134 134 134 LYS LYS E . n 
E 1 135 TYR 135 135 135 TYR TYR E . n 
E 1 136 SER 136 136 136 SER SER E . n 
E 1 137 PRO 137 137 137 PRO PRO E . n 
E 1 138 CYS 138 138 138 CYS CYS E . n 
E 1 139 ALA 139 139 139 ALA ALA E . n 
E 1 140 TRP 140 140 140 TRP TRP E . n 
E 1 141 GLU 141 141 141 GLU GLU E . n 
E 1 142 VAL 142 142 142 VAL VAL E . n 
E 1 143 VAL 143 143 143 VAL VAL E . n 
E 1 144 ARG 144 144 144 ARG ARG E . n 
E 1 145 ALA 145 145 145 ALA ALA E . n 
E 1 146 GLU 146 146 146 GLU GLU E . n 
E 1 147 ILE 147 147 147 ILE ILE E . n 
E 1 148 MET 148 148 148 MET MET E . n 
E 1 149 ARG 149 149 149 ARG ARG E . n 
E 1 150 SER 150 150 150 SER SER E . n 
E 1 151 PHE 151 151 151 PHE PHE E . n 
E 1 152 SER 152 152 152 SER SER E . n 
E 1 153 LEU 153 153 153 LEU LEU E . n 
E 1 154 SER 154 154 154 SER SER E . n 
E 1 155 THR 155 155 155 THR THR E . n 
E 1 156 ASN 156 156 156 ASN ASN E . n 
E 1 157 LEU 157 157 157 LEU LEU E . n 
E 1 158 GLN 158 158 158 GLN GLN E . n 
E 1 159 GLU 159 159 ?   ?   ?   E . n 
E 1 160 SER 160 160 ?   ?   ?   E . n 
E 1 161 LEU 161 161 ?   ?   ?   E . n 
E 1 162 ARG 162 162 ?   ?   ?   E . n 
E 1 163 SER 163 163 ?   ?   ?   E . n 
E 1 164 LYS 164 164 ?   ?   ?   E . n 
E 1 165 GLU 165 165 ?   ?   ?   E . n 
F 1 1   CYS 1   1   ?   ?   ?   F . n 
F 1 2   ASP 2   2   ?   ?   ?   F . n 
F 1 3   LEU 3   3   ?   ?   ?   F . n 
F 1 4   PRO 4   4   ?   ?   ?   F . n 
F 1 5   GLN 5   5   ?   ?   ?   F . n 
F 1 6   THR 6   6   ?   ?   ?   F . n 
F 1 7   HIS 7   7   ?   ?   ?   F . n 
F 1 8   SER 8   8   ?   ?   ?   F . n 
F 1 9   LEU 9   9   ?   ?   ?   F . n 
F 1 10  GLY 10  10  10  GLY GLY F . n 
F 1 11  SER 11  11  11  SER SER F . n 
F 1 12  ARG 12  12  12  ARG ARG F . n 
F 1 13  ARG 13  13  13  ARG ARG F . n 
F 1 14  THR 14  14  14  THR THR F . n 
F 1 15  LEU 15  15  15  LEU LEU F . n 
F 1 16  MET 16  16  16  MET MET F . n 
F 1 17  LEU 17  17  17  LEU LEU F . n 
F 1 18  LEU 18  18  18  LEU LEU F . n 
F 1 19  ALA 19  19  19  ALA ALA F . n 
F 1 20  GLN 20  20  20  GLN GLN F . n 
F 1 21  MET 21  21  21  MET MET F . n 
F 1 22  ARG 22  22  22  ARG ARG F . n 
F 1 23  ARG 23  23  23  ARG ARG F . n 
F 1 24  ILE 24  24  24  ILE ILE F . n 
F 1 25  SER 25  25  25  SER SER F . n 
F 1 26  LEU 26  26  26  LEU LEU F . n 
F 1 27  PHE 27  27  27  PHE PHE F . n 
F 1 28  SER 28  28  28  SER SER F . n 
F 1 29  CYS 29  29  29  CYS CYS F . n 
F 1 30  LEU 30  30  30  LEU LEU F . n 
F 1 31  LYS 31  31  31  LYS LYS F . n 
F 1 32  ASP 32  32  32  ASP ASP F . n 
F 1 33  ARG 33  33  33  ARG ARG F . n 
F 1 34  HIS 34  34  34  HIS HIS F . n 
F 1 35  ASP 35  35  35  ASP ASP F . n 
F 1 36  PHE 36  36  36  PHE PHE F . n 
F 1 37  GLY 37  37  37  GLY GLY F . n 
F 1 38  PHE 38  38  38  PHE PHE F . n 
F 1 39  PRO 39  39  39  PRO PRO F . n 
F 1 40  GLN 40  40  40  GLN GLN F . n 
F 1 41  GLU 41  41  41  GLU GLU F . n 
F 1 42  GLU 42  42  42  GLU GLU F . n 
F 1 43  PHE 43  43  43  PHE PHE F . n 
F 1 44  GLY 44  44  ?   ?   ?   F . n 
F 1 45  ASN 45  45  ?   ?   ?   F . n 
F 1 46  GLN 46  46  ?   ?   ?   F . n 
F 1 47  PHE 47  47  ?   ?   ?   F . n 
F 1 48  GLN 48  48  ?   ?   ?   F . n 
F 1 49  LYS 49  49  ?   ?   ?   F . n 
F 1 50  ALA 50  50  ?   ?   ?   F . n 
F 1 51  GLU 51  51  ?   ?   ?   F . n 
F 1 52  THR 52  52  52  THR THR F . n 
F 1 53  ILE 53  53  53  ILE ILE F . n 
F 1 54  PRO 54  54  54  PRO PRO F . n 
F 1 55  VAL 55  55  55  VAL VAL F . n 
F 1 56  LEU 56  56  56  LEU LEU F . n 
F 1 57  HIS 57  57  57  HIS HIS F . n 
F 1 58  GLU 58  58  58  GLU GLU F . n 
F 1 59  MET 59  59  59  MET MET F . n 
F 1 60  ILE 60  60  60  ILE ILE F . n 
F 1 61  GLN 61  61  61  GLN GLN F . n 
F 1 62  GLN 62  62  62  GLN GLN F . n 
F 1 63  ILE 63  63  63  ILE ILE F . n 
F 1 64  PHE 64  64  64  PHE PHE F . n 
F 1 65  ASN 65  65  65  ASN ASN F . n 
F 1 66  LEU 66  66  66  LEU LEU F . n 
F 1 67  PHE 67  67  67  PHE PHE F . n 
F 1 68  SER 68  68  68  SER SER F . n 
F 1 69  THR 69  69  69  THR THR F . n 
F 1 70  LYS 70  70  70  LYS LYS F . n 
F 1 71  ASP 71  71  71  ASP ASP F . n 
F 1 72  SER 72  72  72  SER SER F . n 
F 1 73  SER 73  73  73  SER SER F . n 
F 1 74  ALA 74  74  74  ALA ALA F . n 
F 1 75  ALA 75  75  75  ALA ALA F . n 
F 1 76  TRP 76  76  76  TRP TRP F . n 
F 1 77  ASP 77  77  77  ASP ASP F . n 
F 1 78  GLU 78  78  78  GLU GLU F . n 
F 1 79  THR 79  79  79  THR THR F . n 
F 1 80  LEU 80  80  80  LEU LEU F . n 
F 1 81  LEU 81  81  81  LEU LEU F . n 
F 1 82  ASP 82  82  82  ASP ASP F . n 
F 1 83  LYS 83  83  83  LYS LYS F . n 
F 1 84  PHE 84  84  84  PHE PHE F . n 
F 1 85  TYR 85  85  85  TYR TYR F . n 
F 1 86  THR 86  86  86  THR THR F . n 
F 1 87  GLU 87  87  87  GLU GLU F . n 
F 1 88  LEU 88  88  88  LEU LEU F . n 
F 1 89  TYR 89  89  89  TYR TYR F . n 
F 1 90  GLN 90  90  90  GLN GLN F . n 
F 1 91  GLN 91  91  91  GLN GLN F . n 
F 1 92  LEU 92  92  92  LEU LEU F . n 
F 1 93  ASN 93  93  ?   ?   ?   F . n 
F 1 94  ASP 94  94  ?   ?   ?   F . n 
F 1 95  LEU 95  95  ?   ?   ?   F . n 
F 1 96  GLU 96  96  ?   ?   ?   F . n 
F 1 97  ALA 97  97  ?   ?   ?   F . n 
F 1 98  CYS 98  98  ?   ?   ?   F . n 
F 1 99  VAL 99  99  ?   ?   ?   F . n 
F 1 100 ILE 100 100 ?   ?   ?   F . n 
F 1 101 GLN 101 101 ?   ?   ?   F . n 
F 1 102 GLY 102 102 ?   ?   ?   F . n 
F 1 103 VAL 103 103 ?   ?   ?   F . n 
F 1 104 GLY 104 104 ?   ?   ?   F . n 
F 1 105 VAL 105 105 ?   ?   ?   F . n 
F 1 106 THR 106 106 ?   ?   ?   F . n 
F 1 107 GLU 107 107 ?   ?   ?   F . n 
F 1 108 THR 108 108 ?   ?   ?   F . n 
F 1 109 PRO 109 109 ?   ?   ?   F . n 
F 1 110 LEU 110 110 ?   ?   ?   F . n 
F 1 111 MET 111 111 ?   ?   ?   F . n 
F 1 112 ASN 112 112 112 ASN ASN F . n 
F 1 113 GLU 113 113 113 GLU GLU F . n 
F 1 114 ASP 114 114 114 ASP ASP F . n 
F 1 115 SER 115 115 115 SER SER F . n 
F 1 116 ILE 116 116 116 ILE ILE F . n 
F 1 117 LEU 117 117 117 LEU LEU F . n 
F 1 118 ALA 118 118 118 ALA ALA F . n 
F 1 119 VAL 119 119 119 VAL VAL F . n 
F 1 120 ARG 120 120 120 ARG ARG F . n 
F 1 121 LYS 121 121 121 LYS LYS F . n 
F 1 122 TYR 122 122 122 TYR TYR F . n 
F 1 123 PHE 123 123 123 PHE PHE F . n 
F 1 124 GLN 124 124 124 GLN GLN F . n 
F 1 125 ARG 125 125 125 ARG ARG F . n 
F 1 126 ILE 126 126 126 ILE ILE F . n 
F 1 127 THR 127 127 127 THR THR F . n 
F 1 128 LEU 128 128 128 LEU LEU F . n 
F 1 129 TYR 129 129 129 TYR TYR F . n 
F 1 130 LEU 130 130 130 LEU LEU F . n 
F 1 131 LYS 131 131 131 LYS LYS F . n 
F 1 132 GLU 132 132 132 GLU GLU F . n 
F 1 133 LYS 133 133 133 LYS LYS F . n 
F 1 134 LYS 134 134 134 LYS LYS F . n 
F 1 135 TYR 135 135 135 TYR TYR F . n 
F 1 136 SER 136 136 136 SER SER F . n 
F 1 137 PRO 137 137 137 PRO PRO F . n 
F 1 138 CYS 138 138 138 CYS CYS F . n 
F 1 139 ALA 139 139 139 ALA ALA F . n 
F 1 140 TRP 140 140 140 TRP TRP F . n 
F 1 141 GLU 141 141 141 GLU GLU F . n 
F 1 142 VAL 142 142 142 VAL VAL F . n 
F 1 143 VAL 143 143 143 VAL VAL F . n 
F 1 144 ARG 144 144 144 ARG ARG F . n 
F 1 145 ALA 145 145 145 ALA ALA F . n 
F 1 146 GLU 146 146 146 GLU GLU F . n 
F 1 147 ILE 147 147 147 ILE ILE F . n 
F 1 148 MET 148 148 148 MET MET F . n 
F 1 149 ARG 149 149 149 ARG ARG F . n 
F 1 150 SER 150 150 150 SER SER F . n 
F 1 151 PHE 151 151 151 PHE PHE F . n 
F 1 152 SER 152 152 152 SER SER F . n 
F 1 153 LEU 153 153 153 LEU LEU F . n 
F 1 154 SER 154 154 154 SER SER F . n 
F 1 155 THR 155 155 155 THR THR F . n 
F 1 156 ASN 156 156 156 ASN ASN F . n 
F 1 157 LEU 157 157 ?   ?   ?   F . n 
F 1 158 GLN 158 158 ?   ?   ?   F . n 
F 1 159 GLU 159 159 ?   ?   ?   F . n 
F 1 160 SER 160 160 ?   ?   ?   F . n 
F 1 161 LEU 161 161 ?   ?   ?   F . n 
F 1 162 ARG 162 162 ?   ?   ?   F . n 
F 1 163 SER 163 163 ?   ?   ?   F . n 
F 1 164 LYS 164 164 ?   ?   ?   F . n 
F 1 165 GLU 165 165 ?   ?   ?   F . n 
# 
loop_
_pdbx_nonpoly_scheme.asym_id 
_pdbx_nonpoly_scheme.entity_id 
_pdbx_nonpoly_scheme.mon_id 
_pdbx_nonpoly_scheme.ndb_seq_num 
_pdbx_nonpoly_scheme.pdb_seq_num 
_pdbx_nonpoly_scheme.auth_seq_num 
_pdbx_nonpoly_scheme.pdb_mon_id 
_pdbx_nonpoly_scheme.auth_mon_id 
_pdbx_nonpoly_scheme.pdb_strand_id 
_pdbx_nonpoly_scheme.pdb_ins_code 
G 2 ZN 1 1204 1204 ZN ZN A . 
H 2 ZN 1 1201 1201 ZN ZN B . 
I 2 ZN 1 1203 1203 ZN ZN C . 
J 2 ZN 1 1202 1202 ZN ZN E . 
# 
loop_
_software.name 
_software.classification 
_software.version 
_software.citation_id 
_software.pdbx_ordinal 
MOLECULAR 'data collection' 'STRUCTURE CORP.' ? 1 
MOLECULAR 'data reduction'  'STRUCTURE CORP.' ? 2 
X-PLOR    'model building'  3.1               ? 3 
X-PLOR    refinement        3.1               ? 4 
MSC       'data reduction'  .                 ? 5 
MSC       'data scaling'    .                 ? 6 
X-PLOR    phasing           3.1               ? 7 
# 
_cell.entry_id           1RH2 
_cell.length_a           62.400 
_cell.length_b           75.500 
_cell.length_c           148.200 
_cell.angle_alpha        90.00 
_cell.angle_beta         90.80 
_cell.angle_gamma        90.00 
_cell.Z_PDB              12 
_cell.pdbx_unique_axis   ? 
# 
_symmetry.entry_id                         1RH2 
_symmetry.space_group_name_H-M             'P 1 21 1' 
_symmetry.pdbx_full_space_group_name_H-M   ? 
_symmetry.cell_setting                     ? 
_symmetry.Int_Tables_number                4 
# 
_exptl.entry_id          1RH2 
_exptl.method            'X-RAY DIFFRACTION' 
_exptl.crystals_number   2 
# 
_exptl_crystal.id                    1 
_exptl_crystal.density_meas          ? 
_exptl_crystal.density_Matthews      3.1 
_exptl_crystal.density_percent_sol   60. 
_exptl_crystal.description           ? 
# 
_exptl_crystal_grow.crystal_id      1 
_exptl_crystal_grow.method          macroseeding 
_exptl_crystal_grow.temp            ? 
_exptl_crystal_grow.temp_details    ? 
_exptl_crystal_grow.pH              5.6 
_exptl_crystal_grow.pdbx_pH_range   ? 
_exptl_crystal_grow.pdbx_details    
;PROTEIN WAS CRYSTALLIZED FROM 40MM ZINC ACETATE, 30MM CACODYLATE, PH 5.6; MACRO SEEDING WAS PERFORMED TO GET REASONABLE SIZE CRYSTALS., macroseeding
;
# 
_diffrn.id                     1 
_diffrn.ambient_temp           103 
_diffrn.ambient_temp_details   ? 
_diffrn.crystal_id             1 
# 
_diffrn_detector.diffrn_id              1 
_diffrn_detector.detector               'IMAGE PLATE' 
_diffrn_detector.type                   RIGAKU 
_diffrn_detector.pdbx_collection_date   1995-12 
_diffrn_detector.details                ? 
# 
_diffrn_radiation.diffrn_id                        1 
_diffrn_radiation.wavelength_id                    1 
_diffrn_radiation.pdbx_monochromatic_or_laue_m_l   M 
_diffrn_radiation.monochromator                    'NI FILTER' 
_diffrn_radiation.pdbx_diffrn_protocol             ? 
_diffrn_radiation.pdbx_scattering_type             x-ray 
# 
_diffrn_radiation_wavelength.id           1 
_diffrn_radiation_wavelength.wavelength   1.5418 
_diffrn_radiation_wavelength.wt           1.0 
# 
_diffrn_source.diffrn_id                   1 
_diffrn_source.source                      'ROTATING ANODE' 
_diffrn_source.type                        'RIGAKU RUH2R' 
_diffrn_source.pdbx_synchrotron_site       ? 
_diffrn_source.pdbx_synchrotron_beamline   ? 
_diffrn_source.pdbx_wavelength             1.5418 
_diffrn_source.pdbx_wavelength_list        ? 
# 
_reflns.entry_id                     1RH2 
_reflns.observed_criterion_sigma_I   0. 
_reflns.observed_criterion_sigma_F   ? 
_reflns.d_resolution_low             6.0 
_reflns.d_resolution_high            2.9 
_reflns.number_obs                   31925 
_reflns.number_all                   ? 
_reflns.percent_possible_obs         96. 
_reflns.pdbx_Rmerge_I_obs            0.095 
_reflns.pdbx_Rsym_value              ? 
_reflns.pdbx_netI_over_sigmaI        10. 
_reflns.B_iso_Wilson_estimate        ? 
_reflns.pdbx_redundancy              6.8 
_reflns.pdbx_ordinal                 1 
_reflns.pdbx_diffrn_id               1 
# 
_reflns_shell.d_res_high             2.9 
_reflns_shell.d_res_low              3.0 
_reflns_shell.percent_possible_all   92. 
_reflns_shell.Rmerge_I_obs           0.24 
_reflns_shell.pdbx_Rsym_value        ? 
_reflns_shell.meanI_over_sigI_obs    3.2 
_reflns_shell.pdbx_redundancy        3.9 
_reflns_shell.pdbx_ordinal           1 
_reflns_shell.pdbx_diffrn_id         1 
# 
_refine.entry_id                                 1RH2 
_refine.ls_number_reflns_obs                     27010 
_refine.ls_number_reflns_all                     ? 
_refine.pdbx_ls_sigma_I                          ? 
_refine.pdbx_ls_sigma_F                          0.1 
_refine.pdbx_data_cutoff_high_absF               100000. 
_refine.pdbx_data_cutoff_low_absF                0.1 
_refine.pdbx_data_cutoff_high_rms_absF           ? 
_refine.ls_d_res_low                             6.0 
_refine.ls_d_res_high                            2.9 
_refine.ls_percent_reflns_obs                    99.2 
_refine.ls_R_factor_obs                          0.227 
_refine.ls_R_factor_all                          ? 
_refine.ls_R_factor_R_work                       0.227 
_refine.ls_R_factor_R_free                       0.311 
_refine.ls_R_factor_R_free_error                 0.009 
_refine.ls_R_factor_R_free_error_details         ? 
_refine.ls_percent_reflns_R_free                 4.9 
_refine.ls_number_reflns_R_free                  1326 
_refine.ls_number_parameters                     ? 
_refine.ls_number_restraints                     ? 
_refine.occupancy_min                            ? 
_refine.occupancy_max                            ? 
_refine.B_iso_mean                               30.6 
_refine.aniso_B[1][1]                            ? 
_refine.aniso_B[2][2]                            ? 
_refine.aniso_B[3][3]                            ? 
_refine.aniso_B[1][2]                            ? 
_refine.aniso_B[1][3]                            ? 
_refine.aniso_B[2][3]                            ? 
_refine.solvent_model_details                    ? 
_refine.solvent_model_param_ksol                 ? 
_refine.solvent_model_param_bsol                 ? 
_refine.pdbx_ls_cross_valid_method               THROUGHOUT 
_refine.details                                  
'SIX MOLECULES IN THE ASYMMETRIC UNIT WERE REFINED WITH NCS RESTRAINTS WITH WEIGHT = 30 KCAL/MOL-(A)2 AND SIGB = 1.5 (A)2' 
_refine.pdbx_starting_model                      ? 
_refine.pdbx_method_to_determine_struct          'MULTIPLE ISOMORPHOUS REPLACEMENT' 
_refine.pdbx_isotropic_thermal_model             ? 
_refine.pdbx_stereochemistry_target_values       ? 
_refine.pdbx_stereochem_target_val_spec_case     ? 
_refine.pdbx_R_Free_selection_details            RANDOM 
_refine.pdbx_overall_ESU_R                       ? 
_refine.pdbx_overall_ESU_R_Free                  ? 
_refine.overall_SU_ML                            ? 
_refine.overall_SU_B                             ? 
_refine.pdbx_refine_id                           'X-RAY DIFFRACTION' 
_refine.pdbx_diffrn_id                           1 
_refine.pdbx_TLS_residual_ADP_flag               ? 
_refine.correlation_coeff_Fo_to_Fc               ? 
_refine.correlation_coeff_Fo_to_Fc_free          ? 
_refine.pdbx_solvent_vdw_probe_radii             ? 
_refine.pdbx_solvent_ion_probe_radii             ? 
_refine.pdbx_solvent_shrinkage_radii             ? 
_refine.pdbx_overall_phase_error                 ? 
_refine.overall_SU_R_Cruickshank_DPI             ? 
_refine.pdbx_overall_SU_R_free_Cruickshank_DPI   ? 
_refine.pdbx_overall_SU_R_Blow_DPI               ? 
_refine.pdbx_overall_SU_R_free_Blow_DPI          ? 
# 
_refine_analyze.entry_id                        1RH2 
_refine_analyze.Luzzati_coordinate_error_obs    0.34 
_refine_analyze.Luzzati_sigma_a_obs             0.40 
_refine_analyze.Luzzati_d_res_low_obs           6.0 
_refine_analyze.Luzzati_coordinate_error_free   0.49 
_refine_analyze.Luzzati_sigma_a_free            0.49 
_refine_analyze.Luzzati_d_res_low_free          ? 
_refine_analyze.number_disordered_residues      ? 
_refine_analyze.occupancy_sum_hydrogen          ? 
_refine_analyze.occupancy_sum_non_hydrogen      ? 
_refine_analyze.pdbx_refine_id                  'X-RAY DIFFRACTION' 
# 
_refine_hist.pdbx_refine_id                   'X-RAY DIFFRACTION' 
_refine_hist.cycle_id                         LAST 
_refine_hist.pdbx_number_atoms_protein        787 
_refine_hist.pdbx_number_atoms_nucleic_acid   0 
_refine_hist.pdbx_number_atoms_ligand         4 
_refine_hist.number_atoms_solvent             0 
_refine_hist.number_atoms_total               791 
_refine_hist.d_res_high                       2.9 
_refine_hist.d_res_low                        6.0 
# 
loop_
_refine_ls_restr.type 
_refine_ls_restr.dev_ideal 
_refine_ls_restr.dev_ideal_target 
_refine_ls_restr.weight 
_refine_ls_restr.number 
_refine_ls_restr.pdbx_refine_id 
_refine_ls_restr.pdbx_restraint_function 
x_bond_d                0.016 ? ? ? 'X-RAY DIFFRACTION' ? 
x_bond_d_na             ?     ? ? ? 'X-RAY DIFFRACTION' ? 
x_bond_d_prot           ?     ? ? ? 'X-RAY DIFFRACTION' ? 
x_angle_d               ?     ? ? ? 'X-RAY DIFFRACTION' ? 
x_angle_d_na            ?     ? ? ? 'X-RAY DIFFRACTION' ? 
x_angle_d_prot          ?     ? ? ? 'X-RAY DIFFRACTION' ? 
x_angle_deg             1.7   ? ? ? 'X-RAY DIFFRACTION' ? 
x_angle_deg_na          ?     ? ? ? 'X-RAY DIFFRACTION' ? 
x_angle_deg_prot        ?     ? ? ? 'X-RAY DIFFRACTION' ? 
x_dihedral_angle_d      21.4  ? ? ? 'X-RAY DIFFRACTION' ? 
x_dihedral_angle_d_na   ?     ? ? ? 'X-RAY DIFFRACTION' ? 
x_dihedral_angle_d_prot ?     ? ? ? 'X-RAY DIFFRACTION' ? 
x_improper_angle_d      1.58  ? ? ? 'X-RAY DIFFRACTION' ? 
x_improper_angle_d_na   ?     ? ? ? 'X-RAY DIFFRACTION' ? 
x_improper_angle_d_prot ?     ? ? ? 'X-RAY DIFFRACTION' ? 
x_mcbond_it             ?     ? ? ? 'X-RAY DIFFRACTION' ? 
x_mcangle_it            ?     ? ? ? 'X-RAY DIFFRACTION' ? 
x_scbond_it             ?     ? ? ? 'X-RAY DIFFRACTION' ? 
x_scangle_it            ?     ? ? ? 'X-RAY DIFFRACTION' ? 
# 
_refine_ls_restr_ncs.dom_id              1 
_refine_ls_restr_ncs.ncs_model_details   RESTRAINTS 
_refine_ls_restr_ncs.rms_dev_position    ? 
_refine_ls_restr_ncs.weight_position     ? 
_refine_ls_restr_ncs.rms_dev_B_iso       ? 
_refine_ls_restr_ncs.weight_B_iso        ? 
_refine_ls_restr_ncs.pdbx_type           . 
_refine_ls_restr_ncs.pdbx_auth_asym_id   . 
_refine_ls_restr_ncs.pdbx_ens_id         1 
_refine_ls_restr_ncs.pdbx_refine_id      'X-RAY DIFFRACTION' 
_refine_ls_restr_ncs.pdbx_ordinal        1 
_refine_ls_restr_ncs.pdbx_number         ? 
_refine_ls_restr_ncs.pdbx_asym_id        ? 
_refine_ls_restr_ncs.pdbx_rms            ? 
_refine_ls_restr_ncs.pdbx_weight         ? 
# 
_refine_ls_shell.pdbx_total_number_of_bins_used   8 
_refine_ls_shell.d_res_high                       2.90 
_refine_ls_shell.d_res_low                        3.02 
_refine_ls_shell.number_reflns_R_work             3083 
_refine_ls_shell.R_factor_R_work                  0.319 
_refine_ls_shell.percent_reflns_obs               95.4 
_refine_ls_shell.R_factor_R_free                  0.393 
_refine_ls_shell.R_factor_R_free_error            ? 
_refine_ls_shell.percent_reflns_R_free            4.3 
_refine_ls_shell.number_reflns_R_free             ? 
_refine_ls_shell.pdbx_refine_id                   'X-RAY DIFFRACTION' 
_refine_ls_shell.number_reflns_all                ? 
_refine_ls_shell.R_factor_all                     ? 
# 
loop_
_pdbx_xplor_file.serial_no 
_pdbx_xplor_file.param_file 
_pdbx_xplor_file.topol_file 
_pdbx_xplor_file.pdbx_refine_id 
1 PARHCSDX.PRO TOPHCSDX.PRO 'X-RAY DIFFRACTION' 
2 ZINC.PAR     ZINC.TOP     'X-RAY DIFFRACTION' 
# 
loop_
_struct_ncs_oper.id 
_struct_ncs_oper.code 
_struct_ncs_oper.details 
_struct_ncs_oper.matrix[1][1] 
_struct_ncs_oper.matrix[1][2] 
_struct_ncs_oper.matrix[1][3] 
_struct_ncs_oper.matrix[2][1] 
_struct_ncs_oper.matrix[2][2] 
_struct_ncs_oper.matrix[2][3] 
_struct_ncs_oper.matrix[3][1] 
_struct_ncs_oper.matrix[3][2] 
_struct_ncs_oper.matrix[3][3] 
_struct_ncs_oper.vector[1] 
_struct_ncs_oper.vector[2] 
_struct_ncs_oper.vector[3] 
1 given ? -0.93560774 -0.34517637 0.07521291  -0.30300713 0.67425040  -0.67336031 0.18075985  -0.65270604 -0.73564266 34.02887  21.35680  36.91705  
2 given ? -0.08024307 -0.46692397 0.88084750  -0.35610614 -0.81228479 -0.46280153 0.93099007  -0.35069385 -0.10047214 -19.92886 8.67718   -34.28680 
3 given ? 0.29723934  -0.89731697 -0.32579816 0.61626086  -0.07995581 0.78404216  -0.72897446 -0.43412697 0.52871647  1.05105   -37.54825 -18.27045 
4 given ? 0.99228108  0.05711883  0.10466990  -0.06211522 0.99672824  0.05178559  -0.10152182 -0.05836529 0.99299068  -55.25484 24.80428  -46.16005 
5 given ? -0.92260989 -0.37834308 -0.07082095 -0.19866220 0.62601972  -0.75411077 0.32993936  -0.68177850 -0.65240983 -15.68366 45.60135  -16.56160  
# 
_struct_ncs_dom.id            1 
_struct_ncs_dom.pdbx_ens_id   1 
_struct_ncs_dom.details       ? 
# 
_struct_ncs_ens.id        1 
_struct_ncs_ens.details   ? 
# 
_struct.entry_id                  1RH2 
_struct.title                     'RECOMBINANT HUMAN INTERFERON-ALPHA 2B' 
_struct.pdbx_model_details        ? 
_struct.pdbx_CASP_flag            ? 
_struct.pdbx_model_type_details   ? 
# 
_struct_keywords.entry_id        1RH2 
_struct_keywords.pdbx_keywords   CYTOKINE 
_struct_keywords.text            'INTERFERON, CYTOKINE, ANTI-VIRAL, IMMUNOMODULATOR, 4 HELIX BUNDLE' 
# 
loop_
_struct_asym.id 
_struct_asym.pdbx_blank_PDB_chainid_flag 
_struct_asym.pdbx_modified 
_struct_asym.entity_id 
_struct_asym.details 
A N N 1 ? 
B N N 1 ? 
C N N 1 ? 
D N N 1 ? 
E N N 1 ? 
F N N 1 ? 
G N N 2 ? 
H N N 2 ? 
I N N 2 ? 
J N N 2 ? 
# 
_struct_ref.id                         1 
_struct_ref.db_name                    UNP 
_struct_ref.db_code                    IFNA2_HUMAN 
_struct_ref.entity_id                  1 
_struct_ref.pdbx_db_accession          P01563 
_struct_ref.pdbx_align_begin           1 
_struct_ref.pdbx_seq_one_letter_code   
;MALTFALLVALLVLSCKSSCSVGCDLPQTHSLGSRRTLMLLAQMRKISLFSCLKDRHDFGFPQEEFGNQFQKAETIPVLH
EMIQQIFNLFSTKDSSAAWDETLLDKFYTELYQQLNDLEACVIQGVGVTETPLMKEDSILAVRKYFQRITLYLKEKKYSP
CAWEVVRAEIMRSFSLSTNLQESLRSKE
;
_struct_ref.pdbx_db_isoform            ? 
# 
loop_
_struct_ref_seq.align_id 
_struct_ref_seq.ref_id 
_struct_ref_seq.pdbx_PDB_id_code 
_struct_ref_seq.pdbx_strand_id 
_struct_ref_seq.seq_align_beg 
_struct_ref_seq.pdbx_seq_align_beg_ins_code 
_struct_ref_seq.seq_align_end 
_struct_ref_seq.pdbx_seq_align_end_ins_code 
_struct_ref_seq.pdbx_db_accession 
_struct_ref_seq.db_align_beg 
_struct_ref_seq.pdbx_db_align_beg_ins_code 
_struct_ref_seq.db_align_end 
_struct_ref_seq.pdbx_db_align_end_ins_code 
_struct_ref_seq.pdbx_auth_seq_align_beg 
_struct_ref_seq.pdbx_auth_seq_align_end 
1 1 1RH2 A 1 ? 165 ? P01563 24 ? 188 ? 1 165 
2 1 1RH2 B 1 ? 165 ? P01563 24 ? 188 ? 1 165 
3 1 1RH2 C 1 ? 165 ? P01563 24 ? 188 ? 1 165 
4 1 1RH2 D 1 ? 165 ? P01563 24 ? 188 ? 1 165 
5 1 1RH2 E 1 ? 165 ? P01563 24 ? 188 ? 1 165 
6 1 1RH2 F 1 ? 165 ? P01563 24 ? 188 ? 1 165 
# 
loop_
_struct_ref_seq_dif.align_id 
_struct_ref_seq_dif.pdbx_pdb_id_code 
_struct_ref_seq_dif.mon_id 
_struct_ref_seq_dif.pdbx_pdb_strand_id 
_struct_ref_seq_dif.seq_num 
_struct_ref_seq_dif.pdbx_pdb_ins_code 
_struct_ref_seq_dif.pdbx_seq_db_name 
_struct_ref_seq_dif.pdbx_seq_db_accession_code 
_struct_ref_seq_dif.db_mon_id 
_struct_ref_seq_dif.pdbx_seq_db_seq_num 
_struct_ref_seq_dif.details 
_struct_ref_seq_dif.pdbx_auth_seq_num 
_struct_ref_seq_dif.pdbx_ordinal 
1 1RH2 ARG A 23  ? UNP P01563 LYS 46  conflict 23  1  
1 1RH2 ASN A 112 ? UNP P01563 LYS 135 conflict 112 2  
2 1RH2 ARG B 23  ? UNP P01563 LYS 46  conflict 23  3  
2 1RH2 ASN B 112 ? UNP P01563 LYS 135 conflict 112 4  
3 1RH2 ARG C 23  ? UNP P01563 LYS 46  conflict 23  5  
3 1RH2 ASN C 112 ? UNP P01563 LYS 135 conflict 112 6  
4 1RH2 ARG D 23  ? UNP P01563 LYS 46  conflict 23  7  
4 1RH2 ASN D 112 ? UNP P01563 LYS 135 conflict 112 8  
5 1RH2 ARG E 23  ? UNP P01563 LYS 46  conflict 23  9  
5 1RH2 ASN E 112 ? UNP P01563 LYS 135 conflict 112 10 
6 1RH2 ARG F 23  ? UNP P01563 LYS 46  conflict 23  11 
6 1RH2 ASN F 112 ? UNP P01563 LYS 135 conflict 112 12 
# 
loop_
_pdbx_struct_assembly.id 
_pdbx_struct_assembly.details 
_pdbx_struct_assembly.method_details 
_pdbx_struct_assembly.oligomeric_details 
_pdbx_struct_assembly.oligomeric_count 
1 author_defined_assembly ? monomeric 1 
2 author_defined_assembly ? monomeric 1 
3 author_defined_assembly ? monomeric 1 
4 author_defined_assembly ? monomeric 1 
5 author_defined_assembly ? monomeric 1 
6 author_defined_assembly ? monomeric 1 
# 
loop_
_pdbx_struct_assembly_gen.assembly_id 
_pdbx_struct_assembly_gen.oper_expression 
_pdbx_struct_assembly_gen.asym_id_list 
1 1 A,G 
2 1 B,H 
3 1 C,I 
4 1 D   
5 1 E,J 
6 1 F   
# 
_pdbx_struct_oper_list.id                   1 
_pdbx_struct_oper_list.type                 'identity operation' 
_pdbx_struct_oper_list.name                 1_555 
_pdbx_struct_oper_list.symmetry_operation   x,y,z 
_pdbx_struct_oper_list.matrix[1][1]         1.0000000000 
_pdbx_struct_oper_list.matrix[1][2]         0.0000000000 
_pdbx_struct_oper_list.matrix[1][3]         0.0000000000 
_pdbx_struct_oper_list.vector[1]            0.0000000000 
_pdbx_struct_oper_list.matrix[2][1]         0.0000000000 
_pdbx_struct_oper_list.matrix[2][2]         1.0000000000 
_pdbx_struct_oper_list.matrix[2][3]         0.0000000000 
_pdbx_struct_oper_list.vector[2]            0.0000000000 
_pdbx_struct_oper_list.matrix[3][1]         0.0000000000 
_pdbx_struct_oper_list.matrix[3][2]         0.0000000000 
_pdbx_struct_oper_list.matrix[3][3]         1.0000000000 
_pdbx_struct_oper_list.vector[3]            0.0000000000 
# 
loop_
_struct_biol.id 
1 
2 
3 
4 
5 
6 
# 
_pdbx_entry_details.entry_id                 1RH2 
_pdbx_entry_details.compound_details         
;THE DISULFIDE BOND BETWEEN CYS 1 AND CYS 98 IS NOT
OBSERVED.
;
_pdbx_entry_details.source_details           ? 
_pdbx_entry_details.nonpolymer_details       ? 
_pdbx_entry_details.sequence_details         ? 
_pdbx_entry_details.has_ligand_of_interest   ? 
# 
loop_
_pdbx_unobs_or_zero_occ_residues.id 
_pdbx_unobs_or_zero_occ_residues.PDB_model_num 
_pdbx_unobs_or_zero_occ_residues.polymer_flag 
_pdbx_unobs_or_zero_occ_residues.occupancy_flag 
_pdbx_unobs_or_zero_occ_residues.auth_asym_id 
_pdbx_unobs_or_zero_occ_residues.auth_comp_id 
_pdbx_unobs_or_zero_occ_residues.auth_seq_id 
_pdbx_unobs_or_zero_occ_residues.PDB_ins_code 
_pdbx_unobs_or_zero_occ_residues.label_asym_id 
_pdbx_unobs_or_zero_occ_residues.label_comp_id 
_pdbx_unobs_or_zero_occ_residues.label_seq_id 
1   1 Y 1 A CYS 1   ? A CYS 1   
2   1 Y 1 A ASP 2   ? A ASP 2   
3   1 Y 1 A LEU 3   ? A LEU 3   
4   1 Y 1 A PRO 4   ? A PRO 4   
5   1 Y 1 A GLN 5   ? A GLN 5   
6   1 Y 1 A VAL 103 ? A VAL 103 
7   1 Y 1 A GLY 104 ? A GLY 104 
8   1 Y 1 A VAL 105 ? A VAL 105 
9   1 Y 1 A THR 106 ? A THR 106 
10  1 Y 1 A GLU 107 ? A GLU 107 
11  1 Y 1 A THR 108 ? A THR 108 
12  1 Y 1 A PRO 109 ? A PRO 109 
13  1 Y 1 A LEU 110 ? A LEU 110 
14  1 Y 1 A MET 111 ? A MET 111 
15  1 Y 1 A SER 160 ? A SER 160 
16  1 Y 1 A LEU 161 ? A LEU 161 
17  1 Y 1 A ARG 162 ? A ARG 162 
18  1 Y 1 A SER 163 ? A SER 163 
19  1 Y 1 A LYS 164 ? A LYS 164 
20  1 Y 1 A GLU 165 ? A GLU 165 
21  1 Y 1 B CYS 1   ? B CYS 1   
22  1 Y 1 B ASP 2   ? B ASP 2   
23  1 Y 1 B LEU 3   ? B LEU 3   
24  1 Y 1 B PRO 4   ? B PRO 4   
25  1 Y 1 B GLN 5   ? B GLN 5   
26  1 Y 1 B THR 6   ? B THR 6   
27  1 Y 1 B HIS 7   ? B HIS 7   
28  1 Y 1 B ASN 45  ? B ASN 45  
29  1 Y 1 B GLN 46  ? B GLN 46  
30  1 Y 1 B PHE 47  ? B PHE 47  
31  1 Y 1 B GLN 48  ? B GLN 48  
32  1 Y 1 B LYS 49  ? B LYS 49  
33  1 Y 1 B VAL 103 ? B VAL 103 
34  1 Y 1 B GLY 104 ? B GLY 104 
35  1 Y 1 B VAL 105 ? B VAL 105 
36  1 Y 1 B THR 106 ? B THR 106 
37  1 Y 1 B GLU 107 ? B GLU 107 
38  1 Y 1 B THR 108 ? B THR 108 
39  1 Y 1 B PRO 109 ? B PRO 109 
40  1 Y 1 B LEU 110 ? B LEU 110 
41  1 Y 1 B MET 111 ? B MET 111 
42  1 Y 1 B GLU 159 ? B GLU 159 
43  1 Y 1 B SER 160 ? B SER 160 
44  1 Y 1 B LEU 161 ? B LEU 161 
45  1 Y 1 B ARG 162 ? B ARG 162 
46  1 Y 1 B SER 163 ? B SER 163 
47  1 Y 1 B LYS 164 ? B LYS 164 
48  1 Y 1 B GLU 165 ? B GLU 165 
49  1 Y 1 C CYS 1   ? C CYS 1   
50  1 Y 1 C ASP 2   ? C ASP 2   
51  1 Y 1 C LEU 3   ? C LEU 3   
52  1 Y 1 C PRO 4   ? C PRO 4   
53  1 Y 1 C GLN 5   ? C GLN 5   
54  1 Y 1 C THR 6   ? C THR 6   
55  1 Y 1 C HIS 7   ? C HIS 7   
56  1 Y 1 C SER 8   ? C SER 8   
57  1 Y 1 C LEU 9   ? C LEU 9   
58  1 Y 1 C GLY 10  ? C GLY 10  
59  1 Y 1 C ASN 45  ? C ASN 45  
60  1 Y 1 C GLN 46  ? C GLN 46  
61  1 Y 1 C PHE 47  ? C PHE 47  
62  1 Y 1 C GLN 48  ? C GLN 48  
63  1 Y 1 C LYS 49  ? C LYS 49  
64  1 Y 1 C ASN 93  ? C ASN 93  
65  1 Y 1 C ASP 94  ? C ASP 94  
66  1 Y 1 C LEU 95  ? C LEU 95  
67  1 Y 1 C GLU 96  ? C GLU 96  
68  1 Y 1 C ALA 97  ? C ALA 97  
69  1 Y 1 C CYS 98  ? C CYS 98  
70  1 Y 1 C VAL 99  ? C VAL 99  
71  1 Y 1 C ILE 100 ? C ILE 100 
72  1 Y 1 C GLN 101 ? C GLN 101 
73  1 Y 1 C GLY 102 ? C GLY 102 
74  1 Y 1 C VAL 103 ? C VAL 103 
75  1 Y 1 C GLY 104 ? C GLY 104 
76  1 Y 1 C VAL 105 ? C VAL 105 
77  1 Y 1 C THR 106 ? C THR 106 
78  1 Y 1 C GLU 107 ? C GLU 107 
79  1 Y 1 C THR 108 ? C THR 108 
80  1 Y 1 C PRO 109 ? C PRO 109 
81  1 Y 1 C LEU 110 ? C LEU 110 
82  1 Y 1 C MET 111 ? C MET 111 
83  1 Y 1 C LEU 157 ? C LEU 157 
84  1 Y 1 C GLN 158 ? C GLN 158 
85  1 Y 1 C GLU 159 ? C GLU 159 
86  1 Y 1 C SER 160 ? C SER 160 
87  1 Y 1 C LEU 161 ? C LEU 161 
88  1 Y 1 C ARG 162 ? C ARG 162 
89  1 Y 1 C SER 163 ? C SER 163 
90  1 Y 1 C LYS 164 ? C LYS 164 
91  1 Y 1 C GLU 165 ? C GLU 165 
92  1 Y 1 D CYS 1   ? D CYS 1   
93  1 Y 1 D ASP 2   ? D ASP 2   
94  1 Y 1 D LEU 3   ? D LEU 3   
95  1 Y 1 D PRO 4   ? D PRO 4   
96  1 Y 1 D GLN 5   ? D GLN 5   
97  1 Y 1 D THR 6   ? D THR 6   
98  1 Y 1 D HIS 7   ? D HIS 7   
99  1 Y 1 D ASN 45  ? D ASN 45  
100 1 Y 1 D GLN 46  ? D GLN 46  
101 1 Y 1 D PHE 47  ? D PHE 47  
102 1 Y 1 D GLN 48  ? D GLN 48  
103 1 Y 1 D LYS 49  ? D LYS 49  
104 1 Y 1 D ALA 97  ? D ALA 97  
105 1 Y 1 D CYS 98  ? D CYS 98  
106 1 Y 1 D VAL 99  ? D VAL 99  
107 1 Y 1 D ILE 100 ? D ILE 100 
108 1 Y 1 D GLN 101 ? D GLN 101 
109 1 Y 1 D GLY 102 ? D GLY 102 
110 1 Y 1 D VAL 103 ? D VAL 103 
111 1 Y 1 D GLY 104 ? D GLY 104 
112 1 Y 1 D VAL 105 ? D VAL 105 
113 1 Y 1 D THR 106 ? D THR 106 
114 1 Y 1 D GLU 107 ? D GLU 107 
115 1 Y 1 D THR 108 ? D THR 108 
116 1 Y 1 D PRO 109 ? D PRO 109 
117 1 Y 1 D LEU 110 ? D LEU 110 
118 1 Y 1 D MET 111 ? D MET 111 
119 1 Y 1 D GLU 159 ? D GLU 159 
120 1 Y 1 D SER 160 ? D SER 160 
121 1 Y 1 D LEU 161 ? D LEU 161 
122 1 Y 1 D ARG 162 ? D ARG 162 
123 1 Y 1 D SER 163 ? D SER 163 
124 1 Y 1 D LYS 164 ? D LYS 164 
125 1 Y 1 D GLU 165 ? D GLU 165 
126 1 Y 1 E CYS 1   ? E CYS 1   
127 1 Y 1 E ASP 2   ? E ASP 2   
128 1 Y 1 E LEU 3   ? E LEU 3   
129 1 Y 1 E PRO 4   ? E PRO 4   
130 1 Y 1 E GLN 5   ? E GLN 5   
131 1 Y 1 E THR 6   ? E THR 6   
132 1 Y 1 E HIS 7   ? E HIS 7   
133 1 Y 1 E ASN 45  ? E ASN 45  
134 1 Y 1 E GLN 46  ? E GLN 46  
135 1 Y 1 E PHE 47  ? E PHE 47  
136 1 Y 1 E GLN 48  ? E GLN 48  
137 1 Y 1 E LYS 49  ? E LYS 49  
138 1 Y 1 E CYS 98  ? E CYS 98  
139 1 Y 1 E VAL 99  ? E VAL 99  
140 1 Y 1 E ILE 100 ? E ILE 100 
141 1 Y 1 E GLN 101 ? E GLN 101 
142 1 Y 1 E GLY 102 ? E GLY 102 
143 1 Y 1 E VAL 103 ? E VAL 103 
144 1 Y 1 E GLY 104 ? E GLY 104 
145 1 Y 1 E VAL 105 ? E VAL 105 
146 1 Y 1 E THR 106 ? E THR 106 
147 1 Y 1 E GLU 107 ? E GLU 107 
148 1 Y 1 E THR 108 ? E THR 108 
149 1 Y 1 E PRO 109 ? E PRO 109 
150 1 Y 1 E LEU 110 ? E LEU 110 
151 1 Y 1 E MET 111 ? E MET 111 
152 1 Y 1 E GLU 159 ? E GLU 159 
153 1 Y 1 E SER 160 ? E SER 160 
154 1 Y 1 E LEU 161 ? E LEU 161 
155 1 Y 1 E ARG 162 ? E ARG 162 
156 1 Y 1 E SER 163 ? E SER 163 
157 1 Y 1 E LYS 164 ? E LYS 164 
158 1 Y 1 E GLU 165 ? E GLU 165 
159 1 Y 1 F CYS 1   ? F CYS 1   
160 1 Y 1 F ASP 2   ? F ASP 2   
161 1 Y 1 F LEU 3   ? F LEU 3   
162 1 Y 1 F PRO 4   ? F PRO 4   
163 1 Y 1 F GLN 5   ? F GLN 5   
164 1 Y 1 F THR 6   ? F THR 6   
165 1 Y 1 F HIS 7   ? F HIS 7   
166 1 Y 1 F SER 8   ? F SER 8   
167 1 Y 1 F LEU 9   ? F LEU 9   
168 1 Y 1 F GLY 44  ? F GLY 44  
169 1 Y 1 F ASN 45  ? F ASN 45  
170 1 Y 1 F GLN 46  ? F GLN 46  
171 1 Y 1 F PHE 47  ? F PHE 47  
172 1 Y 1 F GLN 48  ? F GLN 48  
173 1 Y 1 F LYS 49  ? F LYS 49  
174 1 Y 1 F ALA 50  ? F ALA 50  
175 1 Y 1 F GLU 51  ? F GLU 51  
176 1 Y 1 F ASN 93  ? F ASN 93  
177 1 Y 1 F ASP 94  ? F ASP 94  
178 1 Y 1 F LEU 95  ? F LEU 95  
179 1 Y 1 F GLU 96  ? F GLU 96  
180 1 Y 1 F ALA 97  ? F ALA 97  
181 1 Y 1 F CYS 98  ? F CYS 98  
182 1 Y 1 F VAL 99  ? F VAL 99  
183 1 Y 1 F ILE 100 ? F ILE 100 
184 1 Y 1 F GLN 101 ? F GLN 101 
185 1 Y 1 F GLY 102 ? F GLY 102 
186 1 Y 1 F VAL 103 ? F VAL 103 
187 1 Y 1 F GLY 104 ? F GLY 104 
188 1 Y 1 F VAL 105 ? F VAL 105 
189 1 Y 1 F THR 106 ? F THR 106 
190 1 Y 1 F GLU 107 ? F GLU 107 
191 1 Y 1 F THR 108 ? F THR 108 
192 1 Y 1 F PRO 109 ? F PRO 109 
193 1 Y 1 F LEU 110 ? F LEU 110 
194 1 Y 1 F MET 111 ? F MET 111 
195 1 Y 1 F LEU 157 ? F LEU 157 
196 1 Y 1 F GLN 158 ? F GLN 158 
197 1 Y 1 F GLU 159 ? F GLU 159 
198 1 Y 1 F SER 160 ? F SER 160 
199 1 Y 1 F LEU 161 ? F LEU 161 
200 1 Y 1 F ARG 162 ? F ARG 162 
201 1 Y 1 F SER 163 ? F SER 163 
202 1 Y 1 F LYS 164 ? F LYS 164 
203 1 Y 1 F GLU 165 ? F GLU 165 
# 
loop_
_chem_comp_atom.comp_id 
_chem_comp_atom.atom_id 
_chem_comp_atom.type_symbol 
_chem_comp_atom.pdbx_aromatic_flag 
_chem_comp_atom.pdbx_stereo_config 
_chem_comp_atom.pdbx_ordinal 
ALA N    N  N N 1   
ALA CA   C  N S 2   
ALA C    C  N N 3   
ALA O    O  N N 4   
ALA CB   C  N N 5   
ALA OXT  O  N N 6   
ALA H    H  N N 7   
ALA H2   H  N N 8   
ALA HA   H  N N 9   
ALA HB1  H  N N 10  
ALA HB2  H  N N 11  
ALA HB3  H  N N 12  
ALA HXT  H  N N 13  
ARG N    N  N N 14  
ARG CA   C  N S 15  
ARG C    C  N N 16  
ARG O    O  N N 17  
ARG CB   C  N N 18  
ARG CG   C  N N 19  
ARG CD   C  N N 20  
ARG NE   N  N N 21  
ARG CZ   C  N N 22  
ARG NH1  N  N N 23  
ARG NH2  N  N N 24  
ARG OXT  O  N N 25  
ARG H    H  N N 26  
ARG H2   H  N N 27  
ARG HA   H  N N 28  
ARG HB2  H  N N 29  
ARG HB3  H  N N 30  
ARG HG2  H  N N 31  
ARG HG3  H  N N 32  
ARG HD2  H  N N 33  
ARG HD3  H  N N 34  
ARG HE   H  N N 35  
ARG HH11 H  N N 36  
ARG HH12 H  N N 37  
ARG HH21 H  N N 38  
ARG HH22 H  N N 39  
ARG HXT  H  N N 40  
ASN N    N  N N 41  
ASN CA   C  N S 42  
ASN C    C  N N 43  
ASN O    O  N N 44  
ASN CB   C  N N 45  
ASN CG   C  N N 46  
ASN OD1  O  N N 47  
ASN ND2  N  N N 48  
ASN OXT  O  N N 49  
ASN H    H  N N 50  
ASN H2   H  N N 51  
ASN HA   H  N N 52  
ASN HB2  H  N N 53  
ASN HB3  H  N N 54  
ASN HD21 H  N N 55  
ASN HD22 H  N N 56  
ASN HXT  H  N N 57  
ASP N    N  N N 58  
ASP CA   C  N S 59  
ASP C    C  N N 60  
ASP O    O  N N 61  
ASP CB   C  N N 62  
ASP CG   C  N N 63  
ASP OD1  O  N N 64  
ASP OD2  O  N N 65  
ASP OXT  O  N N 66  
ASP H    H  N N 67  
ASP H2   H  N N 68  
ASP HA   H  N N 69  
ASP HB2  H  N N 70  
ASP HB3  H  N N 71  
ASP HD2  H  N N 72  
ASP HXT  H  N N 73  
CYS N    N  N N 74  
CYS CA   C  N R 75  
CYS C    C  N N 76  
CYS O    O  N N 77  
CYS CB   C  N N 78  
CYS SG   S  N N 79  
CYS OXT  O  N N 80  
CYS H    H  N N 81  
CYS H2   H  N N 82  
CYS HA   H  N N 83  
CYS HB2  H  N N 84  
CYS HB3  H  N N 85  
CYS HG   H  N N 86  
CYS HXT  H  N N 87  
GLN N    N  N N 88  
GLN CA   C  N S 89  
GLN C    C  N N 90  
GLN O    O  N N 91  
GLN CB   C  N N 92  
GLN CG   C  N N 93  
GLN CD   C  N N 94  
GLN OE1  O  N N 95  
GLN NE2  N  N N 96  
GLN OXT  O  N N 97  
GLN H    H  N N 98  
GLN H2   H  N N 99  
GLN HA   H  N N 100 
GLN HB2  H  N N 101 
GLN HB3  H  N N 102 
GLN HG2  H  N N 103 
GLN HG3  H  N N 104 
GLN HE21 H  N N 105 
GLN HE22 H  N N 106 
GLN HXT  H  N N 107 
GLU N    N  N N 108 
GLU CA   C  N S 109 
GLU C    C  N N 110 
GLU O    O  N N 111 
GLU CB   C  N N 112 
GLU CG   C  N N 113 
GLU CD   C  N N 114 
GLU OE1  O  N N 115 
GLU OE2  O  N N 116 
GLU OXT  O  N N 117 
GLU H    H  N N 118 
GLU H2   H  N N 119 
GLU HA   H  N N 120 
GLU HB2  H  N N 121 
GLU HB3  H  N N 122 
GLU HG2  H  N N 123 
GLU HG3  H  N N 124 
GLU HE2  H  N N 125 
GLU HXT  H  N N 126 
GLY N    N  N N 127 
GLY CA   C  N N 128 
GLY C    C  N N 129 
GLY O    O  N N 130 
GLY OXT  O  N N 131 
GLY H    H  N N 132 
GLY H2   H  N N 133 
GLY HA2  H  N N 134 
GLY HA3  H  N N 135 
GLY HXT  H  N N 136 
HIS N    N  N N 137 
HIS CA   C  N S 138 
HIS C    C  N N 139 
HIS O    O  N N 140 
HIS CB   C  N N 141 
HIS CG   C  Y N 142 
HIS ND1  N  Y N 143 
HIS CD2  C  Y N 144 
HIS CE1  C  Y N 145 
HIS NE2  N  Y N 146 
HIS OXT  O  N N 147 
HIS H    H  N N 148 
HIS H2   H  N N 149 
HIS HA   H  N N 150 
HIS HB2  H  N N 151 
HIS HB3  H  N N 152 
HIS HD1  H  N N 153 
HIS HD2  H  N N 154 
HIS HE1  H  N N 155 
HIS HE2  H  N N 156 
HIS HXT  H  N N 157 
ILE N    N  N N 158 
ILE CA   C  N S 159 
ILE C    C  N N 160 
ILE O    O  N N 161 
ILE CB   C  N S 162 
ILE CG1  C  N N 163 
ILE CG2  C  N N 164 
ILE CD1  C  N N 165 
ILE OXT  O  N N 166 
ILE H    H  N N 167 
ILE H2   H  N N 168 
ILE HA   H  N N 169 
ILE HB   H  N N 170 
ILE HG12 H  N N 171 
ILE HG13 H  N N 172 
ILE HG21 H  N N 173 
ILE HG22 H  N N 174 
ILE HG23 H  N N 175 
ILE HD11 H  N N 176 
ILE HD12 H  N N 177 
ILE HD13 H  N N 178 
ILE HXT  H  N N 179 
LEU N    N  N N 180 
LEU CA   C  N S 181 
LEU C    C  N N 182 
LEU O    O  N N 183 
LEU CB   C  N N 184 
LEU CG   C  N N 185 
LEU CD1  C  N N 186 
LEU CD2  C  N N 187 
LEU OXT  O  N N 188 
LEU H    H  N N 189 
LEU H2   H  N N 190 
LEU HA   H  N N 191 
LEU HB2  H  N N 192 
LEU HB3  H  N N 193 
LEU HG   H  N N 194 
LEU HD11 H  N N 195 
LEU HD12 H  N N 196 
LEU HD13 H  N N 197 
LEU HD21 H  N N 198 
LEU HD22 H  N N 199 
LEU HD23 H  N N 200 
LEU HXT  H  N N 201 
LYS N    N  N N 202 
LYS CA   C  N S 203 
LYS C    C  N N 204 
LYS O    O  N N 205 
LYS CB   C  N N 206 
LYS CG   C  N N 207 
LYS CD   C  N N 208 
LYS CE   C  N N 209 
LYS NZ   N  N N 210 
LYS OXT  O  N N 211 
LYS H    H  N N 212 
LYS H2   H  N N 213 
LYS HA   H  N N 214 
LYS HB2  H  N N 215 
LYS HB3  H  N N 216 
LYS HG2  H  N N 217 
LYS HG3  H  N N 218 
LYS HD2  H  N N 219 
LYS HD3  H  N N 220 
LYS HE2  H  N N 221 
LYS HE3  H  N N 222 
LYS HZ1  H  N N 223 
LYS HZ2  H  N N 224 
LYS HZ3  H  N N 225 
LYS HXT  H  N N 226 
MET N    N  N N 227 
MET CA   C  N S 228 
MET C    C  N N 229 
MET O    O  N N 230 
MET CB   C  N N 231 
MET CG   C  N N 232 
MET SD   S  N N 233 
MET CE   C  N N 234 
MET OXT  O  N N 235 
MET H    H  N N 236 
MET H2   H  N N 237 
MET HA   H  N N 238 
MET HB2  H  N N 239 
MET HB3  H  N N 240 
MET HG2  H  N N 241 
MET HG3  H  N N 242 
MET HE1  H  N N 243 
MET HE2  H  N N 244 
MET HE3  H  N N 245 
MET HXT  H  N N 246 
PHE N    N  N N 247 
PHE CA   C  N S 248 
PHE C    C  N N 249 
PHE O    O  N N 250 
PHE CB   C  N N 251 
PHE CG   C  Y N 252 
PHE CD1  C  Y N 253 
PHE CD2  C  Y N 254 
PHE CE1  C  Y N 255 
PHE CE2  C  Y N 256 
PHE CZ   C  Y N 257 
PHE OXT  O  N N 258 
PHE H    H  N N 259 
PHE H2   H  N N 260 
PHE HA   H  N N 261 
PHE HB2  H  N N 262 
PHE HB3  H  N N 263 
PHE HD1  H  N N 264 
PHE HD2  H  N N 265 
PHE HE1  H  N N 266 
PHE HE2  H  N N 267 
PHE HZ   H  N N 268 
PHE HXT  H  N N 269 
PRO N    N  N N 270 
PRO CA   C  N S 271 
PRO C    C  N N 272 
PRO O    O  N N 273 
PRO CB   C  N N 274 
PRO CG   C  N N 275 
PRO CD   C  N N 276 
PRO OXT  O  N N 277 
PRO H    H  N N 278 
PRO HA   H  N N 279 
PRO HB2  H  N N 280 
PRO HB3  H  N N 281 
PRO HG2  H  N N 282 
PRO HG3  H  N N 283 
PRO HD2  H  N N 284 
PRO HD3  H  N N 285 
PRO HXT  H  N N 286 
SER N    N  N N 287 
SER CA   C  N S 288 
SER C    C  N N 289 
SER O    O  N N 290 
SER CB   C  N N 291 
SER OG   O  N N 292 
SER OXT  O  N N 293 
SER H    H  N N 294 
SER H2   H  N N 295 
SER HA   H  N N 296 
SER HB2  H  N N 297 
SER HB3  H  N N 298 
SER HG   H  N N 299 
SER HXT  H  N N 300 
THR N    N  N N 301 
THR CA   C  N S 302 
THR C    C  N N 303 
THR O    O  N N 304 
THR CB   C  N R 305 
THR OG1  O  N N 306 
THR CG2  C  N N 307 
THR OXT  O  N N 308 
THR H    H  N N 309 
THR H2   H  N N 310 
THR HA   H  N N 311 
THR HB   H  N N 312 
THR HG1  H  N N 313 
THR HG21 H  N N 314 
THR HG22 H  N N 315 
THR HG23 H  N N 316 
THR HXT  H  N N 317 
TRP N    N  N N 318 
TRP CA   C  N S 319 
TRP C    C  N N 320 
TRP O    O  N N 321 
TRP CB   C  N N 322 
TRP CG   C  Y N 323 
TRP CD1  C  Y N 324 
TRP CD2  C  Y N 325 
TRP NE1  N  Y N 326 
TRP CE2  C  Y N 327 
TRP CE3  C  Y N 328 
TRP CZ2  C  Y N 329 
TRP CZ3  C  Y N 330 
TRP CH2  C  Y N 331 
TRP OXT  O  N N 332 
TRP H    H  N N 333 
TRP H2   H  N N 334 
TRP HA   H  N N 335 
TRP HB2  H  N N 336 
TRP HB3  H  N N 337 
TRP HD1  H  N N 338 
TRP HE1  H  N N 339 
TRP HE3  H  N N 340 
TRP HZ2  H  N N 341 
TRP HZ3  H  N N 342 
TRP HH2  H  N N 343 
TRP HXT  H  N N 344 
TYR N    N  N N 345 
TYR CA   C  N S 346 
TYR C    C  N N 347 
TYR O    O  N N 348 
TYR CB   C  N N 349 
TYR CG   C  Y N 350 
TYR CD1  C  Y N 351 
TYR CD2  C  Y N 352 
TYR CE1  C  Y N 353 
TYR CE2  C  Y N 354 
TYR CZ   C  Y N 355 
TYR OH   O  N N 356 
TYR OXT  O  N N 357 
TYR H    H  N N 358 
TYR H2   H  N N 359 
TYR HA   H  N N 360 
TYR HB2  H  N N 361 
TYR HB3  H  N N 362 
TYR HD1  H  N N 363 
TYR HD2  H  N N 364 
TYR HE1  H  N N 365 
TYR HE2  H  N N 366 
TYR HH   H  N N 367 
TYR HXT  H  N N 368 
VAL N    N  N N 369 
VAL CA   C  N S 370 
VAL C    C  N N 371 
VAL O    O  N N 372 
VAL CB   C  N N 373 
VAL CG1  C  N N 374 
VAL CG2  C  N N 375 
VAL OXT  O  N N 376 
VAL H    H  N N 377 
VAL H2   H  N N 378 
VAL HA   H  N N 379 
VAL HB   H  N N 380 
VAL HG11 H  N N 381 
VAL HG12 H  N N 382 
VAL HG13 H  N N 383 
VAL HG21 H  N N 384 
VAL HG22 H  N N 385 
VAL HG23 H  N N 386 
VAL HXT  H  N N 387 
ZN  ZN   ZN N N 388 
# 
loop_
_chem_comp_bond.comp_id 
_chem_comp_bond.atom_id_1 
_chem_comp_bond.atom_id_2 
_chem_comp_bond.value_order 
_chem_comp_bond.pdbx_aromatic_flag 
_chem_comp_bond.pdbx_stereo_config 
_chem_comp_bond.pdbx_ordinal 
ALA N   CA   sing N N 1   
ALA N   H    sing N N 2   
ALA N   H2   sing N N 3   
ALA CA  C    sing N N 4   
ALA CA  CB   sing N N 5   
ALA CA  HA   sing N N 6   
ALA C   O    doub N N 7   
ALA C   OXT  sing N N 8   
ALA CB  HB1  sing N N 9   
ALA CB  HB2  sing N N 10  
ALA CB  HB3  sing N N 11  
ALA OXT HXT  sing N N 12  
ARG N   CA   sing N N 13  
ARG N   H    sing N N 14  
ARG N   H2   sing N N 15  
ARG CA  C    sing N N 16  
ARG CA  CB   sing N N 17  
ARG CA  HA   sing N N 18  
ARG C   O    doub N N 19  
ARG C   OXT  sing N N 20  
ARG CB  CG   sing N N 21  
ARG CB  HB2  sing N N 22  
ARG CB  HB3  sing N N 23  
ARG CG  CD   sing N N 24  
ARG CG  HG2  sing N N 25  
ARG CG  HG3  sing N N 26  
ARG CD  NE   sing N N 27  
ARG CD  HD2  sing N N 28  
ARG CD  HD3  sing N N 29  
ARG NE  CZ   sing N N 30  
ARG NE  HE   sing N N 31  
ARG CZ  NH1  sing N N 32  
ARG CZ  NH2  doub N N 33  
ARG NH1 HH11 sing N N 34  
ARG NH1 HH12 sing N N 35  
ARG NH2 HH21 sing N N 36  
ARG NH2 HH22 sing N N 37  
ARG OXT HXT  sing N N 38  
ASN N   CA   sing N N 39  
ASN N   H    sing N N 40  
ASN N   H2   sing N N 41  
ASN CA  C    sing N N 42  
ASN CA  CB   sing N N 43  
ASN CA  HA   sing N N 44  
ASN C   O    doub N N 45  
ASN C   OXT  sing N N 46  
ASN CB  CG   sing N N 47  
ASN CB  HB2  sing N N 48  
ASN CB  HB3  sing N N 49  
ASN CG  OD1  doub N N 50  
ASN CG  ND2  sing N N 51  
ASN ND2 HD21 sing N N 52  
ASN ND2 HD22 sing N N 53  
ASN OXT HXT  sing N N 54  
ASP N   CA   sing N N 55  
ASP N   H    sing N N 56  
ASP N   H2   sing N N 57  
ASP CA  C    sing N N 58  
ASP CA  CB   sing N N 59  
ASP CA  HA   sing N N 60  
ASP C   O    doub N N 61  
ASP C   OXT  sing N N 62  
ASP CB  CG   sing N N 63  
ASP CB  HB2  sing N N 64  
ASP CB  HB3  sing N N 65  
ASP CG  OD1  doub N N 66  
ASP CG  OD2  sing N N 67  
ASP OD2 HD2  sing N N 68  
ASP OXT HXT  sing N N 69  
CYS N   CA   sing N N 70  
CYS N   H    sing N N 71  
CYS N   H2   sing N N 72  
CYS CA  C    sing N N 73  
CYS CA  CB   sing N N 74  
CYS CA  HA   sing N N 75  
CYS C   O    doub N N 76  
CYS C   OXT  sing N N 77  
CYS CB  SG   sing N N 78  
CYS CB  HB2  sing N N 79  
CYS CB  HB3  sing N N 80  
CYS SG  HG   sing N N 81  
CYS OXT HXT  sing N N 82  
GLN N   CA   sing N N 83  
GLN N   H    sing N N 84  
GLN N   H2   sing N N 85  
GLN CA  C    sing N N 86  
GLN CA  CB   sing N N 87  
GLN CA  HA   sing N N 88  
GLN C   O    doub N N 89  
GLN C   OXT  sing N N 90  
GLN CB  CG   sing N N 91  
GLN CB  HB2  sing N N 92  
GLN CB  HB3  sing N N 93  
GLN CG  CD   sing N N 94  
GLN CG  HG2  sing N N 95  
GLN CG  HG3  sing N N 96  
GLN CD  OE1  doub N N 97  
GLN CD  NE2  sing N N 98  
GLN NE2 HE21 sing N N 99  
GLN NE2 HE22 sing N N 100 
GLN OXT HXT  sing N N 101 
GLU N   CA   sing N N 102 
GLU N   H    sing N N 103 
GLU N   H2   sing N N 104 
GLU CA  C    sing N N 105 
GLU CA  CB   sing N N 106 
GLU CA  HA   sing N N 107 
GLU C   O    doub N N 108 
GLU C   OXT  sing N N 109 
GLU CB  CG   sing N N 110 
GLU CB  HB2  sing N N 111 
GLU CB  HB3  sing N N 112 
GLU CG  CD   sing N N 113 
GLU CG  HG2  sing N N 114 
GLU CG  HG3  sing N N 115 
GLU CD  OE1  doub N N 116 
GLU CD  OE2  sing N N 117 
GLU OE2 HE2  sing N N 118 
GLU OXT HXT  sing N N 119 
GLY N   CA   sing N N 120 
GLY N   H    sing N N 121 
GLY N   H2   sing N N 122 
GLY CA  C    sing N N 123 
GLY CA  HA2  sing N N 124 
GLY CA  HA3  sing N N 125 
GLY C   O    doub N N 126 
GLY C   OXT  sing N N 127 
GLY OXT HXT  sing N N 128 
HIS N   CA   sing N N 129 
HIS N   H    sing N N 130 
HIS N   H2   sing N N 131 
HIS CA  C    sing N N 132 
HIS CA  CB   sing N N 133 
HIS CA  HA   sing N N 134 
HIS C   O    doub N N 135 
HIS C   OXT  sing N N 136 
HIS CB  CG   sing N N 137 
HIS CB  HB2  sing N N 138 
HIS CB  HB3  sing N N 139 
HIS CG  ND1  sing Y N 140 
HIS CG  CD2  doub Y N 141 
HIS ND1 CE1  doub Y N 142 
HIS ND1 HD1  sing N N 143 
HIS CD2 NE2  sing Y N 144 
HIS CD2 HD2  sing N N 145 
HIS CE1 NE2  sing Y N 146 
HIS CE1 HE1  sing N N 147 
HIS NE2 HE2  sing N N 148 
HIS OXT HXT  sing N N 149 
ILE N   CA   sing N N 150 
ILE N   H    sing N N 151 
ILE N   H2   sing N N 152 
ILE CA  C    sing N N 153 
ILE CA  CB   sing N N 154 
ILE CA  HA   sing N N 155 
ILE C   O    doub N N 156 
ILE C   OXT  sing N N 157 
ILE CB  CG1  sing N N 158 
ILE CB  CG2  sing N N 159 
ILE CB  HB   sing N N 160 
ILE CG1 CD1  sing N N 161 
ILE CG1 HG12 sing N N 162 
ILE CG1 HG13 sing N N 163 
ILE CG2 HG21 sing N N 164 
ILE CG2 HG22 sing N N 165 
ILE CG2 HG23 sing N N 166 
ILE CD1 HD11 sing N N 167 
ILE CD1 HD12 sing N N 168 
ILE CD1 HD13 sing N N 169 
ILE OXT HXT  sing N N 170 
LEU N   CA   sing N N 171 
LEU N   H    sing N N 172 
LEU N   H2   sing N N 173 
LEU CA  C    sing N N 174 
LEU CA  CB   sing N N 175 
LEU CA  HA   sing N N 176 
LEU C   O    doub N N 177 
LEU C   OXT  sing N N 178 
LEU CB  CG   sing N N 179 
LEU CB  HB2  sing N N 180 
LEU CB  HB3  sing N N 181 
LEU CG  CD1  sing N N 182 
LEU CG  CD2  sing N N 183 
LEU CG  HG   sing N N 184 
LEU CD1 HD11 sing N N 185 
LEU CD1 HD12 sing N N 186 
LEU CD1 HD13 sing N N 187 
LEU CD2 HD21 sing N N 188 
LEU CD2 HD22 sing N N 189 
LEU CD2 HD23 sing N N 190 
LEU OXT HXT  sing N N 191 
LYS N   CA   sing N N 192 
LYS N   H    sing N N 193 
LYS N   H2   sing N N 194 
LYS CA  C    sing N N 195 
LYS CA  CB   sing N N 196 
LYS CA  HA   sing N N 197 
LYS C   O    doub N N 198 
LYS C   OXT  sing N N 199 
LYS CB  CG   sing N N 200 
LYS CB  HB2  sing N N 201 
LYS CB  HB3  sing N N 202 
LYS CG  CD   sing N N 203 
LYS CG  HG2  sing N N 204 
LYS CG  HG3  sing N N 205 
LYS CD  CE   sing N N 206 
LYS CD  HD2  sing N N 207 
LYS CD  HD3  sing N N 208 
LYS CE  NZ   sing N N 209 
LYS CE  HE2  sing N N 210 
LYS CE  HE3  sing N N 211 
LYS NZ  HZ1  sing N N 212 
LYS NZ  HZ2  sing N N 213 
LYS NZ  HZ3  sing N N 214 
LYS OXT HXT  sing N N 215 
MET N   CA   sing N N 216 
MET N   H    sing N N 217 
MET N   H2   sing N N 218 
MET CA  C    sing N N 219 
MET CA  CB   sing N N 220 
MET CA  HA   sing N N 221 
MET C   O    doub N N 222 
MET C   OXT  sing N N 223 
MET CB  CG   sing N N 224 
MET CB  HB2  sing N N 225 
MET CB  HB3  sing N N 226 
MET CG  SD   sing N N 227 
MET CG  HG2  sing N N 228 
MET CG  HG3  sing N N 229 
MET SD  CE   sing N N 230 
MET CE  HE1  sing N N 231 
MET CE  HE2  sing N N 232 
MET CE  HE3  sing N N 233 
MET OXT HXT  sing N N 234 
PHE N   CA   sing N N 235 
PHE N   H    sing N N 236 
PHE N   H2   sing N N 237 
PHE CA  C    sing N N 238 
PHE CA  CB   sing N N 239 
PHE CA  HA   sing N N 240 
PHE C   O    doub N N 241 
PHE C   OXT  sing N N 242 
PHE CB  CG   sing N N 243 
PHE CB  HB2  sing N N 244 
PHE CB  HB3  sing N N 245 
PHE CG  CD1  doub Y N 246 
PHE CG  CD2  sing Y N 247 
PHE CD1 CE1  sing Y N 248 
PHE CD1 HD1  sing N N 249 
PHE CD2 CE2  doub Y N 250 
PHE CD2 HD2  sing N N 251 
PHE CE1 CZ   doub Y N 252 
PHE CE1 HE1  sing N N 253 
PHE CE2 CZ   sing Y N 254 
PHE CE2 HE2  sing N N 255 
PHE CZ  HZ   sing N N 256 
PHE OXT HXT  sing N N 257 
PRO N   CA   sing N N 258 
PRO N   CD   sing N N 259 
PRO N   H    sing N N 260 
PRO CA  C    sing N N 261 
PRO CA  CB   sing N N 262 
PRO CA  HA   sing N N 263 
PRO C   O    doub N N 264 
PRO C   OXT  sing N N 265 
PRO CB  CG   sing N N 266 
PRO CB  HB2  sing N N 267 
PRO CB  HB3  sing N N 268 
PRO CG  CD   sing N N 269 
PRO CG  HG2  sing N N 270 
PRO CG  HG3  sing N N 271 
PRO CD  HD2  sing N N 272 
PRO CD  HD3  sing N N 273 
PRO OXT HXT  sing N N 274 
SER N   CA   sing N N 275 
SER N   H    sing N N 276 
SER N   H2   sing N N 277 
SER CA  C    sing N N 278 
SER CA  CB   sing N N 279 
SER CA  HA   sing N N 280 
SER C   O    doub N N 281 
SER C   OXT  sing N N 282 
SER CB  OG   sing N N 283 
SER CB  HB2  sing N N 284 
SER CB  HB3  sing N N 285 
SER OG  HG   sing N N 286 
SER OXT HXT  sing N N 287 
THR N   CA   sing N N 288 
THR N   H    sing N N 289 
THR N   H2   sing N N 290 
THR CA  C    sing N N 291 
THR CA  CB   sing N N 292 
THR CA  HA   sing N N 293 
THR C   O    doub N N 294 
THR C   OXT  sing N N 295 
THR CB  OG1  sing N N 296 
THR CB  CG2  sing N N 297 
THR CB  HB   sing N N 298 
THR OG1 HG1  sing N N 299 
THR CG2 HG21 sing N N 300 
THR CG2 HG22 sing N N 301 
THR CG2 HG23 sing N N 302 
THR OXT HXT  sing N N 303 
TRP N   CA   sing N N 304 
TRP N   H    sing N N 305 
TRP N   H2   sing N N 306 
TRP CA  C    sing N N 307 
TRP CA  CB   sing N N 308 
TRP CA  HA   sing N N 309 
TRP C   O    doub N N 310 
TRP C   OXT  sing N N 311 
TRP CB  CG   sing N N 312 
TRP CB  HB2  sing N N 313 
TRP CB  HB3  sing N N 314 
TRP CG  CD1  doub Y N 315 
TRP CG  CD2  sing Y N 316 
TRP CD1 NE1  sing Y N 317 
TRP CD1 HD1  sing N N 318 
TRP CD2 CE2  doub Y N 319 
TRP CD2 CE3  sing Y N 320 
TRP NE1 CE2  sing Y N 321 
TRP NE1 HE1  sing N N 322 
TRP CE2 CZ2  sing Y N 323 
TRP CE3 CZ3  doub Y N 324 
TRP CE3 HE3  sing N N 325 
TRP CZ2 CH2  doub Y N 326 
TRP CZ2 HZ2  sing N N 327 
TRP CZ3 CH2  sing Y N 328 
TRP CZ3 HZ3  sing N N 329 
TRP CH2 HH2  sing N N 330 
TRP OXT HXT  sing N N 331 
TYR N   CA   sing N N 332 
TYR N   H    sing N N 333 
TYR N   H2   sing N N 334 
TYR CA  C    sing N N 335 
TYR CA  CB   sing N N 336 
TYR CA  HA   sing N N 337 
TYR C   O    doub N N 338 
TYR C   OXT  sing N N 339 
TYR CB  CG   sing N N 340 
TYR CB  HB2  sing N N 341 
TYR CB  HB3  sing N N 342 
TYR CG  CD1  doub Y N 343 
TYR CG  CD2  sing Y N 344 
TYR CD1 CE1  sing Y N 345 
TYR CD1 HD1  sing N N 346 
TYR CD2 CE2  doub Y N 347 
TYR CD2 HD2  sing N N 348 
TYR CE1 CZ   doub Y N 349 
TYR CE1 HE1  sing N N 350 
TYR CE2 CZ   sing Y N 351 
TYR CE2 HE2  sing N N 352 
TYR CZ  OH   sing N N 353 
TYR OH  HH   sing N N 354 
TYR OXT HXT  sing N N 355 
VAL N   CA   sing N N 356 
VAL N   H    sing N N 357 
VAL N   H2   sing N N 358 
VAL CA  C    sing N N 359 
VAL CA  CB   sing N N 360 
VAL CA  HA   sing N N 361 
VAL C   O    doub N N 362 
VAL C   OXT  sing N N 363 
VAL CB  CG1  sing N N 364 
VAL CB  CG2  sing N N 365 
VAL CB  HB   sing N N 366 
VAL CG1 HG11 sing N N 367 
VAL CG1 HG12 sing N N 368 
VAL CG1 HG13 sing N N 369 
VAL CG2 HG21 sing N N 370 
VAL CG2 HG22 sing N N 371 
VAL CG2 HG23 sing N N 372 
VAL OXT HXT  sing N N 373 
# 
loop_
_pdbx_coordinate_model.asym_id 
_pdbx_coordinate_model.type 
A 'CA ATOMS ONLY' 
B 'CA ATOMS ONLY' 
C 'CA ATOMS ONLY' 
D 'CA ATOMS ONLY' 
E 'CA ATOMS ONLY' 
F 'CA ATOMS ONLY' 
# 
_atom_sites.entry_id                    1RH2 
_atom_sites.fract_transf_matrix[1][1]   0.00937376 
_atom_sites.fract_transf_matrix[1][2]   -0.00336720 
_atom_sites.fract_transf_matrix[1][3]   -0.01255697 
_atom_sites.fract_transf_matrix[2][1]   0.00640088 
_atom_sites.fract_transf_matrix[2][2]   0.01146997 
_atom_sites.fract_transf_matrix[2][3]   0.00170253 
_atom_sites.fract_transf_matrix[3][1]   0.00445078 
_atom_sites.fract_transf_matrix[3][2]   -0.00308175 
_atom_sites.fract_transf_matrix[3][3]   0.00402851 
_atom_sites.fract_transf_vector[1]      0.790736 
_atom_sites.fract_transf_vector[2]      0.557026 
_atom_sites.fract_transf_vector[3]      0.270261 
# 
loop_
_atom_type.symbol 
C  
ZN 
# 
loop_
_atom_site.group_PDB 
_atom_site.id 
_atom_site.type_symbol 
_atom_site.label_atom_id 
_atom_site.label_alt_id 
_atom_site.label_comp_id 
_atom_site.label_asym_id 
_atom_site.label_entity_id 
_atom_site.label_seq_id 
_atom_site.pdbx_PDB_ins_code 
_atom_site.Cartn_x 
_atom_site.Cartn_y 
_atom_site.Cartn_z 
_atom_site.occupancy 
_atom_site.B_iso_or_equiv 
_atom_site.pdbx_formal_charge 
_atom_site.auth_seq_id 
_atom_site.auth_comp_id 
_atom_site.auth_asym_id 
_atom_site.auth_atom_id 
_atom_site.pdbx_PDB_model_num 
ATOM   1   C  CA . THR A 1 6   ? 40.388  11.461  29.176  1.00 28.57 ? 6    THR A CA 1 
ATOM   2   C  CA . HIS A 1 7   ? 39.492  7.934   30.248  1.00 51.94 ? 7    HIS A CA 1 
ATOM   3   C  CA . SER A 1 8   ? 38.064  7.232   33.642  1.00 32.72 ? 8    SER A CA 1 
ATOM   4   C  CA . LEU A 1 9   ? 40.804  6.351   36.114  1.00 20.92 ? 9    LEU A CA 1 
ATOM   5   C  CA . GLY A 1 10  ? 38.304  5.282   38.755  1.00 22.65 ? 10   GLY A CA 1 
ATOM   6   C  CA . SER A 1 11  ? 37.251  2.805   36.069  1.00 16.68 ? 11   SER A CA 1 
ATOM   7   C  CA . ARG A 1 12  ? 40.823  1.675   35.412  1.00 5.00  ? 12   ARG A CA 1 
ATOM   8   C  CA . ARG A 1 13  ? 41.323  1.186   39.133  1.00 19.95 ? 13   ARG A CA 1 
ATOM   9   C  CA . THR A 1 14  ? 38.111  -0.798  39.569  1.00 28.99 ? 14   THR A CA 1 
ATOM   10  C  CA . LEU A 1 15  ? 39.224  -3.350  36.966  1.00 24.32 ? 15   LEU A CA 1 
ATOM   11  C  CA . MET A 1 16  ? 42.696  -3.467  38.489  1.00 16.67 ? 16   MET A CA 1 
ATOM   12  C  CA . LEU A 1 17  ? 40.984  -4.425  41.804  1.00 5.00  ? 17   LEU A CA 1 
ATOM   13  C  CA . LEU A 1 18  ? 38.718  -7.067  40.210  1.00 20.81 ? 18   LEU A CA 1 
ATOM   14  C  CA . ALA A 1 19  ? 41.755  -8.496  38.484  1.00 24.13 ? 19   ALA A CA 1 
ATOM   15  C  CA . GLN A 1 20  ? 43.608  -8.616  41.842  1.00 17.51 ? 20   GLN A CA 1 
ATOM   16  C  CA . MET A 1 21  ? 40.658  -10.348 43.511  1.00 12.53 ? 21   MET A CA 1 
ATOM   17  C  CA . ARG A 1 22  ? 40.997  -13.476 41.292  1.00 16.36 ? 22   ARG A CA 1 
ATOM   18  C  CA . ARG A 1 23  ? 41.437  -16.688 43.324  1.00 25.47 ? 23   ARG A CA 1 
ATOM   19  C  CA . ILE A 1 24  ? 40.963  -19.868 41.353  1.00 41.39 ? 24   ILE A CA 1 
ATOM   20  C  CA . SER A 1 25  ? 40.958  -20.296 37.575  1.00 38.29 ? 25   SER A CA 1 
ATOM   21  C  CA . LEU A 1 26  ? 38.038  -19.720 35.225  1.00 58.58 ? 26   LEU A CA 1 
ATOM   22  C  CA . PHE A 1 27  ? 39.401  -22.689 33.268  1.00 74.28 ? 27   PHE A CA 1 
ATOM   23  C  CA . SER A 1 28  ? 39.091  -24.808 36.362  1.00 80.86 ? 28   SER A CA 1 
ATOM   24  C  CA . CYS A 1 29  ? 35.337  -23.983 36.130  1.00 55.96 ? 29   CYS A CA 1 
ATOM   25  C  CA . LEU A 1 30  ? 34.335  -24.748 32.508  1.00 55.96 ? 30   LEU A CA 1 
ATOM   26  C  CA . LYS A 1 31  ? 31.383  -26.812 33.741  1.00 73.02 ? 31   LYS A CA 1 
ATOM   27  C  CA . ASP A 1 32  ? 30.082  -23.546 35.206  1.00 51.19 ? 32   ASP A CA 1 
ATOM   28  C  CA . ARG A 1 33  ? 30.720  -21.340 32.139  1.00 55.79 ? 33   ARG A CA 1 
ATOM   29  C  CA . HIS A 1 34  ? 27.595  -19.398 31.186  1.00 37.76 ? 34   HIS A CA 1 
ATOM   30  C  CA . ASP A 1 35  ? 26.453  -16.433 29.064  1.00 25.49 ? 35   ASP A CA 1 
ATOM   31  C  CA . PHE A 1 36  ? 24.467  -13.777 30.948  1.00 13.55 ? 36   PHE A CA 1 
ATOM   32  C  CA . GLY A 1 37  ? 23.412  -11.827 27.859  1.00 13.94 ? 37   GLY A CA 1 
ATOM   33  C  CA . PHE A 1 38  ? 24.907  -8.461  28.775  1.00 11.18 ? 38   PHE A CA 1 
ATOM   34  C  CA . PRO A 1 39  ? 23.102  -5.631  26.861  1.00 5.00  ? 39   PRO A CA 1 
ATOM   35  C  CA . GLN A 1 40  ? 26.169  -3.967  25.449  1.00 23.64 ? 40   GLN A CA 1 
ATOM   36  C  CA . GLU A 1 41  ? 23.948  -2.284  22.882  1.00 5.00  ? 41   GLU A CA 1 
ATOM   37  C  CA . GLU A 1 42  ? 22.678  -0.049  25.644  1.00 19.78 ? 42   GLU A CA 1 
ATOM   38  C  CA . PHE A 1 43  ? 26.070  1.617   25.679  1.00 23.28 ? 43   PHE A CA 1 
ATOM   39  C  CA . GLY A 1 44  ? 26.575  1.482   21.937  1.00 47.92 ? 44   GLY A CA 1 
ATOM   40  C  CA . ASN A 1 45  ? 26.715  4.061   19.171  1.00 43.86 ? 45   ASN A CA 1 
ATOM   41  C  CA . GLN A 1 46  ? 23.047  4.047   18.406  1.00 38.23 ? 46   GLN A CA 1 
ATOM   42  C  CA . PHE A 1 47  ? 23.646  6.911   20.945  1.00 44.55 ? 47   PHE A CA 1 
ATOM   43  C  CA . GLN A 1 48  ? 26.453  7.851   23.404  1.00 67.39 ? 48   GLN A CA 1 
ATOM   44  C  CA . LYS A 1 49  ? 28.454  9.864   25.943  1.00 66.29 ? 49   LYS A CA 1 
ATOM   45  C  CA . ALA A 1 50  ? 25.527  11.295  27.927  1.00 19.72 ? 50   ALA A CA 1 
ATOM   46  C  CA . GLU A 1 51  ? 22.639  9.553   26.366  1.00 27.25 ? 51   GLU A CA 1 
ATOM   47  C  CA . THR A 1 52  ? 24.241  6.531   28.052  1.00 10.24 ? 52   THR A CA 1 
ATOM   48  C  CA . ILE A 1 53  ? 25.225  7.892   31.501  1.00 16.77 ? 53   ILE A CA 1 
ATOM   49  C  CA . PRO A 1 54  ? 22.001  6.621   33.102  1.00 14.43 ? 54   PRO A CA 1 
ATOM   50  C  CA . VAL A 1 55  ? 22.898  3.005   32.223  1.00 16.73 ? 55   VAL A CA 1 
ATOM   51  C  CA . LEU A 1 56  ? 26.641  3.227   32.964  1.00 12.83 ? 56   LEU A CA 1 
ATOM   52  C  CA . HIS A 1 57  ? 25.663  4.735   36.305  1.00 13.54 ? 57   HIS A CA 1 
ATOM   53  C  CA . GLU A 1 58  ? 23.119  1.968   36.836  1.00 19.46 ? 58   GLU A CA 1 
ATOM   54  C  CA . MET A 1 59  ? 25.826  -0.550  35.925  1.00 14.16 ? 59   MET A CA 1 
ATOM   55  C  CA . ILE A 1 60  ? 28.102  0.766   38.636  1.00 10.17 ? 60   ILE A CA 1 
ATOM   56  C  CA . GLN A 1 61  ? 25.372  0.934   41.325  1.00 5.00  ? 61   GLN A CA 1 
ATOM   57  C  CA . GLN A 1 62  ? 24.590  -2.668  40.505  1.00 10.50 ? 62   GLN A CA 1 
ATOM   58  C  CA . ILE A 1 63  ? 28.281  -3.729  40.637  1.00 19.02 ? 63   ILE A CA 1 
ATOM   59  C  CA . PHE A 1 64  ? 28.552  -2.259  44.104  1.00 16.98 ? 64   PHE A CA 1 
ATOM   60  C  CA . ASN A 1 65  ? 25.321  -4.087  45.023  1.00 10.85 ? 65   ASN A CA 1 
ATOM   61  C  CA . LEU A 1 66  ? 26.632  -7.449  43.849  1.00 16.94 ? 66   LEU A CA 1 
ATOM   62  C  CA . PHE A 1 67  ? 29.947  -7.148  45.636  1.00 18.03 ? 67   PHE A CA 1 
ATOM   63  C  CA . SER A 1 68  ? 28.642  -5.724  48.898  1.00 29.59 ? 68   SER A CA 1 
ATOM   64  C  CA . THR A 1 69  ? 26.658  -8.722  50.185  1.00 5.00  ? 69   THR A CA 1 
ATOM   65  C  CA . LYS A 1 70  ? 27.463  -11.189 52.952  1.00 38.10 ? 70   LYS A CA 1 
ATOM   66  C  CA . ASP A 1 71  ? 28.122  -13.735 50.265  1.00 12.62 ? 71   ASP A CA 1 
ATOM   67  C  CA . SER A 1 72  ? 30.545  -11.448 48.517  1.00 20.56 ? 72   SER A CA 1 
ATOM   68  C  CA . SER A 1 73  ? 32.531  -10.790 51.657  1.00 20.57 ? 73   SER A CA 1 
ATOM   69  C  CA . ALA A 1 74  ? 32.752  -14.492 52.223  1.00 29.57 ? 74   ALA A CA 1 
ATOM   70  C  CA . ALA A 1 75  ? 34.204  -14.855 48.779  1.00 31.45 ? 75   ALA A CA 1 
ATOM   71  C  CA . TRP A 1 76  ? 36.576  -12.007 48.159  1.00 25.72 ? 76   TRP A CA 1 
ATOM   72  C  CA . ASP A 1 77  ? 39.440  -10.366 50.000  1.00 18.37 ? 77   ASP A CA 1 
ATOM   73  C  CA . GLU A 1 78  ? 38.327  -7.842  52.589  1.00 18.45 ? 78   GLU A CA 1 
ATOM   74  C  CA . THR A 1 79  ? 40.938  -5.189  51.770  1.00 25.27 ? 79   THR A CA 1 
ATOM   75  C  CA . LEU A 1 80  ? 40.453  -5.492  48.032  1.00 35.83 ? 80   LEU A CA 1 
ATOM   76  C  CA . LEU A 1 81  ? 36.682  -5.170  48.470  1.00 23.27 ? 81   LEU A CA 1 
ATOM   77  C  CA . ASP A 1 82  ? 37.012  -2.122  50.698  1.00 25.75 ? 82   ASP A CA 1 
ATOM   78  C  CA . LYS A 1 83  ? 39.219  -0.526  48.011  1.00 22.00 ? 83   LYS A CA 1 
ATOM   79  C  CA . PHE A 1 84  ? 36.807  -1.661  45.291  1.00 27.94 ? 84   PHE A CA 1 
ATOM   80  C  CA . TYR A 1 85  ? 33.784  0.086   46.848  1.00 5.00  ? 85   TYR A CA 1 
ATOM   81  C  CA . THR A 1 86  ? 35.621  3.374   47.176  1.00 5.00  ? 86   THR A CA 1 
ATOM   82  C  CA . GLU A 1 87  ? 36.234  3.365   43.455  1.00 5.00  ? 87   GLU A CA 1 
ATOM   83  C  CA . LEU A 1 88  ? 32.545  2.656   42.916  1.00 16.03 ? 88   LEU A CA 1 
ATOM   84  C  CA . TYR A 1 89  ? 31.172  5.544   44.934  1.00 22.60 ? 89   TYR A CA 1 
ATOM   85  C  CA . GLN A 1 90  ? 33.732  7.872   43.394  1.00 20.97 ? 90   GLN A CA 1 
ATOM   86  C  CA . GLN A 1 91  ? 32.383  7.154   39.912  1.00 18.27 ? 91   GLN A CA 1 
ATOM   87  C  CA . LEU A 1 92  ? 28.709  7.254   41.007  1.00 5.00  ? 92   LEU A CA 1 
ATOM   88  C  CA . ASN A 1 93  ? 29.704  10.702  42.282  1.00 17.50 ? 93   ASN A CA 1 
ATOM   89  C  CA . ASP A 1 94  ? 31.323  11.959  39.157  1.00 46.77 ? 94   ASP A CA 1 
ATOM   90  C  CA . LEU A 1 95  ? 28.561  10.674  36.914  1.00 26.96 ? 95   LEU A CA 1 
ATOM   91  C  CA . GLU A 1 96  ? 25.967  12.218  39.286  1.00 12.62 ? 96   GLU A CA 1 
ATOM   92  C  CA . ALA A 1 97  ? 27.565  15.514  40.282  1.00 20.45 ? 97   ALA A CA 1 
ATOM   93  C  CA . CYS A 1 98  ? 27.977  16.446  36.646  1.00 38.97 ? 98   CYS A CA 1 
ATOM   94  C  CA . VAL A 1 99  ? 24.365  16.063  35.620  1.00 40.25 ? 99   VAL A CA 1 
ATOM   95  C  CA . ILE A 1 100 ? 23.354  18.074  38.691  1.00 47.81 ? 100  ILE A CA 1 
ATOM   96  C  CA . GLN A 1 101 ? 26.223  20.427  38.041  1.00 44.09 ? 101  GLN A CA 1 
ATOM   97  C  CA . GLY A 1 102 ? 24.727  21.506  34.735  1.00 12.77 ? 102  GLY A CA 1 
ATOM   98  C  CA . ASN A 1 112 ? 16.057  5.480   29.749  1.00 33.22 ? 112  ASN A CA 1 
ATOM   99  C  CA . GLU A 1 113 ? 13.976  3.362   32.158  1.00 13.86 ? 113  GLU A CA 1 
ATOM   100 C  CA . ASP A 1 114 ? 13.954  0.289   29.831  1.00 18.84 ? 114  ASP A CA 1 
ATOM   101 C  CA . SER A 1 115 ? 17.704  0.451   29.509  1.00 16.12 ? 115  SER A CA 1 
ATOM   102 C  CA . ILE A 1 116 ? 18.101  0.877   33.251  1.00 5.00  ? 116  ILE A CA 1 
ATOM   103 C  CA . LEU A 1 117 ? 15.717  -2.028  33.640  1.00 5.00  ? 117  LEU A CA 1 
ATOM   104 C  CA . ALA A 1 118 ? 17.796  -3.868  31.025  1.00 14.16 ? 118  ALA A CA 1 
ATOM   105 C  CA . VAL A 1 119 ? 20.921  -3.518  33.156  1.00 18.19 ? 119  VAL A CA 1 
ATOM   106 C  CA . ARG A 1 120 ? 19.140  -4.597  36.345  1.00 5.00  ? 120  ARG A CA 1 
ATOM   107 C  CA . LYS A 1 121 ? 17.769  -7.670  34.650  1.00 5.00  ? 121  LYS A CA 1 
ATOM   108 C  CA . TYR A 1 122 ? 21.294  -8.486  33.661  1.00 5.00  ? 122  TYR A CA 1 
ATOM   109 C  CA . PHE A 1 123 ? 22.449  -8.468  37.230  1.00 27.49 ? 123  PHE A CA 1 
ATOM   110 C  CA . GLN A 1 124 ? 19.454  -10.469 38.276  1.00 13.08 ? 124  GLN A CA 1 
ATOM   111 C  CA . ARG A 1 125 ? 20.610  -13.286 35.976  1.00 27.41 ? 125  ARG A CA 1 
ATOM   112 C  CA . ILE A 1 126 ? 24.008  -12.954 37.613  1.00 19.83 ? 126  ILE A CA 1 
ATOM   113 C  CA . THR A 1 127 ? 22.746  -13.325 41.159  1.00 16.42 ? 127  THR A CA 1 
ATOM   114 C  CA . LEU A 1 128 ? 20.153  -16.050 40.465  1.00 7.54  ? 128  LEU A CA 1 
ATOM   115 C  CA . TYR A 1 129 ? 23.046  -17.966 38.895  1.00 23.69 ? 129  TYR A CA 1 
ATOM   116 C  CA . LEU A 1 130 ? 25.034  -17.317 42.033  1.00 37.63 ? 130  LEU A CA 1 
ATOM   117 C  CA . LYS A 1 131 ? 22.177  -18.492 44.328  1.00 15.77 ? 131  LYS A CA 1 
ATOM   118 C  CA . GLU A 1 132 ? 21.608  -21.490 42.059  1.00 31.16 ? 132  GLU A CA 1 
ATOM   119 C  CA . LYS A 1 133 ? 25.263  -22.521 42.343  1.00 21.02 ? 133  LYS A CA 1 
ATOM   120 C  CA . LYS A 1 134 ? 25.295  -22.093 46.090  1.00 19.04 ? 134  LYS A CA 1 
ATOM   121 C  CA . TYR A 1 135 ? 27.969  -19.379 45.645  1.00 5.00  ? 135  TYR A CA 1 
ATOM   122 C  CA . SER A 1 136 ? 30.638  -21.934 44.854  1.00 19.89 ? 136  SER A CA 1 
ATOM   123 C  CA . PRO A 1 137 ? 34.186  -20.609 44.346  1.00 33.28 ? 137  PRO A CA 1 
ATOM   124 C  CA . CYS A 1 138 ? 33.823  -21.485 40.647  1.00 28.80 ? 138  CYS A CA 1 
ATOM   125 C  CA . ALA A 1 139 ? 30.508  -19.687 40.212  1.00 19.80 ? 139  ALA A CA 1 
ATOM   126 C  CA . TRP A 1 140 ? 31.978  -16.671 41.921  1.00 16.77 ? 140  TRP A CA 1 
ATOM   127 C  CA . GLU A 1 141 ? 34.903  -16.771 39.520  1.00 12.00 ? 141  GLU A CA 1 
ATOM   128 C  CA . VAL A 1 142 ? 32.744  -17.124 36.421  1.00 12.96 ? 142  VAL A CA 1 
ATOM   129 C  CA . VAL A 1 143 ? 30.968  -13.970 37.767  1.00 20.91 ? 143  VAL A CA 1 
ATOM   130 C  CA . ARG A 1 144 ? 34.030  -11.917 38.652  1.00 33.20 ? 144  ARG A CA 1 
ATOM   131 C  CA . ALA A 1 145 ? 35.375  -12.666 35.154  1.00 21.73 ? 145  ALA A CA 1 
ATOM   132 C  CA . GLU A 1 146 ? 32.014  -11.756 33.615  1.00 10.37 ? 146  GLU A CA 1 
ATOM   133 C  CA . ILE A 1 147 ? 31.904  -8.403  35.456  1.00 24.41 ? 147  ILE A CA 1 
ATOM   134 C  CA . MET A 1 148 ? 35.313  -7.454  34.034  1.00 11.40 ? 148  MET A CA 1 
ATOM   135 C  CA . ARG A 1 149 ? 34.188  -8.480  30.571  1.00 5.00  ? 149  ARG A CA 1 
ATOM   136 C  CA . SER A 1 150 ? 31.050  -6.286  30.744  1.00 5.00  ? 150  SER A CA 1 
ATOM   137 C  CA . PHE A 1 151 ? 32.542  -3.502  32.882  1.00 5.00  ? 151  PHE A CA 1 
ATOM   138 C  CA . SER A 1 152 ? 35.406  -2.864  30.409  1.00 15.31 ? 152  SER A CA 1 
ATOM   139 C  CA . LEU A 1 153 ? 32.969  -3.225  27.527  1.00 26.30 ? 153  LEU A CA 1 
ATOM   140 C  CA . SER A 1 154 ? 30.501  -0.763  29.095  1.00 31.74 ? 154  SER A CA 1 
ATOM   141 C  CA . THR A 1 155 ? 33.221  1.765   29.927  1.00 18.47 ? 155  THR A CA 1 
ATOM   142 C  CA . ASN A 1 156 ? 34.964  1.737   26.581  1.00 20.27 ? 156  ASN A CA 1 
ATOM   143 C  CA . LEU A 1 157 ? 31.682  1.924   24.603  1.00 16.55 ? 157  LEU A CA 1 
ATOM   144 C  CA . GLN A 1 158 ? 30.020  4.614   26.688  1.00 32.85 ? 158  GLN A CA 1 
ATOM   145 C  CA . GLU A 1 159 ? 32.993  6.868   26.016  1.00 26.83 ? 159  GLU A CA 1 
ATOM   146 C  CA . SER B 1 8   ? -2.499  -8.485  15.833  1.00 51.06 ? 8    SER B CA 1 
ATOM   147 C  CA . LEU B 1 9   ? -4.363  -11.247 13.988  1.00 39.91 ? 9    LEU B CA 1 
ATOM   148 C  CA . GLY B 1 10  ? -1.200  -12.659 12.440  1.00 36.06 ? 10   GLY B CA 1 
ATOM   149 C  CA . SER B 1 11  ? 0.900   -12.297 15.585  1.00 23.38 ? 11   SER B CA 1 
ATOM   150 C  CA . ARG B 1 12  ? -2.083  -13.915 17.207  1.00 30.53 ? 12   ARG B CA 1 
ATOM   151 C  CA . ARG B 1 13  ? -2.245  -16.771 14.782  1.00 13.56 ? 13   ARG B CA 1 
ATOM   152 C  CA . THR B 1 14  ? 1.486   -17.250 15.411  1.00 19.64 ? 14   THR B CA 1 
ATOM   153 C  CA . LEU B 1 15  ? 0.979   -17.561 19.171  1.00 22.76 ? 15   LEU B CA 1 
ATOM   154 C  CA . MET B 1 16  ? -1.754  -20.149 18.795  1.00 26.98 ? 16   MET B CA 1 
ATOM   155 C  CA . LEU B 1 17  ? 0.443   -22.280 16.534  1.00 19.05 ? 17   LEU B CA 1 
ATOM   156 C  CA . LEU B 1 18  ? 3.186   -22.009 19.089  1.00 5.00  ? 18   LEU B CA 1 
ATOM   157 C  CA . ALA B 1 19  ? 0.796   -22.992 21.919  1.00 12.95 ? 19   ALA B CA 1 
ATOM   158 C  CA . GLN B 1 20  ? -0.566  -25.847 19.779  1.00 29.18 ? 20   GLN B CA 1 
ATOM   159 C  CA . MET B 1 21  ? 2.913   -27.061 19.074  1.00 20.11 ? 21   MET B CA 1 
ATOM   160 C  CA . ARG B 1 22  ? 3.537   -27.817 22.775  1.00 5.00  ? 22   ARG B CA 1 
ATOM   161 C  CA . ARG B 1 23  ? 4.265   -31.418 23.593  1.00 26.79 ? 23   ARG B CA 1 
ATOM   162 C  CA . ILE B 1 24  ? 5.658   -32.078 27.056  1.00 5.00  ? 24   ILE B CA 1 
ATOM   163 C  CA . SER B 1 25  ? 5.526   -29.743 30.026  1.00 15.04 ? 25   SER B CA 1 
ATOM   164 C  CA . LEU B 1 26  ? 7.872   -26.948 30.813  1.00 23.29 ? 26   LEU B CA 1 
ATOM   165 C  CA . PHE B 1 27  ? 7.439   -27.943 34.398  1.00 29.18 ? 27   PHE B CA 1 
ATOM   166 C  CA . SER B 1 28  ? 8.510   -31.445 33.498  1.00 14.69 ? 28   SER B CA 1 
ATOM   167 C  CA . CYS B 1 29  ? 11.803  -29.750 32.466  1.00 14.41 ? 29   CYS B CA 1 
ATOM   168 C  CA . LEU B 1 30  ? 12.883  -27.522 35.320  1.00 27.74 ? 30   LEU B CA 1 
ATOM   169 C  CA . LYS B 1 31  ? 16.393  -28.999 35.225  1.00 29.15 ? 31   LYS B CA 1 
ATOM   170 C  CA . ASP B 1 32  ? 16.611  -27.322 31.824  1.00 17.65 ? 32   ASP B CA 1 
ATOM   171 C  CA . ARG B 1 33  ? 15.137  -23.997 32.933  1.00 17.20 ? 33   ARG B CA 1 
ATOM   172 C  CA . HIS B 1 34  ? 17.217  -21.155 31.428  1.00 23.01 ? 34   HIS B CA 1 
ATOM   173 C  CA . ASP B 1 35  ? 17.145  -17.347 30.896  1.00 24.00 ? 35   ASP B CA 1 
ATOM   174 C  CA . PHE B 1 36  ? 18.338  -16.201 27.478  1.00 13.21 ? 36   PHE B CA 1 
ATOM   175 C  CA . GLY B 1 37  ? 18.381  -12.468 28.380  1.00 5.00  ? 37   GLY B CA 1 
ATOM   176 C  CA . PHE B 1 38  ? 15.919  -11.275 25.712  1.00 14.17 ? 38   PHE B CA 1 
ATOM   177 C  CA . PRO B 1 39  ? 16.399  -7.566  24.890  1.00 5.00  ? 39   PRO B CA 1 
ATOM   178 C  CA . GLN B 1 40  ? 12.889  -6.372  25.495  1.00 5.00  ? 40   GLN B CA 1 
ATOM   179 C  CA . GLU B 1 41  ? 14.022  -2.770  25.905  1.00 12.98 ? 41   GLU B CA 1 
ATOM   180 C  CA . GLU B 1 42  ? 14.554  -2.940  22.175  1.00 21.26 ? 42   GLU B CA 1 
ATOM   181 C  CA . PHE B 1 43  ? 10.878  -3.120  21.514  1.00 25.72 ? 43   PHE B CA 1 
ATOM   182 C  CA . GLY B 1 44  ? 9.215   -1.190  24.259  1.00 38.81 ? 44   GLY B CA 1 
ATOM   183 C  CA . ALA B 1 50  ? 8.268   2.411   13.530  1.00 42.62 ? 50   ALA B CA 1 
ATOM   184 C  CA . GLU B 1 51  ? 11.657  2.770   15.125  1.00 23.98 ? 51   GLU B CA 1 
ATOM   185 C  CA . THR B 1 52  ? 11.173  -0.817  16.339  1.00 25.23 ? 52   THR B CA 1 
ATOM   186 C  CA . ILE B 1 53  ? 10.019  -2.276  12.963  1.00 26.31 ? 53   ILE B CA 1 
ATOM   187 C  CA . PRO B 1 54  ? 13.603  -3.163  12.029  1.00 23.79 ? 54   PRO B CA 1 
ATOM   188 C  CA . VAL B 1 55  ? 14.023  -5.173  15.252  1.00 20.18 ? 55   VAL B CA 1 
ATOM   189 C  CA . LEU B 1 56  ? 10.552  -6.636  15.114  1.00 21.28 ? 56   LEU B CA 1 
ATOM   190 C  CA . HIS B 1 57  ? 11.066  -7.801  11.548  1.00 28.74 ? 57   HIS B CA 1 
ATOM   191 C  CA . GLU B 1 58  ? 14.434  -9.214  12.735  1.00 16.13 ? 58   GLU B CA 1 
ATOM   192 C  CA . MET B 1 59  ? 12.699  -10.981 15.561  1.00 19.22 ? 59   MET B CA 1 
ATOM   193 C  CA . ILE B 1 60  ? 10.458  -12.694 13.024  1.00 15.40 ? 60   ILE B CA 1 
ATOM   194 C  CA . GLN B 1 61  ? 13.159  -13.530 10.447  1.00 14.24 ? 61   GLN B CA 1 
ATOM   195 C  CA . GLN B 1 62  ? 14.981  -15.243 13.327  1.00 12.30 ? 62   GLN B CA 1 
ATOM   196 C  CA . ILE B 1 63  ? 11.882  -17.059 14.647  1.00 15.55 ? 63   ILE B CA 1 
ATOM   197 C  CA . PHE B 1 64  ? 11.438  -18.536 11.147  1.00 5.00  ? 64   PHE B CA 1 
ATOM   198 C  CA . ASN B 1 65  ? 15.165  -19.426 11.091  1.00 9.20  ? 65   ASN B CA 1 
ATOM   199 C  CA . LEU B 1 66  ? 14.950  -21.273 14.444  1.00 30.52 ? 66   LEU B CA 1 
ATOM   200 C  CA . PHE B 1 67  ? 11.909  -23.303 13.459  1.00 17.68 ? 67   PHE B CA 1 
ATOM   201 C  CA . SER B 1 68  ? 12.902  -24.137 9.914   1.00 16.97 ? 68   SER B CA 1 
ATOM   202 C  CA . THR B 1 69  ? 15.875  -26.388 10.586  1.00 16.28 ? 69   THR B CA 1 
ATOM   203 C  CA . LYS B 1 70  ? 16.018  -30.161 10.267  1.00 39.74 ? 70   LYS B CA 1 
ATOM   204 C  CA . ASP B 1 71  ? 16.103  -30.283 14.108  1.00 18.66 ? 71   ASP B CA 1 
ATOM   205 C  CA . SER B 1 72  ? 12.984  -28.193 14.304  1.00 13.33 ? 72   SER B CA 1 
ATOM   206 C  CA . SER B 1 73  ? 11.295  -30.501 11.850  1.00 46.35 ? 73   SER B CA 1 
ATOM   207 C  CA . ALA B 1 74  ? 12.261  -33.494 13.942  1.00 28.93 ? 74   ALA B CA 1 
ATOM   208 C  CA . ALA B 1 75  ? 10.804  -31.862 17.010  1.00 24.99 ? 75   ALA B CA 1 
ATOM   209 C  CA . TRP B 1 76  ? 7.550   -30.245 16.052  1.00 5.00  ? 76   TRP B CA 1 
ATOM   210 C  CA . ASP B 1 77  ? 4.380   -31.243 14.178  1.00 22.60 ? 77   ASP B CA 1 
ATOM   211 C  CA . GLU B 1 78  ? 4.719   -30.890 10.432  1.00 36.55 ? 78   GLU B CA 1 
ATOM   212 C  CA . THR B 1 79  ? 1.271   -29.422 9.778   1.00 22.18 ? 79   THR B CA 1 
ATOM   213 C  CA . LEU B 1 80  ? 1.706   -26.948 12.612  1.00 24.60 ? 80   LEU B CA 1 
ATOM   214 C  CA . LEU B 1 81  ? 5.133   -25.945 11.341  1.00 36.30 ? 81   LEU B CA 1 
ATOM   215 C  CA . ASP B 1 82  ? 3.984   -25.367 7.755   1.00 23.98 ? 82   ASP B CA 1 
ATOM   216 C  CA . LYS B 1 83  ? 1.109   -23.314 9.165   1.00 30.02 ? 83   LYS B CA 1 
ATOM   217 C  CA . PHE B 1 84  ? 3.587   -21.550 11.396  1.00 26.01 ? 84   PHE B CA 1 
ATOM   218 C  CA . TYR B 1 85  ? 5.863   -20.418 8.527   1.00 18.59 ? 85   TYR B CA 1 
ATOM   219 C  CA . THR B 1 86  ? 2.954   -18.925 6.601   1.00 18.61 ? 86   THR B CA 1 
ATOM   220 C  CA . GLU B 1 87  ? 2.212   -16.557 9.440   1.00 21.45 ? 87   GLU B CA 1 
ATOM   221 C  CA . LEU B 1 88  ? 5.865   -15.514 9.558   1.00 19.50 ? 88   LEU B CA 1 
ATOM   222 C  CA . TYR B 1 89  ? 6.287   -14.888 5.822   1.00 31.49 ? 89   TYR B CA 1 
ATOM   223 C  CA . GLN B 1 90  ? 3.101   -12.825 5.943   1.00 19.68 ? 90   GLN B CA 1 
ATOM   224 C  CA . GLN B 1 91  ? 4.473   -10.788 8.788   1.00 5.00  ? 91   GLN B CA 1 
ATOM   225 C  CA . LEU B 1 92  ? 7.920   -10.287 7.269   1.00 14.96 ? 92   LEU B CA 1 
ATOM   226 C  CA . ASN B 1 93  ? 5.999   -9.058  4.260   1.00 25.60 ? 93   ASN B CA 1 
ATOM   227 C  CA . ASP B 1 94  ? 3.905   -6.493  6.110   1.00 19.96 ? 94   ASP B CA 1 
ATOM   228 C  CA . LEU B 1 95  ? 6.950   -5.133  7.887   1.00 34.41 ? 95   LEU B CA 1 
ATOM   229 C  CA . GLU B 1 96  ? 8.871   -4.660  4.660   1.00 44.69 ? 96   GLU B CA 1 
ATOM   230 C  CA . ALA B 1 97  ? 5.840   -2.890  3.160   1.00 54.31 ? 97   ALA B CA 1 
ATOM   231 C  CA . CYS B 1 98  ? 6.472   0.046   5.461   1.00 70.24 ? 98   CYS B CA 1 
ATOM   232 C  CA . VAL B 1 99  ? 9.941   0.614   3.864   1.00 54.55 ? 99   VAL B CA 1 
ATOM   233 C  CA . ILE B 1 100 ? 8.298   2.111   0.764   1.00 41.23 ? 100  ILE B CA 1 
ATOM   234 C  CA . GLN B 1 101 ? 7.524   4.997   3.166   1.00 63.47 ? 101  GLN B CA 1 
ATOM   235 C  CA . GLY B 1 102 ? 10.218  6.795   5.210   1.00 63.25 ? 102  GLY B CA 1 
ATOM   236 C  CA . ASN B 1 112 ? 18.930  0.048   15.062  1.00 25.64 ? 112  ASN B CA 1 
ATOM   237 C  CA . GLU B 1 113 ? 22.181  -1.613  14.013  1.00 5.00  ? 113  GLU B CA 1 
ATOM   238 C  CA . ASP B 1 114 ? 23.147  -2.657  17.531  1.00 18.14 ? 114  ASP B CA 1 
ATOM   239 C  CA . SER B 1 115 ? 19.548  -3.419  18.320  1.00 15.70 ? 115  SER B CA 1 
ATOM   240 C  CA . ILE B 1 116 ? 19.279  -5.758  15.308  1.00 14.91 ? 116  ILE B CA 1 
ATOM   241 C  CA . LEU B 1 117 ? 22.455  -7.368  16.494  1.00 10.33 ? 117  LEU B CA 1 
ATOM   242 C  CA . ALA B 1 118 ? 20.996  -7.563  20.014  1.00 17.80 ? 118  ALA B CA 1 
ATOM   243 C  CA . VAL B 1 119 ? 18.127  -9.685  18.771  1.00 19.82 ? 119  VAL B CA 1 
ATOM   244 C  CA . ARG B 1 120 ? 20.460  -11.834 16.690  1.00 18.28 ? 120  ARG B CA 1 
ATOM   245 C  CA . LYS B 1 121 ? 22.700  -12.639 19.593  1.00 5.00  ? 121  LYS B CA 1 
ATOM   246 C  CA . TYR B 1 122 ? 19.607  -13.526 21.629  1.00 24.02 ? 122  TYR B CA 1 
ATOM   247 C  CA . PHE B 1 123 ? 18.689  -16.290 19.181  1.00 13.29 ? 123  PHE B CA 1 
ATOM   248 C  CA . GLN B 1 124 ? 22.351  -17.179 19.094  1.00 5.00  ? 124  GLN B CA 1 
ATOM   249 C  CA . ARG B 1 125 ? 22.092  -18.062 22.768  1.00 9.73  ? 125  ARG B CA 1 
ATOM   250 C  CA . ILE B 1 126 ? 18.889  -19.937 22.024  1.00 26.99 ? 126  ILE B CA 1 
ATOM   251 C  CA . THR B 1 127 ? 20.446  -22.138 19.368  1.00 16.32 ? 127  THR B CA 1 
ATOM   252 C  CA . LEU B 1 128 ? 23.739  -22.877 21.190  1.00 11.44 ? 128  LEU B CA 1 
ATOM   253 C  CA . TYR B 1 129 ? 21.503  -23.843 24.138  1.00 24.49 ? 129  TYR B CA 1 
ATOM   254 C  CA . LEU B 1 130 ? 19.727  -26.308 21.820  1.00 31.30 ? 130  LEU B CA 1 
ATOM   255 C  CA . LYS B 1 131 ? 23.043  -27.578 20.500  1.00 30.82 ? 131  LYS B CA 1 
ATOM   256 C  CA . GLU B 1 132 ? 24.451  -27.950 23.989  1.00 20.07 ? 132  GLU B CA 1 
ATOM   257 C  CA . LYS B 1 133 ? 21.309  -29.812 25.171  1.00 30.19 ? 133  LYS B CA 1 
ATOM   258 C  CA . LYS B 1 134 ? 21.407  -32.084 22.140  1.00 19.19 ? 134  LYS B CA 1 
ATOM   259 C  CA . TYR B 1 135 ? 17.940  -30.914 21.043  1.00 21.57 ? 135  TYR B CA 1 
ATOM   260 C  CA . SER B 1 136 ? 16.417  -32.858 23.864  1.00 11.70 ? 136  SER B CA 1 
ATOM   261 C  CA . PRO B 1 137 ? 12.619  -32.684 24.045  1.00 20.84 ? 137  PRO B CA 1 
ATOM   262 C  CA . CYS B 1 138 ? 12.947  -30.672 27.197  1.00 18.43 ? 138  CYS B CA 1 
ATOM   263 C  CA . ALA B 1 139 ? 15.393  -28.156 25.729  1.00 23.83 ? 139  ALA B CA 1 
ATOM   264 C  CA . TRP B 1 140 ? 13.056  -27.692 22.783  1.00 11.34 ? 140  TRP B CA 1 
ATOM   265 C  CA . GLU B 1 141 ? 10.259  -26.879 25.174  1.00 19.38 ? 141  GLU B CA 1 
ATOM   266 C  CA . VAL B 1 142 ? 12.268  -24.406 27.143  1.00 42.87 ? 142  VAL B CA 1 
ATOM   267 C  CA . VAL B 1 143 ? 12.855  -22.788 23.728  1.00 25.73 ? 143  VAL B CA 1 
ATOM   268 C  CA . ARG B 1 144 ? 9.237   -22.982 22.398  1.00 5.00  ? 144  ARG B CA 1 
ATOM   269 C  CA . ALA B 1 145 ? 7.938   -21.421 25.659  1.00 10.95 ? 145  ALA B CA 1 
ATOM   270 C  CA . GLU B 1 146 ? 10.703  -18.811 25.486  1.00 5.00  ? 146  GLU B CA 1 
ATOM   271 C  CA . ILE B 1 147 ? 9.760   -17.804 21.942  1.00 10.14 ? 147  ILE B CA 1 
ATOM   272 C  CA . MET B 1 148 ? 6.139   -17.511 23.048  1.00 8.94  ? 148  MET B CA 1 
ATOM   273 C  CA . ARG B 1 149 ? 6.950   -15.157 25.910  1.00 14.69 ? 149  ARG B CA 1 
ATOM   274 C  CA . SER B 1 150 ? 9.424   -13.064 23.940  1.00 5.00  ? 150  SER B CA 1 
ATOM   275 C  CA . PHE B 1 151 ? 7.288   -12.965 20.826  1.00 5.00  ? 151  PHE B CA 1 
ATOM   276 C  CA . SER B 1 152 ? 4.340   -11.685 22.874  1.00 5.00  ? 152  SER B CA 1 
ATOM   277 C  CA . LEU B 1 153 ? 6.571   -9.279  24.640  1.00 9.83  ? 153  LEU B CA 1 
ATOM   278 C  CA . SER B 1 154 ? 7.969   -7.866  21.428  1.00 43.12 ? 154  SER B CA 1 
ATOM   279 C  CA . THR B 1 155 ? 4.589   -7.671  19.702  1.00 36.01 ? 155  THR B CA 1 
ATOM   280 C  CA . ASN B 1 156 ? 2.804   -5.853  22.530  1.00 47.34 ? 156  ASN B CA 1 
ATOM   281 C  CA . LEU B 1 157 ? 5.759   -3.585  23.167  1.00 67.21 ? 157  LEU B CA 1 
ATOM   282 C  CA . GLN B 1 158 ? 6.126   -2.894  19.391  1.00 55.78 ? 158  GLN B CA 1 
ATOM   283 C  CA . SER C 1 11  ? 7.036   -22.775 -4.773  1.00 63.81 ? 11   SER C CA 1 
ATOM   284 C  CA . ARG C 1 12  ? 7.291   -23.600 -0.963  1.00 44.26 ? 12   ARG C CA 1 
ATOM   285 C  CA . ARG C 1 13  ? 10.709  -25.137 -0.178  1.00 24.34 ? 13   ARG C CA 1 
ATOM   286 C  CA . THR C 1 14  ? 12.146  -22.606 -2.647  1.00 18.29 ? 14   THR C CA 1 
ATOM   287 C  CA . LEU C 1 15  ? 10.841  -19.772 -0.441  1.00 28.01 ? 15   LEU C CA 1 
ATOM   288 C  CA . MET C 1 16  ? 12.192  -21.392 2.740   1.00 18.61 ? 16   MET C CA 1 
ATOM   289 C  CA . LEU C 1 17  ? 15.581  -21.688 1.082   1.00 17.35 ? 17   LEU C CA 1 
ATOM   290 C  CA . LEU C 1 18  ? 15.432  -18.062 -0.048  1.00 30.21 ? 18   LEU C CA 1 
ATOM   291 C  CA . ALA C 1 19  ? 14.394  -17.121 3.507   1.00 28.26 ? 19   ALA C CA 1 
ATOM   292 C  CA . GLN C 1 20  ? 17.267  -19.139 4.930   1.00 29.87 ? 20   GLN C CA 1 
ATOM   293 C  CA . MET C 1 21  ? 19.735  -17.465 2.626   1.00 14.55 ? 21   MET C CA 1 
ATOM   294 C  CA . ARG C 1 22  ? 19.183  -14.074 4.208   1.00 5.00  ? 22   ARG C CA 1 
ATOM   295 C  CA . ARG C 1 23  ? 22.422  -12.618 5.630   1.00 36.28 ? 23   ARG C CA 1 
ATOM   296 C  CA . ILE C 1 24  ? 22.073  -9.009  6.690   1.00 5.00  ? 24   ILE C CA 1 
ATOM   297 C  CA . SER C 1 25  ? 18.969  -6.929  7.248   1.00 19.00 ? 25   SER C CA 1 
ATOM   298 C  CA . LEU C 1 26  ? 17.043  -5.179  4.508   1.00 30.67 ? 26   LEU C CA 1 
ATOM   299 C  CA . PHE C 1 27  ? 16.507  -2.375  6.976   1.00 42.60 ? 27   PHE C CA 1 
ATOM   300 C  CA . SER C 1 28  ? 20.270  -2.263  7.322   1.00 24.35 ? 28   SER C CA 1 
ATOM   301 C  CA . CYS C 1 29  ? 20.199  -1.416  3.591   1.00 19.17 ? 29   CYS C CA 1 
ATOM   302 C  CA . LEU C 1 30  ? 17.511  1.266   3.246   1.00 23.84 ? 30   LEU C CA 1 
ATOM   303 C  CA . LYS C 1 31  ? 19.775  3.415   1.118   1.00 40.89 ? 31   LYS C CA 1 
ATOM   304 C  CA . ASP C 1 32  ? 19.663  0.704   -1.518  1.00 17.66 ? 32   ASP C CA 1 
ATOM   305 C  CA . ARG C 1 33  ? 15.883  0.405   -1.366  1.00 13.78 ? 33   ARG C CA 1 
ATOM   306 C  CA . HIS C 1 34  ? 14.749  -0.109  -4.985  1.00 5.00  ? 34   HIS C CA 1 
ATOM   307 C  CA . ASP C 1 35  ? 11.437  -0.833  -6.769  1.00 33.04 ? 35   ASP C CA 1 
ATOM   308 C  CA . PHE C 1 36  ? 11.837  -3.113  -9.757  1.00 20.10 ? 36   PHE C CA 1 
ATOM   309 C  CA . GLY C 1 37  ? 8.245   -2.934  -10.980 1.00 14.58 ? 37   GLY C CA 1 
ATOM   310 C  CA . PHE C 1 38  ? 7.586   -6.702  -11.141 1.00 19.81 ? 38   PHE C CA 1 
ATOM   311 C  CA . PRO C 1 39  ? 4.695   -7.357  -13.498 1.00 24.77 ? 39   PRO C CA 1 
ATOM   312 C  CA . GLN C 1 40  ? 2.321   -9.061  -11.148 1.00 29.04 ? 40   GLN C CA 1 
ATOM   313 C  CA . GLU C 1 41  ? -0.579  -8.370  -13.494 1.00 29.32 ? 41   GLU C CA 1 
ATOM   314 C  CA . GLU C 1 42  ? 0.790   -11.211 -15.644 1.00 33.97 ? 42   GLU C CA 1 
ATOM   315 C  CA . PHE C 1 43  ? 0.487   -13.936 -12.967 1.00 60.17 ? 43   PHE C CA 1 
ATOM   316 C  CA . GLY C 1 44  ? -1.448  -16.078 -10.507 1.00 65.55 ? 44   GLY C CA 1 
ATOM   317 C  CA . ALA C 1 50  ? -4.617  -22.006 -16.364 1.00 71.10 ? 50   ALA C CA 1 
ATOM   318 C  CA . GLU C 1 51  ? -2.822  -20.258 -19.293 1.00 62.47 ? 51   GLU C CA 1 
ATOM   319 C  CA . THR C 1 52  ? -0.475  -18.505 -16.883 1.00 58.27 ? 52   THR C CA 1 
ATOM   320 C  CA . ILE C 1 53  ? 2.148   -21.242 -17.084 1.00 58.04 ? 53   ILE C CA 1 
ATOM   321 C  CA . PRO C 1 54  ? 4.448   -19.679 -19.753 1.00 52.12 ? 54   PRO C CA 1 
ATOM   322 C  CA . VAL C 1 55  ? 5.308   -16.677 -17.583 1.00 44.21 ? 55   VAL C CA 1 
ATOM   323 C  CA . LEU C 1 56  ? 5.411   -18.736 -14.414 1.00 21.20 ? 56   LEU C CA 1 
ATOM   324 C  CA . HIS C 1 57  ? 7.792   -21.038 -16.194 1.00 41.10 ? 57   HIS C CA 1 
ATOM   325 C  CA . GLU C 1 58  ? 9.801   -18.011 -17.443 1.00 34.21 ? 58   GLU C CA 1 
ATOM   326 C  CA . MET C 1 59  ? 9.833   -16.707 -13.864 1.00 55.78 ? 59   MET C CA 1 
ATOM   327 C  CA . ILE C 1 60  ? 11.671  -19.891 -12.752 1.00 16.10 ? 60   ILE C CA 1 
ATOM   328 C  CA . GLN C 1 61  ? 14.012  -19.968 -15.724 1.00 14.95 ? 61   GLN C CA 1 
ATOM   329 C  CA . GLN C 1 62  ? 15.101  -16.418 -14.924 1.00 26.24 ? 62   GLN C CA 1 
ATOM   330 C  CA . ILE C 1 63  ? 15.465  -17.130 -11.169 1.00 42.47 ? 63   ILE C CA 1 
ATOM   331 C  CA . PHE C 1 64  ? 17.547  -20.128 -12.201 1.00 32.18 ? 64   PHE C CA 1 
ATOM   332 C  CA . ASN C 1 65  ? 19.753  -17.799 -14.152 1.00 27.97 ? 65   ASN C CA 1 
ATOM   333 C  CA . LEU C 1 66  ? 20.062  -14.945 -11.640 1.00 30.64 ? 66   LEU C CA 1 
ATOM   334 C  CA . PHE C 1 67  ? 21.323  -17.096 -8.819  1.00 31.85 ? 67   PHE C CA 1 
ATOM   335 C  CA . SER C 1 68  ? 23.653  -19.199 -10.932 1.00 27.27 ? 68   SER C CA 1 
ATOM   336 C  CA . THR C 1 69  ? 26.396  -16.757 -11.705 1.00 26.24 ? 69   THR C CA 1 
ATOM   337 C  CA . LYS C 1 70  ? 29.829  -16.344 -10.086 1.00 22.79 ? 70   LYS C CA 1 
ATOM   338 C  CA . ASP C 1 71  ? 28.574  -13.388 -8.126  1.00 27.41 ? 71   ASP C CA 1 
ATOM   339 C  CA . SER C 1 72  ? 25.626  -15.269 -6.677  1.00 19.00 ? 72   SER C CA 1 
ATOM   340 C  CA . SER C 1 73  ? 27.945  -18.014 -5.677  1.00 30.93 ? 73   SER C CA 1 
ATOM   341 C  CA . ALA C 1 74  ? 30.121  -15.395 -4.053  1.00 27.24 ? 74   ALA C CA 1 
ATOM   342 C  CA . ALA C 1 75  ? 27.142  -13.917 -2.259  1.00 22.73 ? 75   ALA C CA 1 
ATOM   343 C  CA . TRP C 1 76  ? 25.114  -16.803 -0.849  1.00 22.73 ? 76   TRP C CA 1 
ATOM   344 C  CA . ASP C 1 77  ? 25.847  -20.006 1.111   1.00 18.32 ? 77   ASP C CA 1 
ATOM   345 C  CA . GLU C 1 78  ? 26.825  -22.998 -0.969  1.00 21.68 ? 78   GLU C CA 1 
ATOM   346 C  CA . THR C 1 79  ? 24.691  -25.514 0.861   1.00 26.22 ? 79   THR C CA 1 
ATOM   347 C  CA . LEU C 1 80  ? 21.638  -23.377 0.621   1.00 30.56 ? 80   LEU C CA 1 
ATOM   348 C  CA . LEU C 1 81  ? 22.251  -22.473 -3.005  1.00 10.94 ? 81   LEU C CA 1 
ATOM   349 C  CA . ASP C 1 82  ? 22.676  -26.070 -4.107  1.00 14.79 ? 82   ASP C CA 1 
ATOM   350 C  CA . LYS C 1 83  ? 19.447  -26.999 -2.371  1.00 21.21 ? 83   LYS C CA 1 
ATOM   351 C  CA . PHE C 1 84  ? 17.693  -23.949 -3.758  1.00 35.31 ? 84   PHE C CA 1 
ATOM   352 C  CA . TYR C 1 85  ? 18.662  -25.519 -7.089  1.00 25.22 ? 85   TYR C CA 1 
ATOM   353 C  CA . THR C 1 86  ? 17.979  -29.133 -6.041  1.00 14.48 ? 86   THR C CA 1 
ATOM   354 C  CA . GLU C 1 87  ? 14.611  -27.549 -5.333  1.00 36.42 ? 87   GLU C CA 1 
ATOM   355 C  CA . LEU C 1 88  ? 14.232  -25.262 -8.316  1.00 36.02 ? 88   LEU C CA 1 
ATOM   356 C  CA . TYR C 1 89  ? 14.110  -28.200 -10.758 1.00 46.42 ? 89   TYR C CA 1 
ATOM   357 C  CA . GLN C 1 90  ? 11.511  -29.802 -8.434  1.00 61.32 ? 90   GLN C CA 1 
ATOM   358 C  CA . GLN C 1 91  ? 9.269   -26.869 -9.119  1.00 55.69 ? 91   GLN C CA 1 
ATOM   359 C  CA . LEU C 1 92  ? 9.904   -27.118 -12.825 1.00 28.23 ? 92   LEU C CA 1 
ATOM   360 C  CA . ASN C 1 112 ? 2.172   -14.917 -24.162 1.00 42.01 ? 112  ASN C CA 1 
ATOM   361 C  CA . GLU C 1 113 ? 5.270   -13.399 -25.772 1.00 44.80 ? 113  GLU C CA 1 
ATOM   362 C  CA . ASP C 1 114 ? 4.843   -9.861  -24.408 1.00 50.90 ? 114  ASP C CA 1 
ATOM   363 C  CA . SER C 1 115 ? 4.288   -11.192 -20.872 1.00 52.26 ? 115  SER C CA 1 
ATOM   364 C  CA . ILE C 1 116 ? 7.321   -13.442 -21.239 1.00 60.10 ? 116  ILE C CA 1 
ATOM   365 C  CA . LEU C 1 117 ? 9.212   -10.376 -22.345 1.00 30.79 ? 117  LEU C CA 1 
ATOM   366 C  CA . ALA C 1 118 ? 7.823   -8.430  -19.388 1.00 30.50 ? 118  ALA C CA 1 
ATOM   367 C  CA . VAL C 1 119 ? 9.211   -10.994 -16.945 1.00 34.10 ? 119  VAL C CA 1 
ATOM   368 C  CA . ARG C 1 120 ? 12.589  -10.933 -18.695 1.00 36.50 ? 120  ARG C CA 1 
ATOM   369 C  CA . LYS C 1 121 ? 12.799  -7.167  -18.532 1.00 40.54 ? 121  LYS C CA 1 
ATOM   370 C  CA . TYR C 1 122 ? 12.085  -7.292  -14.810 1.00 18.86 ? 122  TYR C CA 1 
ATOM   371 C  CA . PHE C 1 123 ? 15.038  -9.546  -14.262 1.00 24.96 ? 123  PHE C CA 1 
ATOM   372 C  CA . GLN C 1 124 ? 17.048  -7.271  -16.497 1.00 29.88 ? 124  GLN C CA 1 
ATOM   373 C  CA . ARG C 1 125 ? 16.349  -4.408  -14.079 1.00 22.53 ? 125  ARG C CA 1 
ATOM   374 C  CA . ILE C 1 126 ? 17.361  -6.674  -11.235 1.00 22.01 ? 126  ILE C CA 1 
ATOM   375 C  CA . THR C 1 127 ? 20.704  -7.664  -12.754 1.00 12.63 ? 127  THR C CA 1 
ATOM   376 C  CA . LEU C 1 128 ? 21.581  -4.150  -13.932 1.00 5.00  ? 128  LEU C CA 1 
ATOM   377 C  CA . TYR C 1 129 ? 20.852  -2.931  -10.375 1.00 22.00 ? 129  TYR C CA 1 
ATOM   378 C  CA . LEU C 1 130 ? 23.339  -5.494  -9.017  1.00 26.33 ? 130  LEU C CA 1 
ATOM   379 C  CA . LYS C 1 131 ? 25.933  -4.506  -11.616 1.00 43.42 ? 131  LYS C CA 1 
ATOM   380 C  CA . GLU C 1 132 ? 25.548  -0.832  -10.823 1.00 21.17 ? 132  GLU C CA 1 
ATOM   381 C  CA . LYS C 1 133 ? 25.715  -1.511  -7.053  1.00 40.26 ? 133  LYS C CA 1 
ATOM   382 C  CA . LYS C 1 134 ? 28.861  -3.609  -7.461  1.00 30.93 ? 134  LYS C CA 1 
ATOM   383 C  CA . TYR C 1 135 ? 27.166  -6.683  -5.965  1.00 11.25 ? 135  TYR C CA 1 
ATOM   384 C  CA . SER C 1 136 ? 27.200  -5.138  -2.569  1.00 22.42 ? 136  SER C CA 1 
ATOM   385 C  CA . PRO C 1 137 ? 25.929  -7.255  0.301   1.00 26.79 ? 137  PRO C CA 1 
ATOM   386 C  CA . CYS C 1 138 ? 23.075  -4.843  0.592   1.00 22.32 ? 138  CYS C CA 1 
ATOM   387 C  CA . ALA C 1 139 ? 22.233  -4.874  -3.080  1.00 28.46 ? 139  ALA C CA 1 
ATOM   388 C  CA . TRP C 1 140 ? 22.148  -8.665  -2.950  1.00 5.00  ? 140  TRP C CA 1 
ATOM   389 C  CA . GLU C 1 141 ? 19.825  -8.483  -0.010  1.00 11.84 ? 141  GLU C CA 1 
ATOM   390 C  CA . VAL C 1 142 ? 17.516  -6.012  -1.597  1.00 23.38 ? 142  VAL C CA 1 
ATOM   391 C  CA . VAL C 1 143 ? 17.321  -8.446  -4.555  1.00 38.69 ? 143  VAL C CA 1 
ATOM   392 C  CA . ARG C 1 144 ? 16.870  -11.650 -2.457  1.00 5.00  ? 144  ARG C CA 1 
ATOM   393 C  CA . ALA C 1 145 ? 14.024  -9.900  -0.629  1.00 5.00  ? 145  ALA C CA 1 
ATOM   394 C  CA . GLU C 1 146 ? 12.641  -8.843  -4.011  1.00 13.11 ? 146  GLU C CA 1 
ATOM   395 C  CA . ILE C 1 147 ? 12.734  -12.341 -5.512  1.00 21.73 ? 147  ILE C CA 1 
ATOM   396 C  CA . MET C 1 148 ? 11.199  -13.845 -2.406  1.00 11.58 ? 148  MET C CA 1 
ATOM   397 C  CA . ARG C 1 149 ? 8.436   -11.155 -2.652  1.00 5.00  ? 149  ARG C CA 1 
ATOM   398 C  CA . SER C 1 150 ? 7.695   -11.616 -6.385  1.00 29.17 ? 150  SER C CA 1 
ATOM   399 C  CA . PHE C 1 151 ? 8.326   -15.320 -6.338  1.00 30.73 ? 151  PHE C CA 1 
ATOM   400 C  CA . SER C 1 152 ? 5.531   -15.749 -3.852  1.00 31.10 ? 152  SER C CA 1 
ATOM   401 C  CA . LEU C 1 153 ? 3.322   -13.202 -5.602  1.00 49.80 ? 153  LEU C CA 1 
ATOM   402 C  CA . SER C 1 154 ? 3.674   -15.274 -8.774  1.00 63.81 ? 154  SER C CA 1 
ATOM   403 C  CA . THR C 1 155 ? 2.931   -18.632 -7.038  1.00 56.60 ? 155  THR C CA 1 
ATOM   404 C  CA . ASN C 1 156 ? 0.445   -18.655 -4.150  1.00 44.28 ? 156  ASN C CA 1 
ATOM   405 C  CA . SER D 1 8   ? -5.374  11.975  -31.643 1.00 47.18 ? 8    SER D CA 1 
ATOM   406 C  CA . LEU D 1 9   ? -4.339  15.573  -31.976 1.00 29.39 ? 9    LEU D CA 1 
ATOM   407 C  CA . GLY D 1 10  ? -4.659  16.051  -28.229 1.00 37.89 ? 10   GLY D CA 1 
ATOM   408 C  CA . SER D 1 11  ? -1.882  13.490  -27.697 1.00 50.64 ? 11   SER D CA 1 
ATOM   409 C  CA . ARG D 1 12  ? 0.399   15.425  -30.037 1.00 33.37 ? 12   ARG D CA 1 
ATOM   410 C  CA . ARG D 1 13  ? -0.351  18.671  -28.218 1.00 45.05 ? 13   ARG D CA 1 
ATOM   411 C  CA . THR D 1 14  ? 0.284   16.902  -24.893 1.00 41.67 ? 14   THR D CA 1 
ATOM   412 C  CA . LEU D 1 15  ? 3.731   15.648  -25.948 1.00 30.06 ? 15   LEU D CA 1 
ATOM   413 C  CA . MET D 1 16  ? 4.419   19.082  -27.361 1.00 26.15 ? 16   MET D CA 1 
ATOM   414 C  CA . LEU D 1 17  ? 3.681   20.837  -24.022 1.00 26.53 ? 17   LEU D CA 1 
ATOM   415 C  CA . LEU D 1 18  ? 5.907   18.330  -22.192 1.00 35.75 ? 18   LEU D CA 1 
ATOM   416 C  CA . ALA D 1 19  ? 8.653   19.054  -24.715 1.00 25.04 ? 19   ALA D CA 1 
ATOM   417 C  CA . GLN D 1 20  ? 8.236   22.782  -24.048 1.00 29.78 ? 20   GLN D CA 1 
ATOM   418 C  CA . MET D 1 21  ? 8.262   22.252  -20.325 1.00 29.96 ? 21   MET D CA 1 
ATOM   419 C  CA . ARG D 1 22  ? 11.934  21.125  -20.452 1.00 27.73 ? 22   ARG D CA 1 
ATOM   420 C  CA . ARG D 1 23  ? 14.167  23.322  -18.298 1.00 28.70 ? 23   ARG D CA 1 
ATOM   421 C  CA . ILE D 1 24  ? 17.515  21.589  -17.837 1.00 21.23 ? 24   ILE D CA 1 
ATOM   422 C  CA . SER D 1 25  ? 19.262  18.699  -19.497 1.00 52.25 ? 25   SER D CA 1 
ATOM   423 C  CA . LEU D 1 26  ? 18.502  15.048  -18.814 1.00 77.67 ? 26   LEU D CA 1 
ATOM   424 C  CA . PHE D 1 27  ? 22.168  14.557  -19.649 1.00 70.56 ? 27   PHE D CA 1 
ATOM   425 C  CA . SER D 1 28  ? 23.256  16.975  -16.937 1.00 60.65 ? 28   SER D CA 1 
ATOM   426 C  CA . CYS D 1 29  ? 21.471  14.569  -14.543 1.00 77.18 ? 29   CYS D CA 1 
ATOM   427 C  CA . LEU D 1 30  ? 22.838  11.141  -15.519 1.00 80.01 ? 30   LEU D CA 1 
ATOM   428 C  CA . LYS D 1 31  ? 23.488  10.396  -11.824 1.00 63.93 ? 31   LYS D CA 1 
ATOM   429 C  CA . ASP D 1 32  ? 19.672  10.430  -11.479 1.00 71.15 ? 32   ASP D CA 1 
ATOM   430 C  CA . ARG D 1 33  ? 19.059  8.182   -14.475 1.00 60.26 ? 33   ARG D CA 1 
ATOM   431 C  CA . HIS D 1 34  ? 16.400  5.558   -13.546 1.00 39.70 ? 34   HIS D CA 1 
ATOM   432 C  CA . ASP D 1 35  ? 14.267  2.735   -15.037 1.00 8.33  ? 35   ASP D CA 1 
ATOM   433 C  CA . PHE D 1 36  ? 10.683  2.862   -13.719 1.00 16.41 ? 36   PHE D CA 1 
ATOM   434 C  CA . GLY D 1 37  ? 9.607   -0.441  -15.326 1.00 13.66 ? 37   GLY D CA 1 
ATOM   435 C  CA . PHE D 1 38  ? 6.677   0.978   -17.373 1.00 22.45 ? 38   PHE D CA 1 
ATOM   436 C  CA . PRO D 1 39  ? 4.283   -1.830  -18.394 1.00 28.12 ? 39   PRO D CA 1 
ATOM   437 C  CA . GLN D 1 40  ? 4.241   -1.235  -22.108 1.00 34.23 ? 40   GLN D CA 1 
ATOM   438 C  CA . GLU D 1 41  ? 2.826   -4.733  -22.641 1.00 28.21 ? 41   GLU D CA 1 
ATOM   439 C  CA . GLU D 1 42  ? -0.512  -3.424  -21.428 1.00 20.01 ? 42   GLU D CA 1 
ATOM   440 C  CA . PHE D 1 43  ? -1.052  -1.263  -24.493 1.00 18.20 ? 43   PHE D CA 1 
ATOM   441 C  CA . GLY D 1 44  ? -0.713  -4.046  -27.018 1.00 47.83 ? 44   GLY D CA 1 
ATOM   442 C  CA . ALA D 1 50  ? -10.046 -1.814  -27.467 1.00 39.13 ? 50   ALA D CA 1 
ATOM   443 C  CA . GLU D 1 51  ? -9.816  -3.224  -23.913 1.00 62.82 ? 51   GLU D CA 1 
ATOM   444 C  CA . THR D 1 52  ? -6.698  -1.058  -23.635 1.00 44.87 ? 52   THR D CA 1 
ATOM   445 C  CA . ILE D 1 53  ? -8.838  2.045   -23.507 1.00 32.32 ? 53   ILE D CA 1 
ATOM   446 C  CA . PRO D 1 54  ? -9.198  1.597   -19.736 1.00 39.08 ? 54   PRO D CA 1 
ATOM   447 C  CA . VAL D 1 55  ? -5.434  1.476   -19.240 1.00 17.61 ? 55   VAL D CA 1 
ATOM   448 C  CA . LEU D 1 56  ? -4.804  4.413   -21.557 1.00 25.58 ? 56   LEU D CA 1 
ATOM   449 C  CA . HIS D 1 57  ? -7.512  6.427   -19.878 1.00 18.79 ? 57   HIS D CA 1 
ATOM   450 C  CA . GLU D 1 58  ? -5.880  5.476   -16.546 1.00 29.61 ? 58   GLU D CA 1 
ATOM   451 C  CA . MET D 1 59  ? -2.504  6.534   -17.963 1.00 23.96 ? 59   MET D CA 1 
ATOM   452 C  CA . ILE D 1 60  ? -3.913  9.942   -18.692 1.00 26.61 ? 60   ILE D CA 1 
ATOM   453 C  CA . GLN D 1 61  ? -5.698  10.353  -15.334 1.00 27.46 ? 61   GLN D CA 1 
ATOM   454 C  CA . GLN D 1 62  ? -2.386  9.524   -13.763 1.00 27.14 ? 62   GLN D CA 1 
ATOM   455 C  CA . ILE D 1 63  ? -0.417  11.970  -15.922 1.00 32.69 ? 63   ILE D CA 1 
ATOM   456 C  CA . PHE D 1 64  ? -2.812  14.708  -14.767 1.00 39.12 ? 64   PHE D CA 1 
ATOM   457 C  CA . ASN D 1 65  ? -2.425  13.583  -11.154 1.00 18.24 ? 65   ASN D CA 1 
ATOM   458 C  CA . LEU D 1 66  ? 1.430   13.730  -11.389 1.00 10.00 ? 66   LEU D CA 1 
ATOM   459 C  CA . PHE D 1 67  ? 1.581   17.235  -12.845 1.00 28.73 ? 67   PHE D CA 1 
ATOM   460 C  CA . SER D 1 68  ? -1.201  18.877  -10.884 1.00 25.68 ? 68   SER D CA 1 
ATOM   461 C  CA . THR D 1 69  ? 0.447   18.803  -7.490  1.00 27.45 ? 69   THR D CA 1 
ATOM   462 C  CA . LYS D 1 70  ? 1.987   21.720  -5.626  1.00 48.66 ? 70   LYS D CA 1 
ATOM   463 C  CA . ASP D 1 71  ? 5.399   20.214  -6.399  1.00 24.93 ? 71   ASP D CA 1 
ATOM   464 C  CA . SER D 1 72  ? 4.488   20.272  -10.047 1.00 23.75 ? 72   SER D CA 1 
ATOM   465 C  CA . SER D 1 73  ? 3.451   23.827  -9.780  1.00 43.87 ? 73   SER D CA 1 
ATOM   466 C  CA . ALA D 1 74  ? 6.735   24.767  -8.170  1.00 41.26 ? 74   ALA D CA 1 
ATOM   467 C  CA . ALA D 1 75  ? 8.592   22.992  -10.981 1.00 34.13 ? 75   ALA D CA 1 
ATOM   468 C  CA . TRP D 1 76  ? 6.930   23.624  -14.323 1.00 29.58 ? 76   TRP D CA 1 
ATOM   469 C  CA . ASP D 1 77  ? 5.712   26.700  -16.108 1.00 28.40 ? 77   ASP D CA 1 
ATOM   470 C  CA . GLU D 1 78  ? 2.159   27.706  -15.093 1.00 28.12 ? 78   GLU D CA 1 
ATOM   471 C  CA . THR D 1 79  ? 1.043   28.628  -18.597 1.00 51.60 ? 79   THR D CA 1 
ATOM   472 C  CA . LEU D 1 80  ? 2.432   25.392  -20.036 1.00 38.52 ? 80   LEU D CA 1 
ATOM   473 C  CA . LEU D 1 81  ? 0.886   23.369  -17.208 1.00 25.79 ? 81   LEU D CA 1 
ATOM   474 C  CA . ASP D 1 82  ? -2.532  25.024  -17.595 1.00 40.71 ? 82   ASP D CA 1 
ATOM   475 C  CA . LYS D 1 83  ? -2.467  24.286  -21.320 1.00 53.46 ? 83   LYS D CA 1 
ATOM   476 C  CA . PHE D 1 84  ? -1.276  20.767  -20.505 1.00 35.58 ? 84   PHE D CA 1 
ATOM   477 C  CA . TYR D 1 85  ? -4.176  19.944  -18.224 1.00 35.37 ? 85   TYR D CA 1 
ATOM   478 C  CA . THR D 1 86  ? -6.728  20.973  -20.819 1.00 29.14 ? 86   THR D CA 1 
ATOM   479 C  CA . GLU D 1 87  ? -5.258  18.423  -23.176 1.00 25.05 ? 87   GLU D CA 1 
ATOM   480 C  CA . LEU D 1 88  ? -5.598  15.794  -20.444 1.00 53.32 ? 88   LEU D CA 1 
ATOM   481 C  CA . TYR D 1 89  ? -9.248  16.572  -19.686 1.00 31.42 ? 89   TYR D CA 1 
ATOM   482 C  CA . GLN D 1 90  ? -10.113 16.509  -23.384 1.00 47.00 ? 90   GLN D CA 1 
ATOM   483 C  CA . GLN D 1 91  ? -8.573  13.088  -23.901 1.00 28.90 ? 91   GLN D CA 1 
ATOM   484 C  CA . LEU D 1 92  ? -10.154 11.780  -20.721 1.00 5.00  ? 92   LEU D CA 1 
ATOM   485 C  CA . ASN D 1 93  ? -13.448 12.951  -22.188 1.00 28.28 ? 93   ASN D CA 1 
ATOM   486 C  CA . ASP D 1 94  ? -12.934 11.272  -25.544 1.00 36.27 ? 94   ASP D CA 1 
ATOM   487 C  CA . LEU D 1 95  ? -11.926 7.883   -24.130 1.00 21.30 ? 95   LEU D CA 1 
ATOM   488 C  CA . GLU D 1 96  ? -15.059 8.135   -22.036 1.00 22.70 ? 96   GLU D CA 1 
ATOM   489 C  CA . ASN D 1 112 ? -8.801  -5.077  -16.359 1.00 54.56 ? 112  ASN D CA 1 
ATOM   490 C  CA . GLU D 1 113 ? -8.153  -4.076  -12.718 1.00 27.98 ? 113  GLU D CA 1 
ATOM   491 C  CA . ASP D 1 114 ? -4.676  -5.715  -12.900 1.00 31.03 ? 114  ASP D CA 1 
ATOM   492 C  CA . SER D 1 115 ? -3.577  -3.724  -15.901 1.00 19.13 ? 115  SER D CA 1 
ATOM   493 C  CA . ILE D 1 116 ? -5.147  -0.532  -14.461 1.00 28.57 ? 116  ILE D CA 1 
ATOM   494 C  CA . LEU D 1 117 ? -3.289  -1.293  -11.206 1.00 20.97 ? 117  LEU D CA 1 
ATOM   495 C  CA . ALA D 1 118 ? -0.172  -1.930  -13.295 1.00 22.40 ? 118  ALA D CA 1 
ATOM   496 C  CA . VAL D 1 119 ? -0.380  1.597   -14.606 1.00 32.70 ? 119  VAL D CA 1 
ATOM   497 C  CA . ARG D 1 120 ? -0.887  3.068   -11.110 1.00 22.90 ? 120  ARG D CA 1 
ATOM   498 C  CA . LYS D 1 121 ? 1.979   1.262   -9.493  1.00 18.89 ? 121  LYS D CA 1 
ATOM   499 C  CA . TYR D 1 122 ? 4.077   2.607   -12.332 1.00 21.15 ? 122  TYR D CA 1 
ATOM   500 C  CA . PHE D 1 123 ? 3.259   6.131   -11.372 1.00 25.37 ? 123  PHE D CA 1 
ATOM   501 C  CA . GLN D 1 124 ? 3.600   5.178   -7.711  1.00 12.13 ? 124  GLN D CA 1 
ATOM   502 C  CA . ARG D 1 125 ? 7.238   4.416   -8.440  1.00 17.46 ? 125  ARG D CA 1 
ATOM   503 C  CA . ILE D 1 126 ? 7.510   7.677   -10.299 1.00 32.04 ? 126  ILE D CA 1 
ATOM   504 C  CA . THR D 1 127 ? 6.338   9.865   -7.466  1.00 24.75 ? 127  THR D CA 1 
ATOM   505 C  CA . LEU D 1 128 ? 8.282   7.946   -4.778  1.00 19.33 ? 128  LEU D CA 1 
ATOM   506 C  CA . TYR D 1 129 ? 11.377  8.397   -6.895  1.00 34.99 ? 129  TYR D CA 1 
ATOM   507 C  CA . LEU D 1 130 ? 10.542  12.145  -6.910  1.00 31.33 ? 130  LEU D CA 1 
ATOM   508 C  CA . LYS D 1 131 ? 9.832   12.244  -3.146  1.00 26.27 ? 131  LYS D CA 1 
ATOM   509 C  CA . GLU D 1 132 ? 13.057  10.393  -2.536  1.00 29.82 ? 132  GLU D CA 1 
ATOM   510 C  CA . LYS D 1 133 ? 14.962  12.943  -4.625  1.00 28.29 ? 133  LYS D CA 1 
ATOM   511 C  CA . LYS D 1 134 ? 13.451  15.899  -2.827  1.00 43.60 ? 134  LYS D CA 1 
ATOM   512 C  CA . TYR D 1 135 ? 11.966  17.023  -6.186  1.00 26.96 ? 135  TYR D CA 1 
ATOM   513 C  CA . SER D 1 136 ? 15.371  18.244  -7.438  1.00 20.83 ? 136  SER D CA 1 
ATOM   514 C  CA . PRO D 1 137 ? 15.361  19.873  -10.894 1.00 41.66 ? 137  PRO D CA 1 
ATOM   515 C  CA . CYS D 1 138 ? 17.203  16.855  -12.222 1.00 28.34 ? 138  CYS D CA 1 
ATOM   516 C  CA . ALA D 1 139 ? 14.792  14.281  -10.723 1.00 30.09 ? 139  ALA D CA 1 
ATOM   517 C  CA . TRP D 1 140 ? 11.960  16.292  -12.166 1.00 22.72 ? 140  TRP D CA 1 
ATOM   518 C  CA . GLU D 1 141 ? 13.583  16.224  -15.603 1.00 30.38 ? 141  GLU D CA 1 
ATOM   519 C  CA . VAL D 1 142 ? 14.110  12.468  -15.473 1.00 28.53 ? 142  VAL D CA 1 
ATOM   520 C  CA . VAL D 1 143 ? 10.412  12.272  -14.631 1.00 26.46 ? 143  VAL D CA 1 
ATOM   521 C  CA . ARG D 1 144 ? 9.471   14.608  -17.520 1.00 53.88 ? 144  ARG D CA 1 
ATOM   522 C  CA . ALA D 1 145 ? 11.526  12.639  -20.063 1.00 34.63 ? 145  ALA D CA 1 
ATOM   523 C  CA . GLU D 1 146 ? 10.119  9.396   -18.715 1.00 29.16 ? 146  GLU D CA 1 
ATOM   524 C  CA . ILE D 1 147 ? 6.513   10.580  -19.179 1.00 27.40 ? 147  ILE D CA 1 
ATOM   525 C  CA . MET D 1 148 ? 7.256   11.577  -22.748 1.00 44.24 ? 148  MET D CA 1 
ATOM   526 C  CA . ARG D 1 149 ? 8.898   8.214   -23.429 1.00 28.76 ? 149  ARG D CA 1 
ATOM   527 C  CA . SER D 1 150 ? 5.998   6.232   -21.924 1.00 34.70 ? 150  SER D CA 1 
ATOM   528 C  CA . PHE D 1 151 ? 3.317   8.553   -23.247 1.00 20.60 ? 151  PHE D CA 1 
ATOM   529 C  CA . SER D 1 152 ? 4.591   8.259   -26.782 1.00 44.74 ? 152  SER D CA 1 
ATOM   530 C  CA . LEU D 1 153 ? 4.867   4.469   -26.411 1.00 25.69 ? 153  LEU D CA 1 
ATOM   531 C  CA . SER D 1 154 ? 1.394   3.961   -24.978 1.00 54.96 ? 154  SER D CA 1 
ATOM   532 C  CA . THR D 1 155 ? -0.262  6.228   -27.571 1.00 36.59 ? 155  THR D CA 1 
ATOM   533 C  CA . ASN D 1 156 ? 1.469   4.793   -30.652 1.00 51.65 ? 156  ASN D CA 1 
ATOM   534 C  CA . LEU D 1 157 ? 0.899   1.284   -29.361 1.00 40.84 ? 157  LEU D CA 1 
ATOM   535 C  CA . GLN D 1 158 ? -2.581  1.487   -27.965 1.00 53.45 ? 158  GLN D CA 1 
ATOM   536 C  CA . SER E 1 8   ? -12.528 31.044  -17.173 1.00 50.00 ? 8    SER E CA 1 
ATOM   537 C  CA . LEU E 1 9   ? -9.816  30.507  -14.573 1.00 61.45 ? 9    LEU E CA 1 
ATOM   538 C  CA . GLY E 1 10  ? -12.727 29.508  -12.386 1.00 53.70 ? 10   GLY E CA 1 
ATOM   539 C  CA . SER E 1 11  ? -14.216 27.063  -14.850 1.00 55.83 ? 11   SER E CA 1 
ATOM   540 C  CA . ARG E 1 12  ? -10.749 25.584  -15.232 1.00 23.12 ? 12   ARG E CA 1 
ATOM   541 C  CA . ARG E 1 13  ? -10.022 25.529  -11.496 1.00 35.77 ? 13   ARG E CA 1 
ATOM   542 C  CA . THR E 1 14  ? -13.341 23.793  -10.846 1.00 44.60 ? 14   THR E CA 1 
ATOM   543 C  CA . LEU E 1 15  ? -12.423 21.101  -13.357 1.00 18.57 ? 15   LEU E CA 1 
ATOM   544 C  CA . MET E 1 16  ? -8.965  20.685  -11.928 1.00 29.70 ? 16   MET E CA 1 
ATOM   545 C  CA . LEU E 1 17  ? -10.514 20.039  -8.526  1.00 24.68 ? 17   LEU E CA 1 
ATOM   546 C  CA . LEU E 1 18  ? -13.044 17.489  -9.834  1.00 32.60 ? 18   LEU E CA 1 
ATOM   547 C  CA . ALA E 1 19  ? -10.314 15.698  -11.796 1.00 26.64 ? 19   ALA E CA 1 
ATOM   548 C  CA . GLN E 1 20  ? -8.190  15.647  -8.648  1.00 42.49 ? 20   GLN E CA 1 
ATOM   549 C  CA . MET E 1 21  ? -10.965 14.192  -6.508  1.00 5.00  ? 21   MET E CA 1 
ATOM   550 C  CA . ARG E 1 22  ? -11.200 11.023  -8.617  1.00 40.54 ? 22   ARG E CA 1 
ATOM   551 C  CA . ARG E 1 23  ? -10.453 7.951   -6.539  1.00 22.00 ? 23   ARG E CA 1 
ATOM   552 C  CA . ILE E 1 24  ? -11.328 4.785   -8.363  1.00 27.21 ? 24   ILE E CA 1 
ATOM   553 C  CA . SER E 1 25  ? -11.818 4.201   -12.032 1.00 39.02 ? 25   SER E CA 1 
ATOM   554 C  CA . LEU E 1 26  ? -14.826 4.815   -14.165 1.00 43.71 ? 26   LEU E CA 1 
ATOM   555 C  CA . PHE E 1 27  ? -13.994 1.644   -16.016 1.00 29.01 ? 27   PHE E CA 1 
ATOM   556 C  CA . SER E 1 28  ? -13.883 -0.250  -12.717 1.00 41.44 ? 28   SER E CA 1 
ATOM   557 C  CA . CYS E 1 29  ? -17.632 0.610   -12.587 1.00 35.84 ? 29   CYS E CA 1 
ATOM   558 C  CA . LEU E 1 30  ? -19.070 -0.107  -16.054 1.00 31.01 ? 30   LEU E CA 1 
ATOM   559 C  CA . LYS E 1 31  ? -21.967 -1.965  -14.334 1.00 41.07 ? 31   LYS E CA 1 
ATOM   560 C  CA . ASP E 1 32  ? -23.060 1.310   -12.782 1.00 45.17 ? 32   ASP E CA 1 
ATOM   561 C  CA . ARG E 1 33  ? -22.696 3.087   -16.153 1.00 28.35 ? 33   ARG E CA 1 
ATOM   562 C  CA . HIS E 1 34  ? -25.662 5.478   -16.536 1.00 30.07 ? 34   HIS E CA 1 
ATOM   563 C  CA . ASP E 1 35  ? -26.992 8.177   -18.871 1.00 14.08 ? 35   ASP E CA 1 
ATOM   564 C  CA . PHE E 1 36  ? -28.540 11.114  -16.996 1.00 25.15 ? 36   PHE E CA 1 
ATOM   565 C  CA . GLY E 1 37  ? -29.843 12.958  -20.045 1.00 11.96 ? 37   GLY E CA 1 
ATOM   566 C  CA . PHE E 1 38  ? -28.075 16.280  -19.450 1.00 24.54 ? 38   PHE E CA 1 
ATOM   567 C  CA . PRO E 1 39  ? -30.043 18.951  -21.374 1.00 28.84 ? 39   PRO E CA 1 
ATOM   568 C  CA . GLN E 1 40  ? -26.994 20.412  -23.159 1.00 38.36 ? 40   GLN E CA 1 
ATOM   569 C  CA . GLU E 1 41  ? -29.231 22.168  -25.660 1.00 34.83 ? 41   GLU E CA 1 
ATOM   570 C  CA . GLU E 1 42  ? -29.946 24.621  -22.903 1.00 28.78 ? 42   GLU E CA 1 
ATOM   571 C  CA . PHE E 1 43  ? -26.430 25.939  -23.166 1.00 49.07 ? 43   PHE E CA 1 
ATOM   572 C  CA . GLY E 1 44  ? -26.999 26.698  -26.841 1.00 75.95 ? 44   GLY E CA 1 
ATOM   573 C  CA . ALA E 1 50  ? -25.514 35.848  -21.439 1.00 47.52 ? 50   ALA E CA 1 
ATOM   574 C  CA . GLU E 1 51  ? -28.839 34.362  -22.464 1.00 46.68 ? 51   GLU E CA 1 
ATOM   575 C  CA . THR E 1 52  ? -27.767 31.073  -20.850 1.00 26.08 ? 52   THR E CA 1 
ATOM   576 C  CA . ILE E 1 53  ? -26.398 32.662  -17.642 1.00 34.46 ? 53   ILE E CA 1 
ATOM   577 C  CA . PRO E 1 54  ? -29.549 31.716  -15.683 1.00 17.82 ? 54   PRO E CA 1 
ATOM   578 C  CA . VAL E 1 55  ? -29.016 28.062  -16.572 1.00 24.97 ? 55   VAL E CA 1 
ATOM   579 C  CA . LEU E 1 56  ? -25.266 27.997  -16.230 1.00 36.88 ? 56   LEU E CA 1 
ATOM   580 C  CA . HIS E 1 57  ? -25.638 29.600  -12.821 1.00 39.47 ? 57   HIS E CA 1 
ATOM   581 C  CA . GLU E 1 58  ? -28.391 27.148  -11.852 1.00 35.82 ? 58   GLU E CA 1 
ATOM   582 C  CA . MET E 1 59  ? -25.985 24.458  -13.000 1.00 42.38 ? 59   MET E CA 1 
ATOM   583 C  CA . ILE E 1 60  ? -23.384 25.766  -10.568 1.00 31.71 ? 60   ILE E CA 1 
ATOM   584 C  CA . GLN E 1 61  ? -25.841 26.216  -7.726  1.00 34.38 ? 61   GLN E CA 1 
ATOM   585 C  CA . GLN E 1 62  ? -26.768 22.580  -8.223  1.00 17.65 ? 62   GLN E CA 1 
ATOM   586 C  CA . ILE E 1 63  ? -23.157 21.318  -8.475  1.00 22.60 ? 63   ILE E CA 1 
ATOM   587 C  CA . PHE E 1 64  ? -22.521 23.140  -5.177  1.00 22.03 ? 64   PHE E CA 1 
ATOM   588 C  CA . ASN E 1 65  ? -25.595 21.556  -3.671  1.00 25.05 ? 65   ASN E CA 1 
ATOM   589 C  CA . LEU E 1 66  ? -24.607 18.032  -4.774  1.00 31.52 ? 66   LEU E CA 1 
ATOM   590 C  CA . PHE E 1 67  ? -21.154 18.124  -3.367  1.00 28.60 ? 67   PHE E CA 1 
ATOM   591 C  CA . SER E 1 68  ? -22.013 19.794  -0.124  1.00 51.32 ? 68   SER E CA 1 
ATOM   592 C  CA . THR E 1 69  ? -24.063 17.107  1.548   1.00 35.81 ? 69   THR E CA 1 
ATOM   593 C  CA . LYS E 1 70  ? -22.857 14.750  4.232   1.00 44.56 ? 70   LYS E CA 1 
ATOM   594 C  CA . ASP E 1 71  ? -22.518 11.877  1.700   1.00 23.01 ? 71   ASP E CA 1 
ATOM   595 C  CA . SER E 1 72  ? -20.217 13.929  -0.480  1.00 16.62 ? 72   SER E CA 1 
ATOM   596 C  CA . SER E 1 73  ? -18.082 14.761  2.537   1.00 44.77 ? 73   SER E CA 1 
ATOM   597 C  CA . ALA E 1 74  ? -17.920 11.051  3.257   1.00 53.86 ? 74   ALA E CA 1 
ATOM   598 C  CA . ALA E 1 75  ? -16.816 10.282  -0.322  1.00 36.04 ? 75   ALA E CA 1 
ATOM   599 C  CA . TRP E 1 76  ? -14.398 13.011  -1.511  1.00 28.88 ? 76   TRP E CA 1 
ATOM   600 C  CA . ASP E 1 77  ? -11.254 14.626  -0.089  1.00 26.30 ? 77   ASP E CA 1 
ATOM   601 C  CA . GLU E 1 78  ? -11.950 17.393  2.450   1.00 41.95 ? 78   GLU E CA 1 
ATOM   602 C  CA . THR E 1 79  ? -9.223  19.685  1.297   1.00 37.78 ? 79   THR E CA 1 
ATOM   603 C  CA . LEU E 1 80  ? -10.322 19.224  -2.300  1.00 29.35 ? 80   LEU E CA 1 
ATOM   604 C  CA . LEU E 1 81  ? -13.944 19.800  -1.315  1.00 24.87 ? 81   LEU E CA 1 
ATOM   605 C  CA . ASP E 1 82  ? -13.178 23.016  0.563   1.00 49.39 ? 82   ASP E CA 1 
ATOM   606 C  CA . LYS E 1 83  ? -11.238 24.427  -2.350  1.00 18.60 ? 83   LYS E CA 1 
ATOM   607 C  CA . PHE E 1 84  ? -13.984 23.178  -4.639  1.00 24.43 ? 84   PHE E CA 1 
ATOM   608 C  CA . TYR E 1 85  ? -16.693 25.110  -2.817  1.00 29.94 ? 85   TYR E CA 1 
ATOM   609 C  CA . THR E 1 86  ? -14.754 28.362  -2.975  1.00 28.83 ? 86   THR E CA 1 
ATOM   610 C  CA . GLU E 1 87  ? -14.567 28.125  -6.742  1.00 47.49 ? 87   GLU E CA 1 
ATOM   611 C  CA . LEU E 1 88  ? -18.276 27.410  -6.932  1.00 43.37 ? 88   LEU E CA 1 
ATOM   612 C  CA . TYR E 1 89  ? -19.114 30.434  -4.719  1.00 46.15 ? 89   TYR E CA 1 
ATOM   613 C  CA . GLN E 1 90  ? -16.857 32.736  -6.725  1.00 43.12 ? 90   GLN E CA 1 
ATOM   614 C  CA . GLN E 1 91  ? -18.510 31.623  -9.943  1.00 41.86 ? 91   GLN E CA 1 
ATOM   615 C  CA . LEU E 1 92  ? -22.004 31.832  -8.504  1.00 35.62 ? 92   LEU E CA 1 
ATOM   616 C  CA . ASN E 1 93  ? -21.109 35.406  -7.588  1.00 42.00 ? 93   ASN E CA 1 
ATOM   617 C  CA . ASP E 1 94  ? -19.774 36.465  -10.943 1.00 52.97 ? 94   ASP E CA 1 
ATOM   618 C  CA . LEU E 1 95  ? -22.813 34.932  -12.631 1.00 63.20 ? 95   LEU E CA 1 
ATOM   619 C  CA . GLU E 1 96  ? -24.873 36.976  -10.268 1.00 41.76 ? 96   GLU E CA 1 
ATOM   620 C  CA . ALA E 1 97  ? -23.249 40.164  -11.596 1.00 48.15 ? 97   ALA E CA 1 
ATOM   621 C  CA . ASN E 1 112 ? -35.647 30.591  -19.916 1.00 58.45 ? 112  ASN E CA 1 
ATOM   622 C  CA . GLU E 1 113 ? -37.557 29.324  -16.776 1.00 28.07 ? 113  GLU E CA 1 
ATOM   623 C  CA . ASP E 1 114 ? -38.245 25.875  -18.271 1.00 50.42 ? 114  ASP E CA 1 
ATOM   624 C  CA . SER E 1 115 ? -34.524 25.465  -18.851 1.00 45.58 ? 115  SER E CA 1 
ATOM   625 C  CA . ILE E 1 116 ? -33.754 26.283  -15.243 1.00 53.88 ? 116  ILE E CA 1 
ATOM   626 C  CA . LEU E 1 117 ? -36.078 23.438  -14.309 1.00 36.86 ? 117  LEU E CA 1 
ATOM   627 C  CA . ALA E 1 118 ? -34.460 21.262  -16.971 1.00 22.62 ? 118  ALA E CA 1 
ATOM   628 C  CA . VAL E 1 119 ? -31.149 21.570  -15.228 1.00 33.27 ? 119  VAL E CA 1 
ATOM   629 C  CA . ARG E 1 120 ? -32.791 20.972  -11.883 1.00 27.14 ? 120  ARG E CA 1 
ATOM   630 C  CA . LYS E 1 121 ? -34.366 17.648  -12.950 1.00 25.04 ? 121  LYS E CA 1 
ATOM   631 C  CA . TYR E 1 122 ? -31.003 16.646  -14.353 1.00 21.46 ? 122  TYR E CA 1 
ATOM   632 C  CA . PHE E 1 123 ? -29.513 16.950  -10.866 1.00 26.42 ? 123  PHE E CA 1 
ATOM   633 C  CA . GLN E 1 124 ? -32.563 15.273  -9.443  1.00 20.12 ? 124  GLN E CA 1 
ATOM   634 C  CA . ARG E 1 125 ? -31.845 12.211  -11.589 1.00 19.11 ? 125  ARG E CA 1 
ATOM   635 C  CA . ILE E 1 126 ? -28.177 12.292  -10.497 1.00 45.00 ? 126  ILE E CA 1 
ATOM   636 C  CA . THR E 1 127 ? -29.059 12.390  -6.805  1.00 39.72 ? 127  THR E CA 1 
ATOM   637 C  CA . LEU E 1 128 ? -31.829 9.810   -7.045  1.00 55.51 ? 128  LEU E CA 1 
ATOM   638 C  CA . TYR E 1 129 ? -29.303 7.553   -8.842  1.00 33.93 ? 129  TYR E CA 1 
ATOM   639 C  CA . LEU E 1 130 ? -26.845 8.154   -5.989  1.00 39.53 ? 130  LEU E CA 1 
ATOM   640 C  CA . LYS E 1 131 ? -29.583 7.337   -3.462  1.00 57.27 ? 131  LYS E CA 1 
ATOM   641 C  CA . GLU E 1 132 ? -30.621 4.123   -5.167  1.00 37.02 ? 132  GLU E CA 1 
ATOM   642 C  CA . LYS E 1 133 ? -26.902 2.971   -5.374  1.00 48.11 ? 133  LYS E CA 1 
ATOM   643 C  CA . LYS E 1 134 ? -26.363 3.454   -1.651  1.00 44.94 ? 134  LYS E CA 1 
ATOM   644 C  CA . TYR E 1 135 ? -23.697 6.057   -2.503  1.00 31.23 ? 135  TYR E CA 1 
ATOM   645 C  CA . SER E 1 136 ? -21.354 3.266   -3.490  1.00 24.51 ? 136  SER E CA 1 
ATOM   646 C  CA . PRO E 1 137 ? -17.862 4.366   -4.413  1.00 30.98 ? 137  PRO E CA 1 
ATOM   647 C  CA . CYS E 1 138 ? -18.538 3.466   -7.990  1.00 57.64 ? 138  CYS E CA 1 
ATOM   648 C  CA . ALA E 1 139 ? -21.857 5.336   -8.190  1.00 39.26 ? 139  ALA E CA 1 
ATOM   649 C  CA . TRP E 1 140 ? -20.104 8.371   -6.795  1.00 20.47 ? 140  TRP E CA 1 
ATOM   650 C  CA . GLU E 1 141 ? -17.473 8.076   -9.479  1.00 32.80 ? 141  GLU E CA 1 
ATOM   651 C  CA . VAL E 1 142 ? -20.058 7.697   -12.201 1.00 27.44 ? 142  VAL E CA 1 
ATOM   652 C  CA . VAL E 1 143 ? -21.477 10.994  -10.841 1.00 25.19 ? 143  VAL E CA 1 
ATOM   653 C  CA . ARG E 1 144 ? -18.053 12.694  -10.571 1.00 17.51 ? 144  ARG E CA 1 
ATOM   654 C  CA . ALA E 1 145 ? -17.278 11.747  -14.200 1.00 22.97 ? 145  ALA E CA 1 
ATOM   655 C  CA . GLU E 1 146 ? -20.738 12.917  -15.272 1.00 12.69 ? 146  GLU E CA 1 
ATOM   656 C  CA . ILE E 1 147 ? -20.367 16.353  -13.653 1.00 19.95 ? 147  ILE E CA 1 
ATOM   657 C  CA . MET E 1 148 ? -17.034 16.840  -15.340 1.00 24.30 ? 148  MET E CA 1 
ATOM   658 C  CA . ARG E 1 149 ? -18.506 15.974  -18.734 1.00 36.09 ? 149  ARG E CA 1 
ATOM   659 C  CA . SER E 1 150 ? -21.617 18.079  -18.350 1.00 26.37 ? 150  SER E CA 1 
ATOM   660 C  CA . PHE E 1 151 ? -19.705 20.855  -16.609 1.00 26.51 ? 151  PHE E CA 1 
ATOM   661 C  CA . SER E 1 152 ? -17.129 21.137  -19.349 1.00 33.25 ? 152  SER E CA 1 
ATOM   662 C  CA . LEU E 1 153 ? -19.968 20.880  -21.792 1.00 47.43 ? 153  LEU E CA 1 
ATOM   663 C  CA . SER E 1 154 ? -21.988 23.704  -20.226 1.00 50.32 ? 154  SER E CA 1 
ATOM   664 C  CA . THR E 1 155 ? -18.904 25.930  -19.861 1.00 43.74 ? 155  THR E CA 1 
ATOM   665 C  CA . ASN E 1 156 ? -17.282 25.447  -23.279 1.00 55.72 ? 156  ASN E CA 1 
ATOM   666 C  CA . LEU E 1 157 ? -20.703 25.649  -24.918 1.00 53.42 ? 157  LEU E CA 1 
ATOM   667 C  CA . GLN E 1 158 ? -22.098 28.837  -23.354 1.00 61.40 ? 158  GLN E CA 1 
ATOM   668 C  CA . GLY F 1 10  ? -56.199 14.911  -31.060 1.00 51.39 ? 10   GLY F CA 1 
ATOM   669 C  CA . SER F 1 11  ? -53.549 13.136  -28.951 1.00 70.59 ? 11   SER F CA 1 
ATOM   670 C  CA . ARG F 1 12  ? -56.569 11.631  -27.116 1.00 46.67 ? 12   ARG F CA 1 
ATOM   671 C  CA . ARG F 1 13  ? -57.221 8.434   -29.134 1.00 38.97 ? 13   ARG F CA 1 
ATOM   672 C  CA . THR F 1 14  ? -53.474 7.813   -29.194 1.00 62.29 ? 14   THR F CA 1 
ATOM   673 C  CA . LEU F 1 15  ? -53.251 7.970   -25.397 1.00 30.27 ? 15   LEU F CA 1 
ATOM   674 C  CA . MET F 1 16  ? -56.363 5.870   -24.934 1.00 44.28 ? 16   MET F CA 1 
ATOM   675 C  CA . LEU F 1 17  ? -54.829 3.199   -27.165 1.00 33.13 ? 17   LEU F CA 1 
ATOM   676 C  CA . LEU F 1 18  ? -51.610 3.249   -25.156 1.00 47.91 ? 18   LEU F CA 1 
ATOM   677 C  CA . ALA F 1 19  ? -53.676 2.856   -21.951 1.00 20.79 ? 19   ALA F CA 1 
ATOM   678 C  CA . GLN F 1 20  ? -55.651 -0.080  -23.370 1.00 33.03 ? 20   GLN F CA 1 
ATOM   679 C  CA . MET F 1 21  ? -52.330 -1.641  -24.469 1.00 35.94 ? 21   MET F CA 1 
ATOM   680 C  CA . ARG F 1 22  ? -51.248 -2.107  -20.841 1.00 32.96 ? 22   ARG F CA 1 
ATOM   681 C  CA . ARG F 1 23  ? -50.670 -5.691  -19.806 1.00 38.36 ? 23   ARG F CA 1 
ATOM   682 C  CA . ILE F 1 24  ? -48.903 -6.011  -16.433 1.00 24.02 ? 24   ILE F CA 1 
ATOM   683 C  CA . SER F 1 25  ? -48.432 -3.442  -13.707 1.00 34.20 ? 25   SER F CA 1 
ATOM   684 C  CA . LEU F 1 26  ? -45.982 -0.635  -13.412 1.00 56.34 ? 26   LEU F CA 1 
ATOM   685 C  CA . PHE F 1 27  ? -45.979 -1.508  -9.703  1.00 45.52 ? 27   PHE F CA 1 
ATOM   686 C  CA . SER F 1 28  ? -45.066 -5.111  -10.443 1.00 31.29 ? 28   SER F CA 1 
ATOM   687 C  CA . CYS F 1 29  ? -41.980 -3.669  -12.217 1.00 30.99 ? 29   CYS F CA 1 
ATOM   688 C  CA . LEU F 1 30  ? -40.504 -1.284  -9.580  1.00 36.20 ? 30   LEU F CA 1 
ATOM   689 C  CA . LYS F 1 31  ? -37.077 -2.841  -10.017 1.00 29.61 ? 31   LYS F CA 1 
ATOM   690 C  CA . ASP F 1 32  ? -37.031 -1.623  -13.614 1.00 44.73 ? 32   ASP F CA 1 
ATOM   691 C  CA . ARG F 1 33  ? -38.117 1.896   -12.637 1.00 23.57 ? 33   ARG F CA 1 
ATOM   692 C  CA . HIS F 1 34  ? -36.157 4.301   -14.843 1.00 16.59 ? 34   HIS F CA 1 
ATOM   693 C  CA . ASP F 1 35  ? -36.163 8.012   -15.681 1.00 34.32 ? 35   ASP F CA 1 
ATOM   694 C  CA . PHE F 1 36  ? -35.489 8.773   -19.368 1.00 27.73 ? 36   PHE F CA 1 
ATOM   695 C  CA . GLY F 1 37  ? -34.900 12.498  -18.972 1.00 23.80 ? 37   GLY F CA 1 
ATOM   696 C  CA . PHE F 1 38  ? -37.575 13.603  -21.431 1.00 22.00 ? 38   PHE F CA 1 
ATOM   697 C  CA . PRO F 1 39  ? -36.882 17.167  -22.714 1.00 23.89 ? 39   PRO F CA 1 
ATOM   698 C  CA . GLN F 1 40  ? -40.226 18.613  -21.879 1.00 27.36 ? 40   GLN F CA 1 
ATOM   699 C  CA . GLU F 1 41  ? -38.779 22.140  -21.993 1.00 30.58 ? 41   GLU F CA 1 
ATOM   700 C  CA . GLU F 1 42  ? -38.739 21.799  -25.825 1.00 37.56 ? 42   GLU F CA 1 
ATOM   701 C  CA . PHE F 1 43  ? -42.463 21.587  -26.357 1.00 27.70 ? 43   PHE F CA 1 
ATOM   702 C  CA . THR F 1 52  ? -42.704 23.178  -31.148 1.00 56.43 ? 52   THR F CA 1 
ATOM   703 C  CA . ILE F 1 53  ? -44.383 21.611  -34.204 1.00 44.83 ? 53   ILE F CA 1 
ATOM   704 C  CA . PRO F 1 54  ? -41.059 20.198  -35.562 1.00 32.58 ? 54   PRO F CA 1 
ATOM   705 C  CA . VAL F 1 55  ? -40.254 18.618  -32.176 1.00 63.12 ? 55   VAL F CA 1 
ATOM   706 C  CA . LEU F 1 56  ? -43.841 17.461  -31.851 1.00 34.13 ? 56   LEU F CA 1 
ATOM   707 C  CA . HIS F 1 57  ? -44.087 15.909  -35.280 1.00 49.97 ? 57   HIS F CA 1 
ATOM   708 C  CA . GLU F 1 58  ? -40.544 14.487  -34.434 1.00 40.29 ? 58   GLU F CA 1 
ATOM   709 C  CA . MET F 1 59  ? -41.954 13.094  -31.186 1.00 47.67 ? 59   MET F CA 1 
ATOM   710 C  CA . ILE F 1 60  ? -44.557 11.253  -33.193 1.00 41.01 ? 60   ILE F CA 1 
ATOM   711 C  CA . GLN F 1 61  ? -42.172 10.011  -35.866 1.00 25.21 ? 61   GLN F CA 1 
ATOM   712 C  CA . GLN F 1 62  ? -40.108 8.386   -33.080 1.00 21.87 ? 62   GLN F CA 1 
ATOM   713 C  CA . ILE F 1 63  ? -43.159 6.995   -31.291 1.00 47.94 ? 63   ILE F CA 1 
ATOM   714 C  CA . PHE F 1 64  ? -44.020 5.464   -34.673 1.00 26.59 ? 64   PHE F CA 1 
ATOM   715 C  CA . ASN F 1 65  ? -40.560 4.057   -34.951 1.00 24.37 ? 65   ASN F CA 1 
ATOM   716 C  CA . LEU F 1 66  ? -40.509 2.604   -31.434 1.00 22.19 ? 66   LEU F CA 1 
ATOM   717 C  CA . PHE F 1 67  ? -43.706 0.653   -31.626 1.00 38.42 ? 67   PHE F CA 1 
ATOM   718 C  CA . SER F 1 68  ? -43.119 -0.513  -35.176 1.00 34.08 ? 68   SER F CA 1 
ATOM   719 C  CA . THR F 1 69  ? -40.462 -3.113  -34.579 1.00 32.84 ? 69   THR F CA 1 
ATOM   720 C  CA . LYS F 1 70  ? -40.743 -6.927  -34.385 1.00 60.02 ? 70   LYS F CA 1 
ATOM   721 C  CA . ASP F 1 71  ? -40.160 -6.590  -30.640 1.00 36.18 ? 71   ASP F CA 1 
ATOM   722 C  CA . SER F 1 72  ? -42.998 -4.161  -30.209 1.00 27.69 ? 72   SER F CA 1 
ATOM   723 C  CA . SER F 1 73  ? -45.159 -6.415  -32.298 1.00 51.97 ? 73   SER F CA 1 
ATOM   724 C  CA . ALA F 1 74  ? -44.287 -9.280  -29.972 1.00 43.62 ? 74   ALA F CA 1 
ATOM   725 C  CA . ALA F 1 75  ? -45.141 -7.209  -26.969 1.00 45.01 ? 75   ALA F CA 1 
ATOM   726 C  CA . TRP F 1 76  ? -48.432 -5.418  -27.641 1.00 45.29 ? 76   TRP F CA 1 
ATOM   727 C  CA . ASP F 1 77  ? -51.879 -6.439  -28.863 1.00 53.52 ? 77   ASP F CA 1 
ATOM   728 C  CA . GLU F 1 78  ? -51.886 -6.413  -32.684 1.00 49.45 ? 78   GLU F CA 1 
ATOM   729 C  CA . THR F 1 79  ? -55.347 -5.002  -32.779 1.00 21.79 ? 79   THR F CA 1 
ATOM   730 C  CA . LEU F 1 80  ? -54.376 -2.172  -30.587 1.00 46.31 ? 80   LEU F CA 1 
ATOM   731 C  CA . LEU F 1 81  ? -51.141 -1.600  -32.440 1.00 38.38 ? 81   LEU F CA 1 
ATOM   732 C  CA . ASP F 1 82  ? -52.832 -1.464  -35.863 1.00 36.00 ? 82   ASP F CA 1 
ATOM   733 C  CA . LYS F 1 83  ? -55.223 1.131   -34.429 1.00 33.90 ? 83   LYS F CA 1 
ATOM   734 C  CA . PHE F 1 84  ? -52.478 3.007   -32.541 1.00 44.12 ? 84   PHE F CA 1 
ATOM   735 C  CA . TYR F 1 85  ? -50.883 3.454   -35.917 1.00 21.44 ? 85   TYR F CA 1 
ATOM   736 C  CA . THR F 1 86  ? -54.010 4.824   -37.529 1.00 42.72 ? 86   THR F CA 1 
ATOM   737 C  CA . GLU F 1 87  ? -53.226 7.914   -35.481 1.00 44.48 ? 87   GLU F CA 1 
ATOM   738 C  CA . LEU F 1 88  ? -49.443 7.852   -35.647 1.00 52.48 ? 88   LEU F CA 1 
ATOM   739 C  CA . TYR F 1 89  ? -49.778 8.765   -39.347 1.00 48.65 ? 89   TYR F CA 1 
ATOM   740 C  CA . GLN F 1 90  ? -52.478 11.433  -39.217 1.00 62.14 ? 90   GLN F CA 1 
ATOM   741 C  CA . GLN F 1 91  ? -49.915 13.533  -37.328 1.00 40.81 ? 91   GLN F CA 1 
ATOM   742 C  CA . LEU F 1 92  ? -46.634 12.606  -39.046 1.00 46.62 ? 92   LEU F CA 1 
ATOM   743 C  CA . ASN F 1 112 ? -34.876 23.519  -33.821 1.00 57.03 ? 112  ASN F CA 1 
ATOM   744 C  CA . GLU F 1 113 ? -31.878 21.403  -34.893 1.00 41.81 ? 113  GLU F CA 1 
ATOM   745 C  CA . ASP F 1 114 ? -30.873 20.889  -31.273 1.00 45.70 ? 114  ASP F CA 1 
ATOM   746 C  CA . SER F 1 115 ? -34.379 20.277  -29.972 1.00 43.29 ? 115  SER F CA 1 
ATOM   747 C  CA . ILE F 1 116 ? -35.119 17.648  -32.624 1.00 45.32 ? 116  ILE F CA 1 
ATOM   748 C  CA . LEU F 1 117 ? -31.845 16.032  -31.707 1.00 14.12 ? 117  LEU F CA 1 
ATOM   749 C  CA . ALA F 1 118 ? -32.860 16.295  -28.036 1.00 46.12 ? 118  ALA F CA 1 
ATOM   750 C  CA . VAL F 1 119 ? -35.994 14.293  -28.640 1.00 44.82 ? 119  VAL F CA 1 
ATOM   751 C  CA . ARG F 1 120 ? -34.054 11.767  -30.735 1.00 30.14 ? 120  ARG F CA 1 
ATOM   752 C  CA . LYS F 1 121 ? -31.619 11.107  -27.910 1.00 35.53 ? 121  LYS F CA 1 
ATOM   753 C  CA . TYR F 1 122 ? -34.526 10.723  -25.518 1.00 24.62 ? 122  TYR F CA 1 
ATOM   754 C  CA . PHE F 1 123 ? -35.882 7.876   -27.616 1.00 36.59 ? 123  PHE F CA 1 
ATOM   755 C  CA . GLN F 1 124 ? -32.376 6.526   -28.036 1.00 40.01 ? 124  GLN F CA 1 
ATOM   756 C  CA . ARG F 1 125 ? -32.220 6.076   -24.225 1.00 25.59 ? 125  ARG F CA 1 
ATOM   757 C  CA . ILE F 1 126 ? -35.595 4.308   -24.392 1.00 23.57 ? 126  ILE F CA 1 
ATOM   758 C  CA . THR F 1 127 ? -34.493 1.806   -27.000 1.00 25.60 ? 127  THR F CA 1 
ATOM   759 C  CA . LEU F 1 128 ? -31.172 1.078   -25.330 1.00 19.98 ? 128  LEU F CA 1 
ATOM   760 C  CA . TYR F 1 129 ? -32.989 0.486   -22.032 1.00 21.60 ? 129  TYR F CA 1 
ATOM   761 C  CA . LEU F 1 130 ? -35.289 -1.919  -23.843 1.00 32.56 ? 130  LEU F CA 1 
ATOM   762 C  CA . LYS F 1 131 ? -32.384 -3.747  -25.522 1.00 32.77 ? 131  LYS F CA 1 
ATOM   763 C  CA . GLU F 1 132 ? -30.494 -3.932  -22.209 1.00 24.60 ? 132  GLU F CA 1 
ATOM   764 C  CA . LYS F 1 133 ? -33.560 -5.380  -20.490 1.00 35.57 ? 133  LYS F CA 1 
ATOM   765 C  CA . LYS F 1 134 ? -33.935 -7.954  -23.281 1.00 27.34 ? 134  LYS F CA 1 
ATOM   766 C  CA . TYR F 1 135 ? -37.393 -6.577  -23.996 1.00 15.83 ? 135  TYR F CA 1 
ATOM   767 C  CA . SER F 1 136 ? -38.727 -8.044  -20.762 1.00 22.71 ? 136  SER F CA 1 
ATOM   768 C  CA . PRO F 1 137 ? -42.433 -7.502  -20.182 1.00 24.51 ? 137  PRO F CA 1 
ATOM   769 C  CA . CYS F 1 138 ? -41.612 -5.094  -17.368 1.00 28.60 ? 138  CYS F CA 1 
ATOM   770 C  CA . ALA F 1 139 ? -39.167 -2.995  -19.300 1.00 18.42 ? 139  ALA F CA 1 
ATOM   771 C  CA . TRP F 1 140 ? -41.887 -2.683  -21.954 1.00 39.43 ? 140  TRP F CA 1 
ATOM   772 C  CA . GLU F 1 141 ? -44.425 -1.490  -19.402 1.00 23.27 ? 141  GLU F CA 1 
ATOM   773 C  CA . VAL F 1 142 ? -42.009 1.015   -17.930 1.00 28.90 ? 142  VAL F CA 1 
ATOM   774 C  CA . VAL F 1 143 ? -41.605 2.168   -21.555 1.00 17.50 ? 143  VAL F CA 1 
ATOM   775 C  CA . ARG F 1 144 ? -45.365 2.281   -22.366 1.00 29.05 ? 144  ARG F CA 1 
ATOM   776 C  CA . ALA F 1 145 ? -46.078 4.265   -19.159 1.00 20.15 ? 145  ALA F CA 1 
ATOM   777 C  CA . GLU F 1 146 ? -43.088 6.489   -20.027 1.00 33.69 ? 146  GLU F CA 1 
ATOM   778 C  CA . ILE F 1 147 ? -44.398 7.237   -23.522 1.00 28.55 ? 147  ILE F CA 1 
ATOM   779 C  CA . MET F 1 148 ? -47.858 8.041   -22.139 1.00 23.68 ? 148  MET F CA 1 
ATOM   780 C  CA . ARG F 1 149 ? -46.342 10.554  -19.725 1.00 30.67 ? 149  ARG F CA 1 
ATOM   781 C  CA . SER F 1 150 ? -44.074 12.250  -22.252 1.00 16.80 ? 150  SER F CA 1 
ATOM   782 C  CA . PHE F 1 151 ? -46.598 12.032  -25.004 1.00 32.88 ? 151  PHE F CA 1 
ATOM   783 C  CA . SER F 1 152 ? -49.346 13.772  -22.956 1.00 44.88 ? 152  SER F CA 1 
ATOM   784 C  CA . LEU F 1 153 ? -46.774 16.236  -21.652 1.00 62.48 ? 153  LEU F CA 1 
ATOM   785 C  CA . SER F 1 154 ? -45.609 17.122  -25.139 1.00 74.18 ? 154  SER F CA 1 
ATOM   786 C  CA . THR F 1 155 ? -49.150 17.680  -26.404 1.00 55.38 ? 155  THR F CA 1 
ATOM   787 C  CA . ASN F 1 156 ? -50.800 19.379  -23.407 1.00 58.94 ? 156  ASN F CA 1 
HETATM 788 ZN ZN . ZN  G 2 .   ? 39.348  5.338   27.286  1.00 29.78 ? 1204 ZN  A ZN 1 
HETATM 789 ZN ZN . ZN  H 2 .   ? 18.921  -3.246  24.577  1.00 5.00  ? 1201 ZN  B ZN 1 
HETATM 790 ZN ZN . ZN  I 2 .   ? 1.727   -6.217  -17.670 1.00 29.95 ? 1203 ZN  C ZN 1 
HETATM 791 ZN ZN . ZN  J 2 .   ? -33.872 21.250  -23.700 1.00 37.20 ? 1202 ZN  E ZN 1 
# 
